data_2ET3
# 
_entry.id   2ET3 
# 
_audit_conform.dict_name       mmcif_pdbx.dic 
_audit_conform.dict_version    5.376 
_audit_conform.dict_location   http://mmcif.pdb.org/dictionaries/ascii/mmcif_pdbx.dic 
# 
loop_
_database_2.database_id 
_database_2.database_code 
_database_2.pdbx_database_accession 
_database_2.pdbx_DOI 
PDB   2ET3         pdb_00002et3 10.2210/pdb2et3/pdb 
NDB   DR0015       ?            ?                   
RCSB  RCSB035058   ?            ?                   
WWPDB D_1000035058 ?            ?                   
# 
loop_
_pdbx_database_related.db_name 
_pdbx_database_related.db_id 
_pdbx_database_related.details 
_pdbx_database_related.content_type 
PDB 1MWL 'CRYSTAL STRUCTURE OF GENETICIN BOUND TO THE EUBACTERIAL 16S RRNA A SITE' unspecified 
PDB 1J7T 'COMPLEX BETWEEN PAROMOMYCIN AND THE 16S-RRNA A-SITE AT 2.5A RESOLUTION'  unspecified 
# 
_pdbx_database_status.status_code                     REL 
_pdbx_database_status.entry_id                        2ET3 
_pdbx_database_status.recvd_initial_deposition_date   2005-10-27 
_pdbx_database_status.deposit_site                    RCSB 
_pdbx_database_status.process_site                    RCSB 
_pdbx_database_status.status_code_sf                  REL 
_pdbx_database_status.status_code_mr                  ? 
_pdbx_database_status.SG_entry                        ? 
_pdbx_database_status.pdb_format_compatible           Y 
_pdbx_database_status.status_code_cs                  ? 
_pdbx_database_status.status_code_nmr_data            ? 
_pdbx_database_status.methods_development_category    ? 
# 
_audit_author.name           'Westhof, E.' 
_audit_author.pdbx_ordinal   1 
# 
_citation.id                        primary 
_citation.title                     
;Crystal structures of complexes between aminoglycosides and decoding A site oligonucleotides: role of the number of rings and positive charges in the specific binding leading to miscoding.
;
_citation.journal_abbrev            'Nucleic Acids Res.' 
_citation.journal_volume            33 
_citation.page_first                5677 
_citation.page_last                 5690 
_citation.year                      2005 
_citation.journal_id_ASTM           NARHAD 
_citation.country                   UK 
_citation.journal_id_ISSN           0305-1048 
_citation.journal_id_CSD            0389 
_citation.book_publisher            ? 
_citation.pdbx_database_id_PubMed   16214802 
_citation.pdbx_database_id_DOI      10.1093/nar/gki862 
# 
loop_
_citation_author.citation_id 
_citation_author.name 
_citation_author.ordinal 
_citation_author.identifier_ORCID 
primary 'Francois, B.'  1 ? 
primary 'Russell, R.J.' 2 ? 
primary 'Murray, J.B.'  3 ? 
primary 'Aboul-ela, F.' 4 ? 
primary 'Masquida, B.'  5 ? 
primary 'Vicens, Q.'    6 ? 
primary 'Westhof, E.'   7 ? 
# 
_cell.entry_id           2ET3 
_cell.length_a           32.160 
_cell.length_b           45.410 
_cell.length_c           96.900 
_cell.angle_alpha        90.00 
_cell.angle_beta         90.00 
_cell.angle_gamma        90.00 
_cell.Z_PDB              8 
_cell.pdbx_unique_axis   ? 
# 
_symmetry.entry_id                         2ET3 
_symmetry.space_group_name_H-M             'P 21 21 21' 
_symmetry.pdbx_full_space_group_name_H-M   ? 
_symmetry.cell_setting                     ? 
_symmetry.Int_Tables_number                19 
_symmetry.space_group_name_Hall            ? 
# 
loop_
_entity.id 
_entity.type 
_entity.src_method 
_entity.pdbx_description 
_entity.formula_weight 
_entity.pdbx_number_of_molecules 
_entity.pdbx_ec 
_entity.pdbx_mutation 
_entity.pdbx_fragment 
_entity.details 
1 polymer     syn "5'-R(*CP*GP*CP*GP*UP*CP*AP*CP*AP*CP*CP*GP*GP*UP*GP*AP*AP*GP*UP*CP*GP*C)-3'" 7048.259 2 ? ? ? ? 
2 non-polymer syn 
;(2R,3R,4R,5R)-2-((1S,2S,3R,4S,6R)-4,6-DIAMINO-3-((2R,3R,6S)-3-AMINO-6-(AMINOMETHYL)-TETRAHYDRO-2H-PYRAN-2-YLOXY)-2-HYDR OXYCYCLOHEXYLOXY)-5-METHYL-4-(METHYLAMINO)-TETRAHYDRO-2H-PYRAN-3,5-DIOL
;
449.542  2 ? ? ? ? 
3 water       nat water 18.015   8 ? ? ? ? 
# 
_entity_poly.entity_id                      1 
_entity_poly.type                           polyribonucleotide 
_entity_poly.nstd_linkage                   no 
_entity_poly.nstd_monomer                   no 
_entity_poly.pdbx_seq_one_letter_code       CGCGUCACACCGGUGAAGUCGC 
_entity_poly.pdbx_seq_one_letter_code_can   CGCGUCACACCGGUGAAGUCGC 
_entity_poly.pdbx_strand_id                 A,B 
_entity_poly.pdbx_target_identifier         ? 
# 
loop_
_entity_poly_seq.entity_id 
_entity_poly_seq.num 
_entity_poly_seq.mon_id 
_entity_poly_seq.hetero 
1 1  C n 
1 2  G n 
1 3  C n 
1 4  G n 
1 5  U n 
1 6  C n 
1 7  A n 
1 8  C n 
1 9  A n 
1 10 C n 
1 11 C n 
1 12 G n 
1 13 G n 
1 14 U n 
1 15 G n 
1 16 A n 
1 17 A n 
1 18 G n 
1 19 U n 
1 20 C n 
1 21 G n 
1 22 C n 
# 
_struct_ref.id                         1 
_struct_ref.entity_id                  1 
_struct_ref.db_name                    PDB 
_struct_ref.db_code                    2ET3 
_struct_ref.pdbx_db_accession          2ET3 
_struct_ref.pdbx_db_isoform            ? 
_struct_ref.pdbx_seq_one_letter_code   ? 
_struct_ref.pdbx_align_begin           ? 
# 
loop_
_struct_ref_seq.align_id 
_struct_ref_seq.ref_id 
_struct_ref_seq.pdbx_PDB_id_code 
_struct_ref_seq.pdbx_strand_id 
_struct_ref_seq.seq_align_beg 
_struct_ref_seq.pdbx_seq_align_beg_ins_code 
_struct_ref_seq.seq_align_end 
_struct_ref_seq.pdbx_seq_align_end_ins_code 
_struct_ref_seq.pdbx_db_accession 
_struct_ref_seq.db_align_beg 
_struct_ref_seq.pdbx_db_align_beg_ins_code 
_struct_ref_seq.db_align_end 
_struct_ref_seq.pdbx_db_align_end_ins_code 
_struct_ref_seq.pdbx_auth_seq_align_beg 
_struct_ref_seq.pdbx_auth_seq_align_end 
1 1 2ET3 A 1 ? 22 ? 2ET3 1  ? 22 ? 1  22 
2 1 2ET3 B 1 ? 22 ? 2ET3 24 ? 45 ? 24 45 
# 
loop_
_chem_comp.id 
_chem_comp.type 
_chem_comp.mon_nstd_flag 
_chem_comp.name 
_chem_comp.pdbx_synonyms 
_chem_comp.formula 
_chem_comp.formula_weight 
A   'RNA linking' y "ADENOSINE-5'-MONOPHOSPHATE" ?                'C10 H14 N5 O7 P' 347.221 
C   'RNA linking' y "CYTIDINE-5'-MONOPHOSPHATE" ?                'C9 H14 N3 O8 P'  323.197 
G   'RNA linking' y "GUANOSINE-5'-MONOPHOSPHATE" ?                'C10 H14 N5 O8 P' 363.221 
HOH non-polymer   . WATER ?                'H2 O'            18.015  
LLL non-polymer   . 
;(2R,3R,4R,5R)-2-((1S,2S,3R,4S,6R)-4,6-DIAMINO-3-((2R,3R,6S)-3-AMINO-6-(AMINOMETHYL)-TETRAHYDRO-2H-PYRAN-2-YLOXY)-2-HYDR OXYCYCLOHEXYLOXY)-5-METHYL-4-(METHYLAMINO)-TETRAHYDRO-2H-PYRAN-3,5-DIOL
;
'GENTAMICIN C1A' 'C19 H39 N5 O7'   449.542 
U   'RNA linking' y "URIDINE-5'-MONOPHOSPHATE" ?                'C9 H13 N2 O9 P'  324.181 
# 
_exptl.entry_id          2ET3 
_exptl.method            'X-RAY DIFFRACTION' 
_exptl.crystals_number   1 
# 
_exptl_crystal.id                    1 
_exptl_crystal.density_meas          ? 
_exptl_crystal.density_Matthews      2.51 
_exptl_crystal.density_percent_sol   50.99 
_exptl_crystal.description           ? 
_exptl_crystal.F_000                 ? 
_exptl_crystal.preparation           ? 
# 
_exptl_crystal_grow.crystal_id      1 
_exptl_crystal_grow.method          'VAPOR DIFFUSION, HANGING DROP' 
_exptl_crystal_grow.temp            310 
_exptl_crystal_grow.temp_details    ? 
_exptl_crystal_grow.pH              6.4 
_exptl_crystal_grow.pdbx_details    
'MPD, NACL, MGSO4, GLYCEROL, NA CACODYLATE, pH 6.4, VAPOR DIFFUSION, HANGING DROP, temperature 310K' 
_exptl_crystal_grow.pdbx_pH_range   . 
# 
loop_
_exptl_crystal_grow_comp.crystal_id 
_exptl_crystal_grow_comp.id 
_exptl_crystal_grow_comp.sol_id 
_exptl_crystal_grow_comp.name 
_exptl_crystal_grow_comp.volume 
_exptl_crystal_grow_comp.conc 
_exptl_crystal_grow_comp.details 
1 1  1 MPD             ? ? ? 
1 2  1 NACL            ? ? ? 
1 3  1 MGSO4           ? ? ? 
1 4  1 GLYCEROL        ? ? ? 
1 5  1 'NA CACODYLATE' ? ? ? 
1 6  1 H2O             ? ? ? 
1 7  2 MPD             ? ? ? 
1 8  2 NACL            ? ? ? 
1 9  2 MGSO4           ? ? ? 
1 10 2 'NA CACODYLATE' ? ? ? 
# 
_diffrn.id                     1 
_diffrn.ambient_temp           110 
_diffrn.ambient_temp_details   ? 
_diffrn.crystal_id             1 
# 
_diffrn_detector.diffrn_id              1 
_diffrn_detector.detector               CCD 
_diffrn_detector.type                   'ADSC QUANTUM 4' 
_diffrn_detector.pdbx_collection_date   ? 
_diffrn_detector.details                ? 
# 
_diffrn_radiation.diffrn_id                        1 
_diffrn_radiation.wavelength_id                    1 
_diffrn_radiation.pdbx_monochromatic_or_laue_m_l   M 
_diffrn_radiation.monochromator                    ? 
_diffrn_radiation.pdbx_diffrn_protocol             'SINGLE WAVELENGTH' 
_diffrn_radiation.pdbx_scattering_type             x-ray 
# 
_diffrn_radiation_wavelength.id           1 
_diffrn_radiation_wavelength.wavelength   0.936 
_diffrn_radiation_wavelength.wt           1.0 
# 
_diffrn_source.diffrn_id                   1 
_diffrn_source.source                      SYNCHROTRON 
_diffrn_source.type                        'ESRF BEAMLINE ID29' 
_diffrn_source.pdbx_synchrotron_site       ESRF 
_diffrn_source.pdbx_synchrotron_beamline   ID29 
_diffrn_source.pdbx_wavelength             ? 
_diffrn_source.pdbx_wavelength_list        0.936 
# 
_reflns.entry_id                     2ET3 
_reflns.observed_criterion_sigma_I   5 
_reflns.observed_criterion_sigma_F   5 
_reflns.d_resolution_low             50 
_reflns.d_resolution_high            2.8 
_reflns.number_obs                   4000 
_reflns.number_all                   4000 
_reflns.percent_possible_obs         ? 
_reflns.pdbx_Rmerge_I_obs            ? 
_reflns.pdbx_Rsym_value              ? 
_reflns.pdbx_netI_over_sigmaI        ? 
_reflns.B_iso_Wilson_estimate        ? 
_reflns.pdbx_redundancy              ? 
_reflns.R_free_details               ? 
_reflns.pdbx_chi_squared             ? 
_reflns.pdbx_scaling_rejects         ? 
_reflns.pdbx_diffrn_id               1 
_reflns.pdbx_ordinal                 1 
# 
_refine.entry_id                                 2ET3 
_refine.ls_number_reflns_obs                     2974 
_refine.ls_number_reflns_all                     3796 
_refine.pdbx_ls_sigma_I                          ? 
_refine.pdbx_ls_sigma_F                          1.5 
_refine.pdbx_data_cutoff_high_absF               ? 
_refine.pdbx_data_cutoff_low_absF                ? 
_refine.pdbx_data_cutoff_high_rms_absF           ? 
_refine.ls_d_res_low                             20 
_refine.ls_d_res_high                            2.8 
_refine.ls_percent_reflns_obs                    78.3 
_refine.ls_R_factor_obs                          0.2095 
_refine.ls_R_factor_all                          ? 
_refine.ls_R_factor_R_work                       0.2095 
_refine.ls_R_factor_R_free                       0.251 
_refine.ls_R_factor_R_free_error                 ? 
_refine.ls_R_factor_R_free_error_details         ? 
_refine.ls_percent_reflns_R_free                 ? 
_refine.ls_number_reflns_R_free                  298 
_refine.ls_number_parameters                     ? 
_refine.ls_number_restraints                     ? 
_refine.occupancy_min                            ? 
_refine.occupancy_max                            ? 
_refine.correlation_coeff_Fo_to_Fc               ? 
_refine.correlation_coeff_Fo_to_Fc_free          ? 
_refine.B_iso_mean                               ? 
_refine.aniso_B[1][1]                            ? 
_refine.aniso_B[2][2]                            ? 
_refine.aniso_B[3][3]                            ? 
_refine.aniso_B[1][2]                            ? 
_refine.aniso_B[1][3]                            ? 
_refine.aniso_B[2][3]                            ? 
_refine.solvent_model_details                    ? 
_refine.solvent_model_param_ksol                 ? 
_refine.solvent_model_param_bsol                 ? 
_refine.pdbx_solvent_vdw_probe_radii             ? 
_refine.pdbx_solvent_ion_probe_radii             ? 
_refine.pdbx_solvent_shrinkage_radii             ? 
_refine.pdbx_ls_cross_valid_method               ? 
_refine.details                                  ? 
_refine.pdbx_starting_model                      'PDB Entry: 1J7T' 
_refine.pdbx_method_to_determine_struct          'MOLECULAR REPLACEMENT' 
_refine.pdbx_isotropic_thermal_model             ? 
_refine.pdbx_stereochemistry_target_values       
;G. PARKINSON, J. VOJTECHOVSKY, L. CLOWNEY,A.T. BRUNGER, H.M. BERMAN, NEW PARAMETERSFOR THE REFINEMENT OF NUCLEIC ACID CONTAINING STRUCTURES, ACTA CRYST. D, 52,57-64 (1996)
;
_refine.pdbx_stereochem_target_val_spec_case     ? 
_refine.pdbx_R_Free_selection_details            RANDOM 
_refine.pdbx_overall_ESU_R                       ? 
_refine.pdbx_overall_ESU_R_Free                  ? 
_refine.overall_SU_ML                            ? 
_refine.overall_SU_B                             ? 
_refine.ls_redundancy_reflns_obs                 ? 
_refine.overall_SU_R_Cruickshank_DPI             ? 
_refine.overall_SU_R_free                        ? 
_refine.ls_wR_factor_R_free                      ? 
_refine.ls_wR_factor_R_work                      ? 
_refine.overall_FOM_free_R_set                   ? 
_refine.overall_FOM_work_R_set                   ? 
_refine.pdbx_refine_id                           'X-RAY DIFFRACTION' 
_refine.pdbx_diffrn_id                           1 
_refine.pdbx_TLS_residual_ADP_flag               ? 
_refine.pdbx_overall_phase_error                 ? 
_refine.pdbx_overall_SU_R_free_Cruickshank_DPI   ? 
_refine.pdbx_overall_SU_R_Blow_DPI               ? 
_refine.pdbx_overall_SU_R_free_Blow_DPI          ? 
# 
_refine_analyze.entry_id                        2ET3 
_refine_analyze.Luzzati_coordinate_error_obs    0.35 
_refine_analyze.Luzzati_sigma_a_obs             0.21 
_refine_analyze.Luzzati_d_res_low_obs           5.0 
_refine_analyze.Luzzati_coordinate_error_free   0.46 
_refine_analyze.Luzzati_sigma_a_free            0.40 
_refine_analyze.Luzzati_d_res_low_free          ? 
_refine_analyze.number_disordered_residues      ? 
_refine_analyze.occupancy_sum_hydrogen          ? 
_refine_analyze.occupancy_sum_non_hydrogen      ? 
_refine_analyze.pdbx_refine_id                  'X-RAY DIFFRACTION' 
# 
_refine_hist.pdbx_refine_id                   'X-RAY DIFFRACTION' 
_refine_hist.cycle_id                         LAST 
_refine_hist.pdbx_number_atoms_protein        0 
_refine_hist.pdbx_number_atoms_nucleic_acid   900 
_refine_hist.pdbx_number_atoms_ligand         62 
_refine_hist.number_atoms_solvent             8 
_refine_hist.number_atoms_total               970 
_refine_hist.d_res_high                       2.8 
_refine_hist.d_res_low                        20 
# 
loop_
_refine_ls_restr.type 
_refine_ls_restr.dev_ideal 
_refine_ls_restr.dev_ideal_target 
_refine_ls_restr.weight 
_refine_ls_restr.number 
_refine_ls_restr.pdbx_refine_id 
_refine_ls_restr.pdbx_restraint_function 
c_bond_d           0.0073 ? ? ? 'X-RAY DIFFRACTION' ? 
c_angle_d          1.1268 ? ? ? 'X-RAY DIFFRACTION' ? 
c_dihedral_angle_d 10.922 ? ? ? 'X-RAY DIFFRACTION' ? 
c_improper_angle_d 1.406  ? ? ? 'X-RAY DIFFRACTION' ? 
# 
_struct.entry_id                  2ET3 
_struct.title                     'Complex Between Gentamicin C1A and the 16S-RRNA A-Site' 
_struct.pdbx_model_details        ? 
_struct.pdbx_CASP_flag            ? 
_struct.pdbx_model_type_details   ? 
# 
_struct_keywords.entry_id        2ET3 
_struct_keywords.pdbx_keywords   RNA 
_struct_keywords.text            'RNA-AMINOGLYCOSIDE INTERACTIONS, A SITE, UOU PAIRS, AA BULGES, RNA' 
# 
loop_
_struct_asym.id 
_struct_asym.pdbx_blank_PDB_chainid_flag 
_struct_asym.pdbx_modified 
_struct_asym.entity_id 
_struct_asym.details 
A N N 1 ? 
B N N 1 ? 
C N N 2 ? 
D N N 2 ? 
E N N 3 ? 
F N N 3 ? 
# 
loop_
_struct_conn.id 
_struct_conn.conn_type_id 
_struct_conn.pdbx_leaving_atom_flag 
_struct_conn.pdbx_PDB_id 
_struct_conn.ptnr1_label_asym_id 
_struct_conn.ptnr1_label_comp_id 
_struct_conn.ptnr1_label_seq_id 
_struct_conn.ptnr1_label_atom_id 
_struct_conn.pdbx_ptnr1_label_alt_id 
_struct_conn.pdbx_ptnr1_PDB_ins_code 
_struct_conn.pdbx_ptnr1_standard_comp_id 
_struct_conn.ptnr1_symmetry 
_struct_conn.ptnr2_label_asym_id 
_struct_conn.ptnr2_label_comp_id 
_struct_conn.ptnr2_label_seq_id 
_struct_conn.ptnr2_label_atom_id 
_struct_conn.pdbx_ptnr2_label_alt_id 
_struct_conn.pdbx_ptnr2_PDB_ins_code 
_struct_conn.ptnr1_auth_asym_id 
_struct_conn.ptnr1_auth_comp_id 
_struct_conn.ptnr1_auth_seq_id 
_struct_conn.ptnr2_auth_asym_id 
_struct_conn.ptnr2_auth_comp_id 
_struct_conn.ptnr2_auth_seq_id 
_struct_conn.ptnr2_symmetry 
_struct_conn.pdbx_ptnr3_label_atom_id 
_struct_conn.pdbx_ptnr3_label_seq_id 
_struct_conn.pdbx_ptnr3_label_comp_id 
_struct_conn.pdbx_ptnr3_label_asym_id 
_struct_conn.pdbx_ptnr3_label_alt_id 
_struct_conn.pdbx_ptnr3_PDB_ins_code 
_struct_conn.details 
_struct_conn.pdbx_dist_value 
_struct_conn.pdbx_value_order 
_struct_conn.pdbx_role 
hydrog1  hydrog ? ? A G 2  N1 ? ? ? 1_555 B C 22 N3 ? ? A G 2  B C 45 1_555 ? ? ? ? ? ? WATSON-CRICK  ? ? ? 
hydrog2  hydrog ? ? A G 2  N2 ? ? ? 1_555 B C 22 O2 ? ? A G 2  B C 45 1_555 ? ? ? ? ? ? WATSON-CRICK  ? ? ? 
hydrog3  hydrog ? ? A G 2  O6 ? ? ? 1_555 B C 22 N4 ? ? A G 2  B C 45 1_555 ? ? ? ? ? ? WATSON-CRICK  ? ? ? 
hydrog4  hydrog ? ? A C 3  N3 ? ? ? 1_555 B G 21 N1 ? ? A C 3  B G 44 1_555 ? ? ? ? ? ? WATSON-CRICK  ? ? ? 
hydrog5  hydrog ? ? A C 3  N4 ? ? ? 1_555 B G 21 O6 ? ? A C 3  B G 44 1_555 ? ? ? ? ? ? WATSON-CRICK  ? ? ? 
hydrog6  hydrog ? ? A C 3  O2 ? ? ? 1_555 B G 21 N2 ? ? A C 3  B G 44 1_555 ? ? ? ? ? ? WATSON-CRICK  ? ? ? 
hydrog7  hydrog ? ? A G 4  N1 ? ? ? 1_555 B C 20 N3 ? ? A G 4  B C 43 1_555 ? ? ? ? ? ? WATSON-CRICK  ? ? ? 
hydrog8  hydrog ? ? A G 4  N2 ? ? ? 1_555 B C 20 O2 ? ? A G 4  B C 43 1_555 ? ? ? ? ? ? WATSON-CRICK  ? ? ? 
hydrog9  hydrog ? ? A G 4  O6 ? ? ? 1_555 B C 20 N4 ? ? A G 4  B C 43 1_555 ? ? ? ? ? ? WATSON-CRICK  ? ? ? 
hydrog10 hydrog ? ? A U 5  O4 ? ? ? 1_555 B U 19 N3 ? ? A U 5  B U 42 1_555 ? ? ? ? ? ? 'U-U MISPAIR' ? ? ? 
hydrog11 hydrog ? ? A U 5  N3 ? ? ? 1_555 B C 20 N3 ? ? A U 5  B C 43 1_555 ? ? ? ? ? ? TYPE_18_PAIR  ? ? ? 
hydrog12 hydrog ? ? A U 5  O4 ? ? ? 1_555 B C 20 N4 ? ? A U 5  B C 43 1_555 ? ? ? ? ? ? TYPE_18_PAIR  ? ? ? 
hydrog13 hydrog ? ? A C 6  N3 ? ? ? 1_555 B G 18 N1 ? ? A C 6  B G 41 1_555 ? ? ? ? ? ? WATSON-CRICK  ? ? ? 
hydrog14 hydrog ? ? A C 6  N4 ? ? ? 1_555 B G 18 O6 ? ? A C 6  B G 41 1_555 ? ? ? ? ? ? WATSON-CRICK  ? ? ? 
hydrog15 hydrog ? ? A C 6  O2 ? ? ? 1_555 B G 18 N2 ? ? A C 6  B G 41 1_555 ? ? ? ? ? ? WATSON-CRICK  ? ? ? 
hydrog16 hydrog ? ? A C 8  N3 ? ? ? 1_555 B G 15 N1 ? ? A C 8  B G 38 1_555 ? ? ? ? ? ? WATSON-CRICK  ? ? ? 
hydrog17 hydrog ? ? A C 8  N4 ? ? ? 1_555 B G 15 O6 ? ? A C 8  B G 38 1_555 ? ? ? ? ? ? WATSON-CRICK  ? ? ? 
hydrog18 hydrog ? ? A C 8  O2 ? ? ? 1_555 B G 15 N2 ? ? A C 8  B G 38 1_555 ? ? ? ? ? ? WATSON-CRICK  ? ? ? 
hydrog19 hydrog ? ? A A 9  N1 ? ? ? 1_555 B U 14 N3 ? ? A A 9  B U 37 1_555 ? ? ? ? ? ? WATSON-CRICK  ? ? ? 
hydrog20 hydrog ? ? A A 9  N6 ? ? ? 1_555 B U 14 O4 ? ? A A 9  B U 37 1_555 ? ? ? ? ? ? WATSON-CRICK  ? ? ? 
hydrog21 hydrog ? ? A C 10 N3 ? ? ? 1_555 B G 13 N1 ? ? A C 10 B G 36 1_555 ? ? ? ? ? ? WATSON-CRICK  ? ? ? 
hydrog22 hydrog ? ? A C 10 N4 ? ? ? 1_555 B G 13 O6 ? ? A C 10 B G 36 1_555 ? ? ? ? ? ? WATSON-CRICK  ? ? ? 
hydrog23 hydrog ? ? A C 10 O2 ? ? ? 1_555 B G 13 N2 ? ? A C 10 B G 36 1_555 ? ? ? ? ? ? WATSON-CRICK  ? ? ? 
hydrog24 hydrog ? ? A C 11 N3 ? ? ? 1_555 B G 12 N1 ? ? A C 11 B G 35 1_555 ? ? ? ? ? ? WATSON-CRICK  ? ? ? 
hydrog25 hydrog ? ? A C 11 N4 ? ? ? 1_555 B G 12 O6 ? ? A C 11 B G 35 1_555 ? ? ? ? ? ? WATSON-CRICK  ? ? ? 
hydrog26 hydrog ? ? A C 11 O2 ? ? ? 1_555 B G 12 N2 ? ? A C 11 B G 35 1_555 ? ? ? ? ? ? WATSON-CRICK  ? ? ? 
hydrog27 hydrog ? ? A G 12 N1 ? ? ? 1_555 B C 11 N3 ? ? A G 12 B C 34 1_555 ? ? ? ? ? ? WATSON-CRICK  ? ? ? 
hydrog28 hydrog ? ? A G 12 N2 ? ? ? 1_555 B C 11 O2 ? ? A G 12 B C 34 1_555 ? ? ? ? ? ? WATSON-CRICK  ? ? ? 
hydrog29 hydrog ? ? A G 12 O6 ? ? ? 1_555 B C 11 N4 ? ? A G 12 B C 34 1_555 ? ? ? ? ? ? WATSON-CRICK  ? ? ? 
hydrog30 hydrog ? ? A G 13 N1 ? ? ? 1_555 B C 10 N3 ? ? A G 13 B C 33 1_555 ? ? ? ? ? ? WATSON-CRICK  ? ? ? 
hydrog31 hydrog ? ? A G 13 N2 ? ? ? 1_555 B C 10 O2 ? ? A G 13 B C 33 1_555 ? ? ? ? ? ? WATSON-CRICK  ? ? ? 
hydrog32 hydrog ? ? A G 13 O6 ? ? ? 1_555 B C 10 N4 ? ? A G 13 B C 33 1_555 ? ? ? ? ? ? WATSON-CRICK  ? ? ? 
hydrog33 hydrog ? ? A U 14 N3 ? ? ? 1_555 B A 9  N1 ? ? A U 14 B A 32 1_555 ? ? ? ? ? ? WATSON-CRICK  ? ? ? 
hydrog34 hydrog ? ? A U 14 O4 ? ? ? 1_555 B A 9  N6 ? ? A U 14 B A 32 1_555 ? ? ? ? ? ? WATSON-CRICK  ? ? ? 
hydrog35 hydrog ? ? A G 15 N1 ? ? ? 1_555 B C 8  N3 ? ? A G 15 B C 31 1_555 ? ? ? ? ? ? WATSON-CRICK  ? ? ? 
hydrog36 hydrog ? ? A G 15 N2 ? ? ? 1_555 B C 8  O2 ? ? A G 15 B C 31 1_555 ? ? ? ? ? ? WATSON-CRICK  ? ? ? 
hydrog37 hydrog ? ? A G 15 O6 ? ? ? 1_555 B C 8  N4 ? ? A G 15 B C 31 1_555 ? ? ? ? ? ? WATSON-CRICK  ? ? ? 
hydrog38 hydrog ? ? A G 18 N1 ? ? ? 1_555 B C 6  N3 ? ? A G 18 B C 29 1_555 ? ? ? ? ? ? WATSON-CRICK  ? ? ? 
hydrog39 hydrog ? ? A G 18 N2 ? ? ? 1_555 B C 6  O2 ? ? A G 18 B C 29 1_555 ? ? ? ? ? ? WATSON-CRICK  ? ? ? 
hydrog40 hydrog ? ? A G 18 O6 ? ? ? 1_555 B C 6  N4 ? ? A G 18 B C 29 1_555 ? ? ? ? ? ? WATSON-CRICK  ? ? ? 
hydrog41 hydrog ? ? A U 19 N3 ? ? ? 1_555 B U 5  O4 ? ? A U 19 B U 28 1_555 ? ? ? ? ? ? 'U-U MISPAIR' ? ? ? 
hydrog42 hydrog ? ? A C 20 N3 ? ? ? 1_555 B G 4  N1 ? ? A C 20 B G 27 1_555 ? ? ? ? ? ? WATSON-CRICK  ? ? ? 
hydrog43 hydrog ? ? A C 20 N4 ? ? ? 1_555 B G 4  O6 ? ? A C 20 B G 27 1_555 ? ? ? ? ? ? WATSON-CRICK  ? ? ? 
hydrog44 hydrog ? ? A C 20 O2 ? ? ? 1_555 B G 4  N2 ? ? A C 20 B G 27 1_555 ? ? ? ? ? ? WATSON-CRICK  ? ? ? 
hydrog45 hydrog ? ? A G 21 N1 ? ? ? 1_555 B C 3  N3 ? ? A G 21 B C 26 1_555 ? ? ? ? ? ? WATSON-CRICK  ? ? ? 
hydrog46 hydrog ? ? A G 21 N2 ? ? ? 1_555 B C 3  O2 ? ? A G 21 B C 26 1_555 ? ? ? ? ? ? WATSON-CRICK  ? ? ? 
hydrog47 hydrog ? ? A G 21 O6 ? ? ? 1_555 B C 3  N4 ? ? A G 21 B C 26 1_555 ? ? ? ? ? ? WATSON-CRICK  ? ? ? 
hydrog48 hydrog ? ? A C 22 N3 ? ? ? 1_555 B G 2  N1 ? ? A C 22 B G 25 1_555 ? ? ? ? ? ? WATSON-CRICK  ? ? ? 
hydrog49 hydrog ? ? A C 22 N4 ? ? ? 1_555 B G 2  O6 ? ? A C 22 B G 25 1_555 ? ? ? ? ? ? WATSON-CRICK  ? ? ? 
hydrog50 hydrog ? ? A C 22 O2 ? ? ? 1_555 B G 2  N2 ? ? A C 22 B G 25 1_555 ? ? ? ? ? ? WATSON-CRICK  ? ? ? 
# 
_struct_conn_type.id          hydrog 
_struct_conn_type.criteria    ? 
_struct_conn_type.reference   ? 
# 
loop_
_struct_site.id 
_struct_site.pdbx_evidence_code 
_struct_site.pdbx_auth_asym_id 
_struct_site.pdbx_auth_comp_id 
_struct_site.pdbx_auth_seq_id 
_struct_site.pdbx_auth_ins_code 
_struct_site.pdbx_num_residues 
_struct_site.details 
AC1 Software A LLL 50 ? 10 'BINDING SITE FOR RESIDUE LLL A 50' 
AC2 Software B LLL 51 ? 11 'BINDING SITE FOR RESIDUE LLL B 51' 
1   ?        ? ?   ?  ? ?  ?                                   
# 
loop_
_struct_site_gen.id 
_struct_site_gen.site_id 
_struct_site_gen.pdbx_num_res 
_struct_site_gen.label_comp_id 
_struct_site_gen.label_asym_id 
_struct_site_gen.label_seq_id 
_struct_site_gen.pdbx_auth_ins_code 
_struct_site_gen.auth_comp_id 
_struct_site_gen.auth_asym_id 
_struct_site_gen.auth_seq_id 
_struct_site_gen.label_atom_id 
_struct_site_gen.label_alt_id 
_struct_site_gen.symmetry 
_struct_site_gen.details 
1  AC1 10 G A 15 ? G A 15 . ? 1_555 ? 
2  AC1 10 A A 17 ? A A 17 . ? 1_555 ? 
3  AC1 10 G A 18 ? G A 18 . ? 1_555 ? 
4  AC1 10 U A 19 ? U A 19 . ? 1_555 ? 
5  AC1 10 C B 3  ? C B 26 . ? 1_555 ? 
6  AC1 10 G B 4  ? G B 27 . ? 1_555 ? 
7  AC1 10 U B 5  ? U B 28 . ? 1_555 ? 
8  AC1 10 C B 6  ? C B 29 . ? 1_555 ? 
9  AC1 10 A B 7  ? A B 30 . ? 1_555 ? 
10 AC1 10 C B 8  ? C B 31 . ? 1_555 ? 
11 AC2 11 C A 3  ? C A 3  . ? 1_555 ? 
12 AC2 11 G A 4  ? G A 4  . ? 1_555 ? 
13 AC2 11 U A 5  ? U A 5  . ? 1_555 ? 
14 AC2 11 C A 6  ? C A 6  . ? 1_555 ? 
15 AC2 11 A A 7  ? A A 7  . ? 1_555 ? 
16 AC2 11 C A 8  ? C A 8  . ? 1_555 ? 
17 AC2 11 G B 15 ? G B 38 . ? 1_555 ? 
18 AC2 11 A B 16 ? A B 39 . ? 1_555 ? 
19 AC2 11 A B 17 ? A B 40 . ? 1_555 ? 
20 AC2 11 G B 18 ? G B 41 . ? 1_555 ? 
21 AC2 11 U B 19 ? U B 42 . ? 1_555 ? 
# 
_atom_sites.entry_id                    2ET3 
_atom_sites.fract_transf_matrix[1][1]   -0.01671726 
_atom_sites.fract_transf_matrix[1][2]   0.00094520 
_atom_sites.fract_transf_matrix[1][3]   -0.02620188 
_atom_sites.fract_transf_matrix[2][1]   0.00944651 
_atom_sites.fract_transf_matrix[2][2]   -0.01872981 
_atom_sites.fract_transf_matrix[2][3]   -0.00670269 
_atom_sites.fract_transf_matrix[3][1]   -0.00749150 
_atom_sites.fract_transf_matrix[3][2]   -0.00541891 
_atom_sites.fract_transf_matrix[3][3]   0.00458423 
_atom_sites.fract_transf_vector[1]      0.251442 
_atom_sites.fract_transf_vector[2]      0.074709 
_atom_sites.fract_transf_vector[3]      0.377150 
# 
loop_
_atom_type.symbol 
C 
N 
O 
P 
# 
loop_
_atom_site.group_PDB 
_atom_site.id 
_atom_site.type_symbol 
_atom_site.label_atom_id 
_atom_site.label_alt_id 
_atom_site.label_comp_id 
_atom_site.label_asym_id 
_atom_site.label_entity_id 
_atom_site.label_seq_id 
_atom_site.pdbx_PDB_ins_code 
_atom_site.Cartn_x 
_atom_site.Cartn_y 
_atom_site.Cartn_z 
_atom_site.occupancy 
_atom_site.B_iso_or_equiv 
_atom_site.pdbx_formal_charge 
_atom_site.auth_seq_id 
_atom_site.auth_comp_id 
_atom_site.auth_asym_id 
_atom_site.auth_atom_id 
_atom_site.pdbx_PDB_model_num 
ATOM   1   P P     . G   A 1 2  ? -0.762  -24.400 -10.721 1.00 101.34 ? 2   G   A P     1 
ATOM   2   O OP1   . G   A 1 2  ? -0.520  -24.117 -9.218  1.00 101.54 ? 2   G   A OP1   1 
ATOM   3   O OP2   . G   A 1 2  ? -0.936  -25.925 -10.981 1.00 93.61  ? 2   G   A OP2   1 
ATOM   4   O "O5'" . G   A 1 2  ? 0.625   -23.937 -11.462 1.00 90.23  ? 2   G   A "O5'" 1 
ATOM   5   C "C5'" . G   A 1 2  ? 1.881   -24.515 -11.076 1.00 80.19  ? 2   G   A "C5'" 1 
ATOM   6   C "C4'" . G   A 1 2  ? 2.975   -23.955 -11.930 1.00 76.86  ? 2   G   A "C4'" 1 
ATOM   7   O "O4'" . G   A 1 2  ? 2.709   -24.262 -13.326 1.00 72.14  ? 2   G   A "O4'" 1 
ATOM   8   C "C3'" . G   A 1 2  ? 3.050   -22.445 -11.890 1.00 73.98  ? 2   G   A "C3'" 1 
ATOM   9   O "O3'" . G   A 1 2  ? 3.812   -22.072 -10.760 1.00 73.38  ? 2   G   A "O3'" 1 
ATOM   10  C "C2'" . G   A 1 2  ? 3.746   -22.125 -13.208 1.00 72.72  ? 2   G   A "C2'" 1 
ATOM   11  O "O2'" . G   A 1 2  ? 5.153   -22.242 -13.153 1.00 74.70  ? 2   G   A "O2'" 1 
ATOM   12  C "C1'" . G   A 1 2  ? 3.145   -23.189 -14.135 1.00 64.55  ? 2   G   A "C1'" 1 
ATOM   13  N N9    . G   A 1 2  ? 1.993   -22.677 -14.862 1.00 63.89  ? 2   G   A N9    1 
ATOM   14  C C8    . G   A 1 2  ? 0.669   -23.011 -14.698 1.00 57.34  ? 2   G   A C8    1 
ATOM   15  N N7    . G   A 1 2  ? -0.125  -22.348 -15.492 1.00 59.61  ? 2   G   A N7    1 
ATOM   16  C C5    . G   A 1 2  ? 0.731   -21.531 -16.224 1.00 61.83  ? 2   G   A C5    1 
ATOM   17  C C6    . G   A 1 2  ? 0.454   -20.563 -17.246 1.00 67.80  ? 2   G   A C6    1 
ATOM   18  O O6    . G   A 1 2  ? -0.646  -20.226 -17.727 1.00 62.10  ? 2   G   A O6    1 
ATOM   19  N N1    . G   A 1 2  ? 1.628   -19.965 -17.708 1.00 63.74  ? 2   G   A N1    1 
ATOM   20  C C2    . G   A 1 2  ? 2.895   -20.260 -17.254 1.00 65.26  ? 2   G   A C2    1 
ATOM   21  N N2    . G   A 1 2  ? 3.901   -19.599 -17.820 1.00 65.86  ? 2   G   A N2    1 
ATOM   22  N N3    . G   A 1 2  ? 3.156   -21.145 -16.312 1.00 59.21  ? 2   G   A N3    1 
ATOM   23  C C4    . G   A 1 2  ? 2.039   -21.735 -15.848 1.00 59.56  ? 2   G   A C4    1 
ATOM   24  P P     . C   A 1 3  ? 3.757   -20.568 -10.219 1.00 77.03  ? 3   C   A P     1 
ATOM   25  O OP1   . C   A 1 3  ? 4.645   -20.563 -9.031  1.00 70.04  ? 3   C   A OP1   1 
ATOM   26  O OP2   . C   A 1 3  ? 2.345   -20.121 -10.080 1.00 74.34  ? 3   C   A OP2   1 
ATOM   27  O "O5'" . C   A 1 3  ? 4.480   -19.731 -11.364 1.00 61.59  ? 3   C   A "O5'" 1 
ATOM   28  C "C5'" . C   A 1 3  ? 5.865   -19.897 -11.611 1.00 54.82  ? 3   C   A "C5'" 1 
ATOM   29  C "C4'" . C   A 1 3  ? 6.347   -18.875 -12.610 1.00 55.00  ? 3   C   A "C4'" 1 
ATOM   30  O "O4'" . C   A 1 3  ? 5.819   -19.192 -13.927 1.00 62.18  ? 3   C   A "O4'" 1 
ATOM   31  C "C3'" . C   A 1 3  ? 5.873   -17.456 -12.361 1.00 58.23  ? 3   C   A "C3'" 1 
ATOM   32  O "O3'" . C   A 1 3  ? 6.712   -16.788 -11.441 1.00 65.31  ? 3   C   A "O3'" 1 
ATOM   33  C "C2'" . C   A 1 3  ? 5.979   -16.827 -13.742 1.00 53.92  ? 3   C   A "C2'" 1 
ATOM   34  O "O2'" . C   A 1 3  ? 7.302   -16.433 -14.043 1.00 43.79  ? 3   C   A "O2'" 1 
ATOM   35  C "C1'" . C   A 1 3  ? 5.542   -17.989 -14.635 1.00 47.06  ? 3   C   A "C1'" 1 
ATOM   36  N N1    . C   A 1 3  ? 4.103   -17.938 -14.906 1.00 36.52  ? 3   C   A N1    1 
ATOM   37  C C2    . C   A 1 3  ? 3.655   -17.198 -15.996 1.00 45.60  ? 3   C   A C2    1 
ATOM   38  O O2    . C   A 1 3  ? 4.502   -16.627 -16.711 1.00 43.36  ? 3   C   A O2    1 
ATOM   39  N N3    . C   A 1 3  ? 2.316   -17.122 -16.240 1.00 35.76  ? 3   C   A N3    1 
ATOM   40  C C4    . C   A 1 3  ? 1.458   -17.758 -15.432 1.00 42.30  ? 3   C   A C4    1 
ATOM   41  N N4    . C   A 1 3  ? 0.160   -17.665 -15.685 1.00 49.08  ? 3   C   A N4    1 
ATOM   42  C C5    . C   A 1 3  ? 1.899   -18.525 -14.320 1.00 32.96  ? 3   C   A C5    1 
ATOM   43  C C6    . C   A 1 3  ? 3.215   -18.591 -14.099 1.00 40.23  ? 3   C   A C6    1 
ATOM   44  P P     . G   A 1 4  ? 6.135   -15.567 -10.581 1.00 61.87  ? 4   G   A P     1 
ATOM   45  O OP1   . G   A 1 4  ? 7.168   -15.207 -9.579  1.00 66.38  ? 4   G   A OP1   1 
ATOM   46  O OP2   . G   A 1 4  ? 4.765   -15.923 -10.132 1.00 55.15  ? 4   G   A OP2   1 
ATOM   47  O "O5'" . G   A 1 4  ? 6.048   -14.386 -11.643 1.00 52.27  ? 4   G   A "O5'" 1 
ATOM   48  C "C5'" . G   A 1 4  ? 7.231   -13.860 -12.228 1.00 62.04  ? 4   G   A "C5'" 1 
ATOM   49  C "C4'" . G   A 1 4  ? 6.881   -12.848 -13.285 1.00 63.18  ? 4   G   A "C4'" 1 
ATOM   50  O "O4'" . G   A 1 4  ? 6.259   -13.510 -14.417 1.00 68.56  ? 4   G   A "O4'" 1 
ATOM   51  C "C3'" . G   A 1 4  ? 5.865   -11.805 -12.870 1.00 62.54  ? 4   G   A "C3'" 1 
ATOM   52  O "O3'" . G   A 1 4  ? 6.473   -10.762 -12.126 1.00 66.48  ? 4   G   A "O3'" 1 
ATOM   53  C "C2'" . G   A 1 4  ? 5.336   -11.335 -14.216 1.00 57.92  ? 4   G   A "C2'" 1 
ATOM   54  O "O2'" . G   A 1 4  ? 6.202   -10.438 -14.874 1.00 48.39  ? 4   G   A "O2'" 1 
ATOM   55  C "C1'" . G   A 1 4  ? 5.280   -12.655 -14.985 1.00 58.85  ? 4   G   A "C1'" 1 
ATOM   56  N N9    . G   A 1 4  ? 3.980   -13.295 -14.838 1.00 57.26  ? 4   G   A N9    1 
ATOM   57  C C8    . G   A 1 4  ? 3.678   -14.395 -14.075 1.00 56.18  ? 4   G   A C8    1 
ATOM   58  N N7    . G   A 1 4  ? 2.413   -14.713 -14.117 1.00 56.82  ? 4   G   A N7    1 
ATOM   59  C C5    . G   A 1 4  ? 1.852   -13.771 -14.966 1.00 50.55  ? 4   G   A C5    1 
ATOM   60  C C6    . G   A 1 4  ? 0.514   -13.605 -15.393 1.00 52.78  ? 4   G   A C6    1 
ATOM   61  O O6    . G   A 1 4  ? -0.478  -14.281 -15.097 1.00 45.23  ? 4   G   A O6    1 
ATOM   62  N N1    . G   A 1 4  ? 0.384   -12.519 -16.254 1.00 40.19  ? 4   G   A N1    1 
ATOM   63  C C2    . G   A 1 4  ? 1.411   -11.701 -16.650 1.00 54.85  ? 4   G   A C2    1 
ATOM   64  N N2    . G   A 1 4  ? 1.087   -10.706 -17.487 1.00 64.45  ? 4   G   A N2    1 
ATOM   65  N N3    . G   A 1 4  ? 2.662   -11.845 -16.257 1.00 48.37  ? 4   G   A N3    1 
ATOM   66  C C4    . G   A 1 4  ? 2.809   -12.893 -15.422 1.00 51.89  ? 4   G   A C4    1 
ATOM   67  P P     . U   A 1 5  ? 5.566   -9.827  -11.186 1.00 66.37  ? 5   U   A P     1 
ATOM   68  O OP1   . U   A 1 5  ? 6.491   -8.970  -10.397 1.00 67.48  ? 5   U   A OP1   1 
ATOM   69  O OP2   . U   A 1 5  ? 4.568   -10.674 -10.483 1.00 57.59  ? 5   U   A OP2   1 
ATOM   70  O "O5'" . U   A 1 5  ? 4.783   -8.906  -12.222 1.00 61.83  ? 5   U   A "O5'" 1 
ATOM   71  C "C5'" . U   A 1 5  ? 5.490   -8.062  -13.121 1.00 60.10  ? 5   U   A "C5'" 1 
ATOM   72  C "C4'" . U   A 1 5  ? 4.525   -7.283  -13.982 1.00 67.41  ? 5   U   A "C4'" 1 
ATOM   73  O "O4'" . U   A 1 5  ? 3.836   -8.173  -14.900 1.00 65.79  ? 5   U   A "O4'" 1 
ATOM   74  C "C3'" . U   A 1 5  ? 3.387   -6.597  -13.253 1.00 73.32  ? 5   U   A "C3'" 1 
ATOM   75  O "O3'" . U   A 1 5  ? 3.794   -5.385  -12.640 1.00 71.76  ? 5   U   A "O3'" 1 
ATOM   76  C "C2'" . U   A 1 5  ? 2.403   -6.356  -14.386 1.00 74.40  ? 5   U   A "C2'" 1 
ATOM   77  O "O2'" . U   A 1 5  ? 2.766   -5.256  -15.191 1.00 73.73  ? 5   U   A "O2'" 1 
ATOM   78  C "C1'" . U   A 1 5  ? 2.544   -7.654  -15.180 1.00 68.86  ? 5   U   A "C1'" 1 
ATOM   79  N N1    . U   A 1 5  ? 1.537   -8.646  -14.780 1.00 66.60  ? 5   U   A N1    1 
ATOM   80  C C2    . U   A 1 5  ? 0.264   -8.506  -15.295 1.00 68.03  ? 5   U   A C2    1 
ATOM   81  O O2    . U   A 1 5  ? -0.042  -7.612  -16.068 1.00 77.32  ? 5   U   A O2    1 
ATOM   82  N N3    . U   A 1 5  ? -0.639  -9.450  -14.877 1.00 65.31  ? 5   U   A N3    1 
ATOM   83  C C4    . U   A 1 5  ? -0.401  -10.501 -14.017 1.00 68.57  ? 5   U   A C4    1 
ATOM   84  O O4    . U   A 1 5  ? -1.320  -11.271 -13.734 1.00 66.16  ? 5   U   A O4    1 
ATOM   85  C C5    . U   A 1 5  ? 0.941   -10.582 -13.532 1.00 74.60  ? 5   U   A C5    1 
ATOM   86  C C6    . U   A 1 5  ? 1.843   -9.674  -13.920 1.00 73.59  ? 5   U   A C6    1 
ATOM   87  P P     . C   A 1 6  ? 3.071   -4.905  -11.289 1.00 74.34  ? 6   C   A P     1 
ATOM   88  O OP1   . C   A 1 6  ? 3.680   -3.613  -10.888 1.00 75.69  ? 6   C   A OP1   1 
ATOM   89  O OP2   . C   A 1 6  ? 3.050   -6.041  -10.327 1.00 60.18  ? 6   C   A OP2   1 
ATOM   90  O "O5'" . C   A 1 6  ? 1.575   -4.616  -11.745 1.00 60.68  ? 6   C   A "O5'" 1 
ATOM   91  C "C5'" . C   A 1 6  ? 1.306   -3.795  -12.872 1.00 61.70  ? 6   C   A "C5'" 1 
ATOM   92  C "C4'" . C   A 1 6  ? -0.150  -3.894  -13.244 1.00 64.32  ? 6   C   A "C4'" 1 
ATOM   93  O "O4'" . C   A 1 6  ? -0.457  -5.237  -13.710 1.00 65.86  ? 6   C   A "O4'" 1 
ATOM   94  C "C3'" . C   A 1 6  ? -1.121  -3.706  -12.095 1.00 64.46  ? 6   C   A "C3'" 1 
ATOM   95  O "O3'" . C   A 1 6  ? -1.306  -2.334  -11.791 1.00 59.07  ? 6   C   A "O3'" 1 
ATOM   96  C "C2'" . C   A 1 6  ? -2.386  -4.342  -12.653 1.00 62.32  ? 6   C   A "C2'" 1 
ATOM   97  O "O2'" . C   A 1 6  ? -3.077  -3.495  -13.546 1.00 56.49  ? 6   C   A "O2'" 1 
ATOM   98  C "C1'" . C   A 1 6  ? -1.812  -5.540  -13.410 1.00 61.96  ? 6   C   A "C1'" 1 
ATOM   99  N N1    . C   A 1 6  ? -1.860  -6.767  -12.601 1.00 56.16  ? 6   C   A N1    1 
ATOM   100 C C2    . C   A 1 6  ? -3.108  -7.339  -12.331 1.00 55.09  ? 6   C   A C2    1 
ATOM   101 O O2    . C   A 1 6  ? -4.125  -6.805  -12.798 1.00 53.96  ? 6   C   A O2    1 
ATOM   102 N N3    . C   A 1 6  ? -3.175  -8.455  -11.571 1.00 48.79  ? 6   C   A N3    1 
ATOM   103 C C4    . C   A 1 6  ? -2.056  -8.999  -11.088 1.00 51.48  ? 6   C   A C4    1 
ATOM   104 N N4    . C   A 1 6  ? -2.169  -10.092 -10.335 1.00 52.57  ? 6   C   A N4    1 
ATOM   105 C C5    . C   A 1 6  ? -0.769  -8.443  -11.356 1.00 52.28  ? 6   C   A C5    1 
ATOM   106 C C6    . C   A 1 6  ? -0.719  -7.337  -12.111 1.00 61.24  ? 6   C   A C6    1 
ATOM   107 P P     . A   A 1 7  ? -1.865  -1.913  -10.347 1.00 56.21  ? 7   A   A P     1 
ATOM   108 O OP1   . A   A 1 7  ? -2.015  -0.441  -10.393 1.00 61.72  ? 7   A   A OP1   1 
ATOM   109 O OP2   . A   A 1 7  ? -1.003  -2.530  -9.312  1.00 54.19  ? 7   A   A OP2   1 
ATOM   110 O "O5'" . A   A 1 7  ? -3.319  -2.571  -10.309 1.00 49.07  ? 7   A   A "O5'" 1 
ATOM   111 C "C5'" . A   A 1 7  ? -4.294  -2.198  -11.280 1.00 47.77  ? 7   A   A "C5'" 1 
ATOM   112 C "C4'" . A   A 1 7  ? -5.599  -2.944  -11.076 1.00 49.48  ? 7   A   A "C4'" 1 
ATOM   113 O "O4'" . A   A 1 7  ? -5.388  -4.369  -11.278 1.00 50.40  ? 7   A   A "O4'" 1 
ATOM   114 C "C3'" . A   A 1 7  ? -6.178  -2.875  -9.671  1.00 52.87  ? 7   A   A "C3'" 1 
ATOM   115 O "O3'" . A   A 1 7  ? -6.879  -1.676  -9.394  1.00 51.06  ? 7   A   A "O3'" 1 
ATOM   116 C "C2'" . A   A 1 7  ? -7.073  -4.105  -9.605  1.00 50.67  ? 7   A   A "C2'" 1 
ATOM   117 O "O2'" . A   A 1 7  ? -8.360  -3.920  -10.148 1.00 42.70  ? 7   A   A "O2'" 1 
ATOM   118 C "C1'" . A   A 1 7  ? -6.254  -5.107  -10.416 1.00 50.15  ? 7   A   A "C1'" 1 
ATOM   119 N N9    . A   A 1 7  ? -5.461  -6.000  -9.566  1.00 44.24  ? 7   A   A N9    1 
ATOM   120 C C8    . A   A 1 7  ? -4.104  -6.054  -9.347  1.00 32.83  ? 7   A   A C8    1 
ATOM   121 N N7    . A   A 1 7  ? -3.745  -7.010  -8.529  1.00 30.68  ? 7   A   A N7    1 
ATOM   122 C C5    . A   A 1 7  ? -4.943  -7.613  -8.181  1.00 28.91  ? 7   A   A C5    1 
ATOM   123 C C6    . A   A 1 7  ? -5.241  -8.674  -7.341  1.00 42.48  ? 7   A   A C6    1 
ATOM   124 N N6    . A   A 1 7  ? -4.309  -9.360  -6.683  1.00 63.41  ? 7   A   A N6    1 
ATOM   125 N N1    . A   A 1 7  ? -6.541  -9.024  -7.195  1.00 42.32  ? 7   A   A N1    1 
ATOM   126 C C2    . A   A 1 7  ? -7.462  -8.343  -7.869  1.00 29.50  ? 7   A   A C2    1 
ATOM   127 N N3    . A   A 1 7  ? -7.304  -7.324  -8.696  1.00 44.15  ? 7   A   A N3    1 
ATOM   128 C C4    . A   A 1 7  ? -6.003  -7.002  -8.806  1.00 37.17  ? 7   A   A C4    1 
ATOM   129 P P     . C   A 1 8  ? -6.664  -0.965  -7.972  1.00 54.18  ? 8   C   A P     1 
ATOM   130 O OP1   . C   A 1 8  ? -7.223  0.407   -8.045  1.00 55.31  ? 8   C   A OP1   1 
ATOM   131 O OP2   . C   A 1 8  ? -5.227  -1.146  -7.622  1.00 51.96  ? 8   C   A OP2   1 
ATOM   132 O "O5'" . C   A 1 8  ? -7.585  -1.832  -7.008  1.00 37.65  ? 8   C   A "O5'" 1 
ATOM   133 C "C5'" . C   A 1 8  ? -8.972  -1.964  -7.275  1.00 39.41  ? 8   C   A "C5'" 1 
ATOM   134 C "C4'" . C   A 1 8  ? -9.562  -3.042  -6.409  1.00 48.93  ? 8   C   A "C4'" 1 
ATOM   135 O "O4'" . C   A 1 8  ? -9.054  -4.324  -6.849  1.00 50.02  ? 8   C   A "O4'" 1 
ATOM   136 C "C3'" . C   A 1 8  ? -9.175  -2.979  -4.944  1.00 50.39  ? 8   C   A "C3'" 1 
ATOM   137 O "O3'" . C   A 1 8  ? -9.995  -2.084  -4.220  1.00 49.28  ? 8   C   A "O3'" 1 
ATOM   138 C "C2'" . C   A 1 8  ? -9.351  -4.422  -4.493  1.00 50.51  ? 8   C   A "C2'" 1 
ATOM   139 O "O2'" . C   A 1 8  ? -10.685 -4.774  -4.173  1.00 44.68  ? 8   C   A "O2'" 1 
ATOM   140 C "C1'" . C   A 1 8  ? -8.859  -5.172  -5.730  1.00 44.76  ? 8   C   A "C1'" 1 
ATOM   141 N N1    . C   A 1 8  ? -7.428  -5.472  -5.650  1.00 40.55  ? 8   C   A N1    1 
ATOM   142 C C2    . C   A 1 8  ? -7.034  -6.580  -4.932  1.00 33.99  ? 8   C   A C2    1 
ATOM   143 O O2    . C   A 1 8  ? -7.916  -7.274  -4.415  1.00 31.03  ? 8   C   A O2    1 
ATOM   144 N N3    . C   A 1 8  ? -5.713  -6.868  -4.823  1.00 21.96  ? 8   C   A N3    1 
ATOM   145 C C4    . C   A 1 8  ? -4.808  -6.080  -5.415  1.00 40.19  ? 8   C   A C4    1 
ATOM   146 N N4    . C   A 1 8  ? -3.519  -6.388  -5.287  1.00 31.66  ? 8   C   A N4    1 
ATOM   147 C C5    . C   A 1 8  ? -5.190  -4.936  -6.170  1.00 39.32  ? 8   C   A C5    1 
ATOM   148 C C6    . C   A 1 8  ? -6.499  -4.672  -6.262  1.00 44.35  ? 8   C   A C6    1 
ATOM   149 P P     . A   A 1 9  ? -9.344  -1.199  -3.059  1.00 61.12  ? 9   A   A P     1 
ATOM   150 O OP1   . A   A 1 9  ? -10.374 -0.219  -2.642  1.00 57.52  ? 9   A   A OP1   1 
ATOM   151 O OP2   . A   A 1 9  ? -8.009  -0.729  -3.532  1.00 47.50  ? 9   A   A OP2   1 
ATOM   152 O "O5'" . A   A 1 9  ? -9.168  -2.230  -1.863  1.00 51.11  ? 9   A   A "O5'" 1 
ATOM   153 C "C5'" . A   A 1 9  ? -10.316 -2.847  -1.290  1.00 52.79  ? 9   A   A "C5'" 1 
ATOM   154 C "C4'" . A   A 1 9  ? -9.914  -3.870  -0.252  1.00 54.55  ? 9   A   A "C4'" 1 
ATOM   155 O "O4'" . A   A 1 9  ? -9.366  -5.035  -0.917  1.00 58.19  ? 9   A   A "O4'" 1 
ATOM   156 C "C3'" . A   A 1 9  ? -8.836  -3.463  0.742   1.00 53.39  ? 9   A   A "C3'" 1 
ATOM   157 O "O3'" . A   A 1 9  ? -9.310  -2.675  1.820   1.00 47.34  ? 9   A   A "O3'" 1 
ATOM   158 C "C2'" . A   A 1 9  ? -8.299  -4.813  1.184   1.00 49.65  ? 9   A   A "C2'" 1 
ATOM   159 O "O2'" . A   A 1 9  ? -9.182  -5.478  2.066   1.00 50.22  ? 9   A   A "O2'" 1 
ATOM   160 C "C1'" . A   A 1 9  ? -8.294  -5.559  -0.147  1.00 53.82  ? 9   A   A "C1'" 1 
ATOM   161 N N9    . A   A 1 9  ? -7.038  -5.316  -0.861  1.00 45.06  ? 9   A   A N9    1 
ATOM   162 C C8    . A   A 1 9  ? -6.781  -4.511  -1.951  1.00 47.72  ? 9   A   A C8    1 
ATOM   163 N N7    . A   A 1 9  ? -5.523  -4.531  -2.341  1.00 41.70  ? 9   A   A N7    1 
ATOM   164 C C5    . A   A 1 9  ? -4.917  -5.402  -1.449  1.00 30.84  ? 9   A   A C5    1 
ATOM   165 C C6    . A   A 1 9  ? -3.611  -5.854  -1.325  1.00 31.54  ? 9   A   A C6    1 
ATOM   166 N N6    . A   A 1 9  ? -2.617  -5.482  -2.136  1.00 35.07  ? 9   A   A N6    1 
ATOM   167 N N1    . A   A 1 9  ? -3.343  -6.724  -0.328  1.00 30.81  ? 9   A   A N1    1 
ATOM   168 C C2    . A   A 1 9  ? -4.331  -7.109  0.481   1.00 32.02  ? 9   A   A C2    1 
ATOM   169 N N3    . A   A 1 9  ? -5.601  -6.754  0.470   1.00 42.83  ? 9   A   A N3    1 
ATOM   170 C C4    . A   A 1 9  ? -5.835  -5.889  -0.532  1.00 42.91  ? 9   A   A C4    1 
ATOM   171 P P     . C   A 1 10 ? -8.371  -1.517  2.414   1.00 61.04  ? 10  C   A P     1 
ATOM   172 O OP1   . C   A 1 10 ? -9.177  -0.897  3.493   1.00 58.14  ? 10  C   A OP1   1 
ATOM   173 O OP2   . C   A 1 10 ? -7.769  -0.674  1.349   1.00 55.01  ? 10  C   A OP2   1 
ATOM   174 O "O5'" . C   A 1 10 ? -7.191  -2.305  3.121   1.00 54.60  ? 10  C   A "O5'" 1 
ATOM   175 C "C5'" . C   A 1 10 ? -7.496  -3.084  4.248   1.00 48.33  ? 10  C   A "C5'" 1 
ATOM   176 C "C4'" . C   A 1 10 ? -6.377  -4.016  4.599   1.00 47.58  ? 10  C   A "C4'" 1 
ATOM   177 O "O4'" . C   A 1 10 ? -5.991  -4.790  3.425   1.00 52.71  ? 10  C   A "O4'" 1 
ATOM   178 C "C3'" . C   A 1 10 ? -5.080  -3.336  4.990   1.00 47.10  ? 10  C   A "C3'" 1 
ATOM   179 O "O3'" . C   A 1 10 ? -5.091  -2.913  6.336   1.00 38.90  ? 10  C   A "O3'" 1 
ATOM   180 C "C2'" . C   A 1 10 ? -4.078  -4.456  4.777   1.00 44.56  ? 10  C   A "C2'" 1 
ATOM   181 O "O2'" . C   A 1 10 ? -4.180  -5.412  5.823   1.00 29.78  ? 10  C   A "O2'" 1 
ATOM   182 C "C1'" . C   A 1 10 ? -4.607  -5.088  3.495   1.00 37.50  ? 10  C   A "C1'" 1 
ATOM   183 N N1    . C   A 1 10 ? -3.889  -4.532  2.345   1.00 31.85  ? 10  C   A N1    1 
ATOM   184 C C2    . C   A 1 10 ? -2.641  -5.082  2.049   1.00 37.26  ? 10  C   A C2    1 
ATOM   185 O O2    . C   A 1 10 ? -2.262  -6.059  2.698   1.00 40.58  ? 10  C   A O2    1 
ATOM   186 N N3    . C   A 1 10 ? -1.883  -4.545  1.074   1.00 27.55  ? 10  C   A N3    1 
ATOM   187 C C4    . C   A 1 10 ? -2.334  -3.500  0.390   1.00 33.31  ? 10  C   A C4    1 
ATOM   188 N N4    . C   A 1 10 ? -1.528  -2.982  -0.523  1.00 12.32  ? 10  C   A N4    1 
ATOM   189 C C5    . C   A 1 10 ? -3.631  -2.941  0.628   1.00 29.68  ? 10  C   A C5    1 
ATOM   190 C C6    . C   A 1 10 ? -4.372  -3.488  1.611   1.00 41.53  ? 10  C   A C6    1 
ATOM   191 P P     . C   A 1 11 ? -3.956  -1.918  6.836   1.00 46.88  ? 11  C   A P     1 
ATOM   192 O OP1   . C   A 1 11 ? -4.358  -1.474  8.186   1.00 44.16  ? 11  C   A OP1   1 
ATOM   193 O OP2   . C   A 1 11 ? -3.674  -0.935  5.766   1.00 45.28  ? 11  C   A OP2   1 
ATOM   194 O "O5'" . C   A 1 11 ? -2.655  -2.807  6.979   1.00 46.73  ? 11  C   A "O5'" 1 
ATOM   195 C "C5'" . C   A 1 11 ? -2.651  -3.945  7.814   1.00 46.57  ? 11  C   A "C5'" 1 
ATOM   196 C "C4'" . C   A 1 11 ? -1.300  -4.581  7.774   1.00 41.65  ? 11  C   A "C4'" 1 
ATOM   197 O "O4'" . C   A 1 11 ? -1.055  -5.154  6.457   1.00 43.15  ? 11  C   A "O4'" 1 
ATOM   198 C "C3'" . C   A 1 11 ? -0.197  -3.561  7.903   1.00 34.83  ? 11  C   A "C3'" 1 
ATOM   199 O "O3'" . C   A 1 11 ? -0.013  -3.269  9.254   1.00 38.06  ? 11  C   A "O3'" 1 
ATOM   200 C "C2'" . C   A 1 11 ? 0.987   -4.288  7.295   1.00 30.04  ? 11  C   A "C2'" 1 
ATOM   201 O "O2'" . C   A 1 11 ? 1.494   -5.238  8.200   1.00 21.12  ? 11  C   A "O2'" 1 
ATOM   202 C "C1'" . C   A 1 11 ? 0.319   -5.018  6.130   1.00 31.28  ? 11  C   A "C1'" 1 
ATOM   203 N N1    . C   A 1 11 ? 0.448   -4.262  4.877   1.00 16.81  ? 11  C   A N1    1 
ATOM   204 C C2    . C   A 1 11 ? 1.695   -4.175  4.298   1.00 22.16  ? 11  C   A C2    1 
ATOM   205 O O2    . C   A 1 11 ? 2.642   -4.737  4.852   1.00 27.74  ? 11  C   A O2    1 
ATOM   206 N N3    . C   A 1 11 ? 1.853   -3.474  3.155   1.00 21.07  ? 11  C   A N3    1 
ATOM   207 C C4    . C   A 1 11 ? 0.816   -2.873  2.601   1.00 27.61  ? 11  C   A C4    1 
ATOM   208 N N4    . C   A 1 11 ? 1.026   -2.189  1.497   1.00 35.95  ? 11  C   A N4    1 
ATOM   209 C C5    . C   A 1 11 ? -0.483  -2.944  3.168   1.00 27.27  ? 11  C   A C5    1 
ATOM   210 C C6    . C   A 1 11 ? -0.621  -3.646  4.301   1.00 24.88  ? 11  C   A C6    1 
ATOM   211 P P     . G   A 1 12 ? 0.832   -1.989  9.675   1.00 39.68  ? 12  G   A P     1 
ATOM   212 O OP1   . G   A 1 12 ? 0.829   -2.126  11.156  1.00 36.91  ? 12  G   A OP1   1 
ATOM   213 O OP2   . G   A 1 12 ? 0.295   -0.767  9.033   1.00 33.05  ? 12  G   A OP2   1 
ATOM   214 O "O5'" . G   A 1 12 ? 2.286   -2.263  9.103   1.00 33.37  ? 12  G   A "O5'" 1 
ATOM   215 C "C5'" . G   A 1 12 ? 3.089   -3.253  9.713   1.00 26.32  ? 12  G   A "C5'" 1 
ATOM   216 C "C4'" . G   A 1 12 ? 4.453   -3.270  9.102   1.00 30.95  ? 12  G   A "C4'" 1 
ATOM   217 O "O4'" . G   A 1 12 ? 4.364   -3.621  7.695   1.00 29.54  ? 12  G   A "O4'" 1 
ATOM   218 C "C3'" . G   A 1 12 ? 5.082   -1.905  9.069   1.00 39.32  ? 12  G   A "C3'" 1 
ATOM   219 O "O3'" . G   A 1 12 ? 5.634   -1.593  10.326  1.00 40.99  ? 12  G   A "O3'" 1 
ATOM   220 C "C2'" . G   A 1 12 ? 6.113   -2.047  7.959   1.00 37.01  ? 12  G   A "C2'" 1 
ATOM   221 O "O2'" . G   A 1 12 ? 7.291   -2.703  8.380   1.00 36.91  ? 12  G   A "O2'" 1 
ATOM   222 C "C1'" . G   A 1 12 ? 5.365   -2.939  6.973   1.00 26.15  ? 12  G   A "C1'" 1 
ATOM   223 N N9    . G   A 1 12 ? 4.738   -2.200  5.890   1.00 28.55  ? 12  G   A N9    1 
ATOM   224 C C8    . G   A 1 12 ? 3.419   -1.849  5.765   1.00 29.07  ? 12  G   A C8    1 
ATOM   225 N N7    . G   A 1 12 ? 3.172   -1.192  4.660   1.00 35.05  ? 12  G   A N7    1 
ATOM   226 C C5    . G   A 1 12 ? 4.404   -1.101  4.034   1.00 13.58  ? 12  G   A C5    1 
ATOM   227 C C6    . G   A 1 12 ? 4.769   -0.491  2.812   1.00 21.56  ? 12  G   A C6    1 
ATOM   228 O O6    . G   A 1 12 ? 4.052   0.112   2.009   1.00 34.02  ? 12  G   A O6    1 
ATOM   229 N N1    . G   A 1 12 ? 6.131   -0.636  2.550   1.00 14.83  ? 12  G   A N1    1 
ATOM   230 C C2    . G   A 1 12 ? 7.014   -1.295  3.363   1.00 27.51  ? 12  G   A C2    1 
ATOM   231 N N2    . G   A 1 12 ? 8.275   -1.345  2.943   1.00 40.28  ? 12  G   A N2    1 
ATOM   232 N N3    . G   A 1 12 ? 6.684   -1.867  4.509   1.00 11.62  ? 12  G   A N3    1 
ATOM   233 C C4    . G   A 1 12 ? 5.375   -1.726  4.780   1.00 21.00  ? 12  G   A C4    1 
ATOM   234 P P     . G   A 1 13 ? 6.180   -0.119  10.587  1.00 47.88  ? 13  G   A P     1 
ATOM   235 O OP1   . G   A 1 13 ? 6.049   0.158   12.037  1.00 44.99  ? 13  G   A OP1   1 
ATOM   236 O OP2   . G   A 1 13 ? 5.594   0.826   9.597   1.00 45.77  ? 13  G   A OP2   1 
ATOM   237 O "O5'" . G   A 1 13 ? 7.707   -0.229  10.199  1.00 50.60  ? 13  G   A "O5'" 1 
ATOM   238 C "C5'" . G   A 1 13 ? 8.358   0.915   9.711   1.00 57.23  ? 13  G   A "C5'" 1 
ATOM   239 C "C4'" . G   A 1 13 ? 9.302   0.571   8.594   1.00 57.27  ? 13  G   A "C4'" 1 
ATOM   240 O "O4'" . G   A 1 13 ? 8.632   -0.168  7.543   1.00 58.99  ? 13  G   A "O4'" 1 
ATOM   241 C "C3'" . G   A 1 13 ? 9.805   1.812   7.910   1.00 61.27  ? 13  G   A "C3'" 1 
ATOM   242 O "O3'" . G   A 1 13 ? 10.787  2.412   8.731   1.00 63.77  ? 13  G   A "O3'" 1 
ATOM   243 C "C2'" . G   A 1 13 ? 10.216  1.290   6.541   1.00 51.17  ? 13  G   A "C2'" 1 
ATOM   244 O "O2'" . G   A 1 13 ? 11.458  0.632   6.546   1.00 54.73  ? 13  G   A "O2'" 1 
ATOM   245 C "C1'" . G   A 1 13 ? 9.098   0.278   6.276   1.00 49.63  ? 13  G   A "C1'" 1 
ATOM   246 N N9    . G   A 1 13 ? 7.948   0.892   5.618   1.00 42.34  ? 13  G   A N9    1 
ATOM   247 C C8    . G   A 1 13 ? 6.664   0.912   6.106   1.00 43.76  ? 13  G   A C8    1 
ATOM   248 N N7    . G   A 1 13 ? 5.820   1.506   5.311   1.00 29.89  ? 13  G   A N7    1 
ATOM   249 C C5    . G   A 1 13 ? 6.590   1.907   4.233   1.00 30.90  ? 13  G   A C5    1 
ATOM   250 C C6    . G   A 1 13 ? 6.211   2.578   3.060   1.00 34.05  ? 13  G   A C6    1 
ATOM   251 O O6    . G   A 1 13 ? 5.082   2.955   2.732   1.00 39.08  ? 13  G   A O6    1 
ATOM   252 N N1    . G   A 1 13 ? 7.297   2.798   2.218   1.00 29.46  ? 13  G   A N1    1 
ATOM   253 C C2    . G   A 1 13 ? 8.588   2.403   2.479   1.00 43.57  ? 13  G   A C2    1 
ATOM   254 N N2    . G   A 1 13 ? 9.499   2.712   1.539   1.00 48.54  ? 13  G   A N2    1 
ATOM   255 N N3    . G   A 1 13 ? 8.956   1.754   3.580   1.00 28.03  ? 13  G   A N3    1 
ATOM   256 C C4    . G   A 1 13 ? 7.911   1.544   4.408   1.00 33.01  ? 13  G   A C4    1 
ATOM   257 P P     . U   A 1 14 ? 10.441  3.796   9.472   1.00 66.62  ? 14  U   A P     1 
ATOM   258 O OP1   . U   A 1 14 ? 11.279  3.795   10.695  1.00 67.92  ? 14  U   A OP1   1 
ATOM   259 O OP2   . U   A 1 14 ? 8.969   3.966   9.595   1.00 58.18  ? 14  U   A OP2   1 
ATOM   260 O "O5'" . U   A 1 14 ? 10.987  4.857   8.421   1.00 55.28  ? 14  U   A "O5'" 1 
ATOM   261 C "C5'" . U   A 1 14 ? 12.249  4.617   7.814   1.00 58.81  ? 14  U   A "C5'" 1 
ATOM   262 C "C4'" . U   A 1 14 ? 12.266  5.034   6.360   1.00 55.31  ? 14  U   A "C4'" 1 
ATOM   263 O "O4'" . U   A 1 14 ? 11.312  4.256   5.589   1.00 50.91  ? 14  U   A "O4'" 1 
ATOM   264 C "C3'" . U   A 1 14 ? 11.835  6.461   6.111   1.00 59.27  ? 14  U   A "C3'" 1 
ATOM   265 O "O3'" . U   A 1 14 ? 12.876  7.363   6.429   1.00 61.92  ? 14  U   A "O3'" 1 
ATOM   266 C "C2'" . U   A 1 14 ? 11.437  6.431   4.644   1.00 54.97  ? 14  U   A "C2'" 1 
ATOM   267 O "O2'" . U   A 1 14 ? 12.542  6.441   3.764   1.00 55.12  ? 14  U   A "O2'" 1 
ATOM   268 C "C1'" . U   A 1 14 ? 10.774  5.062   4.551   1.00 52.10  ? 14  U   A "C1'" 1 
ATOM   269 N N1    . U   A 1 14 ? 9.316   5.154   4.700   1.00 49.35  ? 14  U   A N1    1 
ATOM   270 C C2    . U   A 1 14 ? 8.623   5.682   3.644   1.00 33.79  ? 14  U   A C2    1 
ATOM   271 O O2    . U   A 1 14 ? 9.172   6.066   2.639   1.00 39.09  ? 14  U   A O2    1 
ATOM   272 N N3    . U   A 1 14 ? 7.271   5.746   3.811   1.00 34.85  ? 14  U   A N3    1 
ATOM   273 C C4    . U   A 1 14 ? 6.555   5.346   4.909   1.00 44.00  ? 14  U   A C4    1 
ATOM   274 O O4    . U   A 1 14 ? 5.329   5.448   4.904   1.00 54.70  ? 14  U   A O4    1 
ATOM   275 C C5    . U   A 1 14 ? 7.343   4.813   5.967   1.00 51.86  ? 14  U   A C5    1 
ATOM   276 C C6    . U   A 1 14 ? 8.668   4.738   5.829   1.00 52.39  ? 14  U   A C6    1 
ATOM   277 P P     . G   A 1 15 ? 12.520  8.716   7.203   1.00 67.51  ? 15  G   A P     1 
ATOM   278 O OP1   . G   A 1 15 ? 13.766  9.186   7.861   1.00 69.87  ? 15  G   A OP1   1 
ATOM   279 O OP2   . G   A 1 15 ? 11.307  8.459   8.029   1.00 65.06  ? 15  G   A OP2   1 
ATOM   280 O "O5'" . G   A 1 15 ? 12.146  9.683   5.996   1.00 57.63  ? 15  G   A "O5'" 1 
ATOM   281 C "C5'" . G   A 1 15 ? 12.939  9.678   4.813   1.00 53.24  ? 15  G   A "C5'" 1 
ATOM   282 C "C4'" . G   A 1 15 ? 12.248  10.450  3.727   1.00 61.57  ? 15  G   A "C4'" 1 
ATOM   283 O "O4'" . G   A 1 15 ? 11.282  9.623   3.049   1.00 62.31  ? 15  G   A "O4'" 1 
ATOM   284 C "C3'" . G   A 1 15 ? 11.435  11.603  4.255   1.00 67.83  ? 15  G   A "C3'" 1 
ATOM   285 O "O3'" . G   A 1 15 ? 12.272  12.710  4.445   1.00 76.72  ? 15  G   A "O3'" 1 
ATOM   286 C "C2'" . G   A 1 15 ? 10.406  11.832  3.164   1.00 65.69  ? 15  G   A "C2'" 1 
ATOM   287 O "O2'" . G   A 1 15 ? 10.859  12.667  2.117   1.00 70.07  ? 15  G   A "O2'" 1 
ATOM   288 C "C1'" . G   A 1 15 ? 10.151  10.399  2.705   1.00 58.97  ? 15  G   A "C1'" 1 
ATOM   289 N N9    . G   A 1 15 ? 9.005   9.809   3.374   1.00 55.45  ? 15  G   A N9    1 
ATOM   290 C C8    . G   A 1 15 ? 8.996   9.050   4.521   1.00 48.67  ? 15  G   A C8    1 
ATOM   291 N N7    . G   A 1 15 ? 7.803   8.636   4.845   1.00 52.34  ? 15  G   A N7    1 
ATOM   292 C C5    . G   A 1 15 ? 6.983   9.164   3.859   1.00 48.22  ? 15  G   A C5    1 
ATOM   293 C C6    . G   A 1 15 ? 5.590   9.065   3.679   1.00 50.16  ? 15  G   A C6    1 
ATOM   294 O O6    . G   A 1 15 ? 4.762   8.476   4.387   1.00 56.86  ? 15  G   A O6    1 
ATOM   295 N N1    . G   A 1 15 ? 5.174   9.753   2.542   1.00 50.25  ? 15  G   A N1    1 
ATOM   296 C C2    . G   A 1 15 ? 5.999   10.455  1.696   1.00 51.73  ? 15  G   A C2    1 
ATOM   297 N N2    . G   A 1 15 ? 5.423   11.054  0.651   1.00 54.30  ? 15  G   A N2    1 
ATOM   298 N N3    . G   A 1 15 ? 7.297   10.559  1.861   1.00 54.88  ? 15  G   A N3    1 
ATOM   299 C C4    . G   A 1 15 ? 7.717   9.893   2.952   1.00 52.35  ? 15  G   A C4    1 
ATOM   300 P P     . A   A 1 16 ? 12.068  13.625  5.744   1.00 87.98  ? 16  A   A P     1 
ATOM   301 O OP1   . A   A 1 16 ? 13.379  14.248  6.061   1.00 89.08  ? 16  A   A OP1   1 
ATOM   302 O OP2   . A   A 1 16 ? 11.372  12.811  6.774   1.00 79.82  ? 16  A   A OP2   1 
ATOM   303 O "O5'" . A   A 1 16 ? 11.075  14.765  5.251   1.00 87.43  ? 16  A   A "O5'" 1 
ATOM   304 C "C5'" . A   A 1 16 ? 11.586  15.977  4.724   1.00 79.52  ? 16  A   A "C5'" 1 
ATOM   305 C "C4'" . A   A 1 16 ? 11.080  17.144  5.530   1.00 75.72  ? 16  A   A "C4'" 1 
ATOM   306 O "O4'" . A   A 1 16 ? 11.972  18.266  5.344   1.00 75.61  ? 16  A   A "O4'" 1 
ATOM   307 C "C3'" . A   A 1 16 ? 9.691   17.654  5.176   1.00 76.16  ? 16  A   A "C3'" 1 
ATOM   308 O "O3'" . A   A 1 16 ? 8.710   16.955  5.939   1.00 71.23  ? 16  A   A "O3'" 1 
ATOM   309 C "C2'" . A   A 1 16 ? 9.763   19.114  5.610   1.00 75.79  ? 16  A   A "C2'" 1 
ATOM   310 O "O2'" . A   A 1 16 ? 9.527   19.248  6.997   1.00 70.01  ? 16  A   A "O2'" 1 
ATOM   311 C "C1'" . A   A 1 16 ? 11.226  19.463  5.311   1.00 75.57  ? 16  A   A "C1'" 1 
ATOM   312 N N9    . A   A 1 16 ? 11.486  20.109  4.027   1.00 73.05  ? 16  A   A N9    1 
ATOM   313 C C8    . A   A 1 16 ? 12.046  19.543  2.909   1.00 67.36  ? 16  A   A C8    1 
ATOM   314 N N7    . A   A 1 16 ? 12.209  20.383  1.916   1.00 72.75  ? 16  A   A N7    1 
ATOM   315 C C5    . A   A 1 16 ? 11.711  21.581  2.410   1.00 77.43  ? 16  A   A C5    1 
ATOM   316 C C6    . A   A 1 16 ? 11.598  22.862  1.844   1.00 84.94  ? 16  A   A C6    1 
ATOM   317 N N6    . A   A 1 16 ? 12.000  23.164  0.607   1.00 93.07  ? 16  A   A N6    1 
ATOM   318 N N1    . A   A 1 16 ? 11.053  23.837  2.604   1.00 91.35  ? 16  A   A N1    1 
ATOM   319 C C2    . A   A 1 16 ? 10.652  23.534  3.844   1.00 88.30  ? 16  A   A C2    1 
ATOM   320 N N3    . A   A 1 16 ? 10.705  22.370  4.487   1.00 82.19  ? 16  A   A N3    1 
ATOM   321 C C4    . A   A 1 16 ? 11.252  21.423  3.705   1.00 77.26  ? 16  A   A C4    1 
ATOM   322 P P     . A   A 1 17 ? 7.192   16.854  5.412   1.00 70.93  ? 17  A   A P     1 
ATOM   323 O OP1   . A   A 1 17 ? 6.398   16.268  6.521   1.00 64.82  ? 17  A   A OP1   1 
ATOM   324 O OP2   . A   A 1 17 ? 7.171   16.220  4.065   1.00 66.32  ? 17  A   A OP2   1 
ATOM   325 O "O5'" . A   A 1 17 ? 6.721   18.361  5.218   1.00 79.24  ? 17  A   A "O5'" 1 
ATOM   326 C "C5'" . A   A 1 17 ? 6.421   19.203  6.333   1.00 82.14  ? 17  A   A "C5'" 1 
ATOM   327 C "C4'" . A   A 1 17 ? 6.143   20.607  5.849   1.00 82.39  ? 17  A   A "C4'" 1 
ATOM   328 O "O4'" . A   A 1 17 ? 7.321   21.091  5.155   1.00 81.99  ? 17  A   A "O4'" 1 
ATOM   329 C "C3'" . A   A 1 17 ? 5.020   20.707  4.824   1.00 83.82  ? 17  A   A "C3'" 1 
ATOM   330 O "O3'" . A   A 1 17 ? 3.778   20.937  5.500   1.00 86.37  ? 17  A   A "O3'" 1 
ATOM   331 C "C2'" . A   A 1 17 ? 5.401   21.971  4.052   1.00 84.66  ? 17  A   A "C2'" 1 
ATOM   332 O "O2'" . A   A 1 17 ? 4.956   23.169  4.658   1.00 89.38  ? 17  A   A "O2'" 1 
ATOM   333 C "C1'" . A   A 1 17 ? 6.933   21.912  4.071   1.00 82.99  ? 17  A   A "C1'" 1 
ATOM   334 N N9    . A   A 1 17 ? 7.573   21.409  2.857   1.00 81.90  ? 17  A   A N9    1 
ATOM   335 C C8    . A   A 1 17 ? 7.775   20.102  2.480   1.00 85.61  ? 17  A   A C8    1 
ATOM   336 N N7    . A   A 1 17 ? 8.377   19.972  1.319   1.00 79.45  ? 17  A   A N7    1 
ATOM   337 C C5    . A   A 1 17 ? 8.589   21.281  0.906   1.00 78.31  ? 17  A   A C5    1 
ATOM   338 C C6    . A   A 1 17 ? 9.183   21.824  -0.246  1.00 79.29  ? 17  A   A C6    1 
ATOM   339 N N6    . A   A 1 17 ? 9.691   21.083  -1.232  1.00 80.77  ? 17  A   A N6    1 
ATOM   340 N N1    . A   A 1 17 ? 9.234   23.172  -0.353  1.00 81.10  ? 17  A   A N1    1 
ATOM   341 C C2    . A   A 1 17 ? 8.721   23.915  0.642   1.00 83.58  ? 17  A   A C2    1 
ATOM   342 N N3    . A   A 1 17 ? 8.137   23.521  1.775   1.00 78.12  ? 17  A   A N3    1 
ATOM   343 C C4    . A   A 1 17 ? 8.101   22.177  1.847   1.00 80.57  ? 17  A   A C4    1 
ATOM   344 P P     . G   A 1 18 ? 2.878   19.699  6.005   1.00 92.37  ? 18  G   A P     1 
ATOM   345 O OP1   . G   A 1 18 ? 2.046   20.204  7.122   1.00 92.49  ? 18  G   A OP1   1 
ATOM   346 O OP2   . G   A 1 18 ? 3.731   18.504  6.218   1.00 92.72  ? 18  G   A OP2   1 
ATOM   347 O "O5'" . G   A 1 18 ? 1.909   19.382  4.780   1.00 88.70  ? 18  G   A "O5'" 1 
ATOM   348 C "C5'" . G   A 1 18 ? 1.103   20.395  4.186   1.00 86.01  ? 18  G   A "C5'" 1 
ATOM   349 C "C4'" . G   A 1 18 ? -0.250  19.829  3.836   1.00 83.79  ? 18  G   A "C4'" 1 
ATOM   350 O "O4'" . G   A 1 18 ? -0.044  18.568  3.144   1.00 80.00  ? 18  G   A "O4'" 1 
ATOM   351 C "C3'" . G   A 1 18 ? -1.161  19.473  5.002   1.00 83.94  ? 18  G   A "C3'" 1 
ATOM   352 O "O3'" . G   A 1 18 ? -1.928  20.582  5.455   1.00 82.05  ? 18  G   A "O3'" 1 
ATOM   353 C "C2'" . G   A 1 18 ? -2.051  18.408  4.384   1.00 82.34  ? 18  G   A "C2'" 1 
ATOM   354 O "O2'" . G   A 1 18 ? -3.051  18.968  3.558   1.00 85.45  ? 18  G   A "O2'" 1 
ATOM   355 C "C1'" . G   A 1 18 ? -1.034  17.634  3.545   1.00 79.41  ? 18  G   A "C1'" 1 
ATOM   356 N N9    . G   A 1 18 ? -0.377  16.652  4.400   1.00 70.88  ? 18  G   A N9    1 
ATOM   357 C C8    . G   A 1 18 ? 0.933   16.666  4.804   1.00 68.58  ? 18  G   A C8    1 
ATOM   358 N N7    . G   A 1 18 ? 1.220   15.708  5.640   1.00 66.68  ? 18  G   A N7    1 
ATOM   359 C C5    . G   A 1 18 ? 0.032   15.007  5.780   1.00 60.32  ? 18  G   A C5    1 
ATOM   360 C C6    . G   A 1 18 ? -0.273  13.876  6.573   1.00 63.96  ? 18  G   A C6    1 
ATOM   361 O O6    . G   A 1 18 ? 0.470   13.253  7.338   1.00 72.17  ? 18  G   A O6    1 
ATOM   362 N N1    . G   A 1 18 ? -1.600  13.483  6.422   1.00 44.29  ? 18  G   A N1    1 
ATOM   363 C C2    . G   A 1 18 ? -2.515  14.100  5.617   1.00 53.66  ? 18  G   A C2    1 
ATOM   364 N N2    . G   A 1 18 ? -3.752  13.566  5.610   1.00 40.70  ? 18  G   A N2    1 
ATOM   365 N N3    . G   A 1 18 ? -2.242  15.166  4.872   1.00 56.41  ? 18  G   A N3    1 
ATOM   366 C C4    . G   A 1 18 ? -0.959  15.562  5.006   1.00 57.99  ? 18  G   A C4    1 
ATOM   367 P P     . U   A 1 19 ? -2.551  20.561  6.939   1.00 85.92  ? 19  U   A P     1 
ATOM   368 O OP1   . U   A 1 19 ? -3.340  21.805  7.062   1.00 83.46  ? 19  U   A OP1   1 
ATOM   369 O OP2   . U   A 1 19 ? -1.482  20.267  7.925   1.00 82.82  ? 19  U   A OP2   1 
ATOM   370 O "O5'" . U   A 1 19 ? -3.553  19.321  6.942   1.00 82.54  ? 19  U   A "O5'" 1 
ATOM   371 C "C5'" . U   A 1 19 ? -4.681  19.295  6.078   1.00 77.99  ? 19  U   A "C5'" 1 
ATOM   372 C "C4'" . U   A 1 19 ? -5.647  18.207  6.493   1.00 77.23  ? 19  U   A "C4'" 1 
ATOM   373 O "O4'" . U   A 1 19 ? -5.036  16.900  6.289   1.00 73.98  ? 19  U   A "O4'" 1 
ATOM   374 C "C3'" . U   A 1 19 ? -6.031  18.206  7.965   1.00 77.71  ? 19  U   A "C3'" 1 
ATOM   375 O "O3'" . U   A 1 19 ? -7.079  19.137  8.232   1.00 79.15  ? 19  U   A "O3'" 1 
ATOM   376 C "C2'" . U   A 1 19 ? -6.466  16.760  8.186   1.00 72.81  ? 19  U   A "C2'" 1 
ATOM   377 O "O2'" . U   A 1 19 ? -7.785  16.504  7.751   1.00 60.27  ? 19  U   A "O2'" 1 
ATOM   378 C "C1'" . U   A 1 19 ? -5.475  16.000  7.299   1.00 70.99  ? 19  U   A "C1'" 1 
ATOM   379 N N1    . U   A 1 19 ? -4.301  15.479  8.017   1.00 69.10  ? 19  U   A N1    1 
ATOM   380 C C2    . U   A 1 19 ? -4.408  14.247  8.657   1.00 69.49  ? 19  U   A C2    1 
ATOM   381 O O2    . U   A 1 19 ? -5.429  13.582  8.664   1.00 71.74  ? 19  U   A O2    1 
ATOM   382 N N3    . U   A 1 19 ? -3.268  13.823  9.294   1.00 61.96  ? 19  U   A N3    1 
ATOM   383 C C4    . U   A 1 19 ? -2.062  14.490  9.366   1.00 67.68  ? 19  U   A C4    1 
ATOM   384 O O4    . U   A 1 19 ? -1.126  13.988  9.990   1.00 68.95  ? 19  U   A O4    1 
ATOM   385 C C5    . U   A 1 19 ? -2.033  15.749  8.690   1.00 67.27  ? 19  U   A C5    1 
ATOM   386 C C6    . U   A 1 19 ? -3.127  16.190  8.055   1.00 71.63  ? 19  U   A C6    1 
ATOM   387 P P     . C   A 1 20 ? -7.316  19.669  9.736   1.00 82.18  ? 20  C   A P     1 
ATOM   388 O OP1   . C   A 1 20 ? -8.414  20.674  9.665   1.00 84.03  ? 20  C   A OP1   1 
ATOM   389 O OP2   . C   A 1 20 ? -6.016  20.056  10.347  1.00 80.05  ? 20  C   A OP2   1 
ATOM   390 O "O5'" . C   A 1 20 ? -7.862  18.387  10.506  1.00 76.93  ? 20  C   A "O5'" 1 
ATOM   391 C "C5'" . C   A 1 20 ? -9.151  17.872  10.215  1.00 82.57  ? 20  C   A "C5'" 1 
ATOM   392 C "C4'" . C   A 1 20 ? -9.412  16.634  11.026  1.00 86.12  ? 20  C   A "C4'" 1 
ATOM   393 O "O4'" . C   A 1 20 ? -8.510  15.583  10.591  1.00 85.79  ? 20  C   A "O4'" 1 
ATOM   394 C "C3'" . C   A 1 20 ? -9.144  16.760  12.515  1.00 91.31  ? 20  C   A "C3'" 1 
ATOM   395 O "O3'" . C   A 1 20 ? -10.232 17.330  13.224  1.00 97.08  ? 20  C   A "O3'" 1 
ATOM   396 C "C2'" . C   A 1 20 ? -8.906  15.314  12.914  1.00 88.83  ? 20  C   A "C2'" 1 
ATOM   397 O "O2'" . C   A 1 20 ? -10.118 14.601  13.050  1.00 90.77  ? 20  C   A "O2'" 1 
ATOM   398 C "C1'" . C   A 1 20 ? -8.114  14.804  11.709  1.00 86.37  ? 20  C   A "C1'" 1 
ATOM   399 N N1    . C   A 1 20 ? -6.674  15.014  11.925  1.00 80.89  ? 20  C   A N1    1 
ATOM   400 C C2    . C   A 1 20 ? -6.015  14.212  12.858  1.00 80.70  ? 20  C   A C2    1 
ATOM   401 O O2    . C   A 1 20 ? -6.663  13.327  13.446  1.00 83.58  ? 20  C   A O2    1 
ATOM   402 N N3    . C   A 1 20 ? -4.695  14.424  13.099  1.00 66.91  ? 20  C   A N3    1 
ATOM   403 C C4    . C   A 1 20 ? -4.044  15.385  12.438  1.00 62.27  ? 20  C   A C4    1 
ATOM   404 N N4    . C   A 1 20 ? -2.752  15.566  12.703  1.00 61.84  ? 20  C   A N4    1 
ATOM   405 C C5    . C   A 1 20 ? -4.692  16.205  11.474  1.00 63.38  ? 20  C   A C5    1 
ATOM   406 C C6    . C   A 1 20 ? -5.993  15.986  11.248  1.00 75.81  ? 20  C   A C6    1 
ATOM   407 P P     . G   A 1 21 ? -9.947  18.139  14.583  1.00 100.83 ? 21  G   A P     1 
ATOM   408 O OP1   . G   A 1 21 ? -11.260 18.682  15.009  1.00 103.02 ? 21  G   A OP1   1 
ATOM   409 O OP2   . G   A 1 21 ? -8.798  19.061  14.376  1.00 99.00  ? 21  G   A OP2   1 
ATOM   410 O "O5'" . G   A 1 21 ? -9.514  17.013  15.622  1.00 95.21  ? 21  G   A "O5'" 1 
ATOM   411 C "C5'" . G   A 1 21 ? -10.436 16.005  15.986  1.00 90.27  ? 21  G   A "C5'" 1 
ATOM   412 C "C4'" . G   A 1 21 ? -9.759  14.932  16.785  1.00 87.97  ? 21  G   A "C4'" 1 
ATOM   413 O "O4'" . G   A 1 21 ? -8.695  14.352  15.983  1.00 87.39  ? 21  G   A "O4'" 1 
ATOM   414 C "C3'" . G   A 1 21 ? -9.008  15.429  18.004  1.00 89.55  ? 21  G   A "C3'" 1 
ATOM   415 O "O3'" . G   A 1 21 ? -9.817  15.692  19.130  1.00 90.29  ? 21  G   A "O3'" 1 
ATOM   416 C "C2'" . G   A 1 21 ? -8.023  14.303  18.259  1.00 88.17  ? 21  G   A "C2'" 1 
ATOM   417 O "O2'" . G   A 1 21 ? -8.627  13.188  18.893  1.00 81.64  ? 21  G   A "O2'" 1 
ATOM   418 C "C1'" . G   A 1 21 ? -7.624  13.950  16.830  1.00 82.91  ? 21  G   A "C1'" 1 
ATOM   419 N N9    . G   A 1 21 ? -6.399  14.653  16.460  1.00 72.54  ? 21  G   A N9    1 
ATOM   420 C C8    . G   A 1 21 ? -6.235  15.698  15.581  1.00 72.98  ? 21  G   A C8    1 
ATOM   421 N N7    . G   A 1 21 ? -4.993  16.102  15.491  1.00 60.90  ? 21  G   A N7    1 
ATOM   422 C C5    . G   A 1 21 ? -4.298  15.275  16.363  1.00 60.39  ? 21  G   A C5    1 
ATOM   423 C C6    . G   A 1 21 ? -2.911  15.228  16.698  1.00 54.37  ? 21  G   A C6    1 
ATOM   424 O O6    . G   A 1 21 ? -1.985  15.930  16.261  1.00 39.88  ? 21  G   A O6    1 
ATOM   425 N N1    . G   A 1 21 ? -2.645  14.229  17.637  1.00 45.37  ? 21  G   A N1    1 
ATOM   426 C C2    . G   A 1 21 ? -3.586  13.380  18.177  1.00 56.57  ? 21  G   A C2    1 
ATOM   427 N N2    . G   A 1 21 ? -3.152  12.475  19.058  1.00 47.04  ? 21  G   A N2    1 
ATOM   428 N N3    . G   A 1 21 ? -4.871  13.415  17.872  1.00 64.91  ? 21  G   A N3    1 
ATOM   429 C C4    . G   A 1 21 ? -5.155  14.376  16.968  1.00 67.00  ? 21  G   A C4    1 
ATOM   430 P P     . C   A 1 22 ? -9.325  16.784  20.197  1.00 87.40  ? 22  C   A P     1 
ATOM   431 O OP1   . C   A 1 22 ? -10.482 17.084  21.085  1.00 86.21  ? 22  C   A OP1   1 
ATOM   432 O OP2   . C   A 1 22 ? -8.667  17.881  19.430  1.00 81.32  ? 22  C   A OP2   1 
ATOM   433 O "O5'" . C   A 1 22 ? -8.215  16.022  21.050  1.00 79.52  ? 22  C   A "O5'" 1 
ATOM   434 C "C5'" . C   A 1 22 ? -8.567  14.887  21.822  1.00 70.86  ? 22  C   A "C5'" 1 
ATOM   435 C "C4'" . C   A 1 22 ? -7.357  14.324  22.510  1.00 67.65  ? 22  C   A "C4'" 1 
ATOM   436 O "O4'" . C   A 1 22 ? -6.376  13.975  21.504  1.00 69.62  ? 22  C   A "O4'" 1 
ATOM   437 C "C3'" . C   A 1 22 ? -6.609  15.298  23.403  1.00 72.73  ? 22  C   A "C3'" 1 
ATOM   438 O "O3'" . C   A 1 22 ? -7.228  15.553  24.665  1.00 76.89  ? 22  C   A "O3'" 1 
ATOM   439 C "C2'" . C   A 1 22 ? -5.217  14.683  23.452  1.00 70.33  ? 22  C   A "C2'" 1 
ATOM   440 O "O2'" . C   A 1 22 ? -5.145  13.565  24.312  1.00 78.94  ? 22  C   A "O2'" 1 
ATOM   441 C "C1'" . C   A 1 22 ? -5.070  14.185  22.017  1.00 66.65  ? 22  C   A "C1'" 1 
ATOM   442 N N1    . C   A 1 22 ? -4.364  15.132  21.147  1.00 57.81  ? 22  C   A N1    1 
ATOM   443 C C2    . C   A 1 22 ? -2.964  15.053  21.072  1.00 54.85  ? 22  C   A C2    1 
ATOM   444 O O2    . C   A 1 22 ? -2.374  14.177  21.745  1.00 55.14  ? 22  C   A O2    1 
ATOM   445 N N3    . C   A 1 22 ? -2.294  15.927  20.275  1.00 38.36  ? 22  C   A N3    1 
ATOM   446 C C4    . C   A 1 22 ? -2.970  16.847  19.578  1.00 39.44  ? 22  C   A C4    1 
ATOM   447 N N4    . C   A 1 22 ? -2.275  17.695  18.812  1.00 17.01  ? 22  C   A N4    1 
ATOM   448 C C5    . C   A 1 22 ? -4.393  16.942  19.637  1.00 42.53  ? 22  C   A C5    1 
ATOM   449 C C6    . C   A 1 22 ? -5.043  16.075  20.428  1.00 45.96  ? 22  C   A C6    1 
ATOM   450 P P     . G   B 1 2  ? 8.400   17.626  17.765  1.00 110.25 ? 25  G   B P     1 
ATOM   451 O OP1   . G   B 1 2  ? 9.664   18.197  18.455  1.00 103.39 ? 25  G   B OP1   1 
ATOM   452 O OP2   . G   B 1 2  ? 8.661   16.742  16.516  1.00 107.59 ? 25  G   B OP2   1 
ATOM   453 O "O5'" . G   B 1 2  ? 7.731   16.591  18.841  1.00 102.71 ? 25  G   B "O5'" 1 
ATOM   454 C "C5'" . G   B 1 2  ? 8.555   15.808  19.715  1.00 94.68  ? 25  G   B "C5'" 1 
ATOM   455 C "C4'" . G   B 1 2  ? 7.686   15.045  20.669  1.00 90.30  ? 25  G   B "C4'" 1 
ATOM   456 O "O4'" . G   B 1 2  ? 6.817   15.977  21.363  1.00 89.71  ? 25  G   B "O4'" 1 
ATOM   457 C "C3'" . G   B 1 2  ? 6.726   14.083  20.003  1.00 89.12  ? 25  G   B "C3'" 1 
ATOM   458 O "O3'" . G   B 1 2  ? 7.380   12.865  19.689  1.00 86.72  ? 25  G   B "O3'" 1 
ATOM   459 C "C2'" . G   B 1 2  ? 5.630   13.949  21.057  1.00 86.58  ? 25  G   B "C2'" 1 
ATOM   460 O "O2'" . G   B 1 2  ? 5.953   13.093  22.132  1.00 88.22  ? 25  G   B "O2'" 1 
ATOM   461 C "C1'" . G   B 1 2  ? 5.547   15.383  21.579  1.00 85.08  ? 25  G   B "C1'" 1 
ATOM   462 N N9    . G   B 1 2  ? 4.562   16.138  20.820  1.00 74.42  ? 25  G   B N9    1 
ATOM   463 C C8    . G   B 1 2  ? 4.806   17.137  19.911  1.00 76.99  ? 25  G   B C8    1 
ATOM   464 N N7    . G   B 1 2  ? 3.722   17.581  19.338  1.00 77.82  ? 25  G   B N7    1 
ATOM   465 C C5    . G   B 1 2  ? 2.701   16.839  19.915  1.00 69.04  ? 25  G   B C5    1 
ATOM   466 C C6    . G   B 1 2  ? 1.303   16.871  19.686  1.00 70.10  ? 25  G   B C6    1 
ATOM   467 O O6    . G   B 1 2  ? 0.669   17.588  18.893  1.00 65.57  ? 25  G   B O6    1 
ATOM   468 N N1    . G   B 1 2  ? 0.629   15.950  20.494  1.00 66.89  ? 25  G   B N1    1 
ATOM   469 C C2    . G   B 1 2  ? 1.227   15.110  21.401  1.00 68.86  ? 25  G   B C2    1 
ATOM   470 N N2    . G   B 1 2  ? 0.414   14.297  22.089  1.00 67.80  ? 25  G   B N2    1 
ATOM   471 N N3    . G   B 1 2  ? 2.534   15.072  21.621  1.00 73.44  ? 25  G   B N3    1 
ATOM   472 C C4    . G   B 1 2  ? 3.204   15.957  20.845  1.00 70.92  ? 25  G   B C4    1 
ATOM   473 P P     . C   B 1 3  ? 6.786   11.927  18.535  1.00 88.03  ? 26  C   B P     1 
ATOM   474 O OP1   . C   B 1 3  ? 7.664   10.735  18.478  1.00 87.92  ? 26  C   B OP1   1 
ATOM   475 O OP2   . C   B 1 3  ? 6.555   12.734  17.312  1.00 85.82  ? 26  C   B OP2   1 
ATOM   476 O "O5'" . C   B 1 3  ? 5.388   11.464  19.132  1.00 78.54  ? 26  C   B "O5'" 1 
ATOM   477 C "C5'" . C   B 1 3  ? 5.340   10.689  20.318  1.00 78.01  ? 26  C   B "C5'" 1 
ATOM   478 C "C4'" . C   B 1 3  ? 3.932   10.225  20.577  1.00 77.27  ? 26  C   B "C4'" 1 
ATOM   479 O "O4'" . C   B 1 3  ? 3.119   11.347  21.001  1.00 73.80  ? 26  C   B "O4'" 1 
ATOM   480 C "C3'" . C   B 1 3  ? 3.205   9.673   19.367  1.00 79.91  ? 26  C   B "C3'" 1 
ATOM   481 O "O3'" . C   B 1 3  ? 3.561   8.321   19.124  1.00 86.23  ? 26  C   B "O3'" 1 
ATOM   482 C "C2'" . C   B 1 3  ? 1.745   9.868   19.758  1.00 75.43  ? 26  C   B "C2'" 1 
ATOM   483 O "O2'" . C   B 1 3  ? 1.255   8.900   20.664  1.00 78.17  ? 26  C   B "O2'" 1 
ATOM   484 C "C1'" . C   B 1 3  ? 1.814   11.219  20.466  1.00 66.82  ? 26  C   B "C1'" 1 
ATOM   485 N N1    . C   B 1 3  ? 1.615   12.299  19.498  1.00 59.39  ? 26  C   B N1    1 
ATOM   486 C C2    . C   B 1 3  ? 0.331   12.710  19.232  1.00 48.76  ? 26  C   B C2    1 
ATOM   487 O O2    . C   B 1 3  ? -0.589  12.170  19.840  1.00 53.81  ? 26  C   B O2    1 
ATOM   488 N N3    . C   B 1 3  ? 0.120   13.680  18.319  1.00 50.45  ? 26  C   B N3    1 
ATOM   489 C C4    . C   B 1 3  ? 1.154   14.233  17.684  1.00 55.52  ? 26  C   B C4    1 
ATOM   490 N N4    . C   B 1 3  ? 0.904   15.182  16.780  1.00 54.90  ? 26  C   B N4    1 
ATOM   491 C C5    . C   B 1 3  ? 2.491   13.836  17.947  1.00 61.15  ? 26  C   B C5    1 
ATOM   492 C C6    . C   B 1 3  ? 2.676   12.874  18.855  1.00 62.62  ? 26  C   B C6    1 
ATOM   493 P P     . G   B 1 4  ? 3.334   7.699   17.666  1.00 89.35  ? 27  G   B P     1 
ATOM   494 O OP1   . G   B 1 4  ? 3.830   6.303   17.729  1.00 93.77  ? 27  G   B OP1   1 
ATOM   495 O OP2   . G   B 1 4  ? 3.887   8.627   16.648  1.00 91.54  ? 27  G   B OP2   1 
ATOM   496 O "O5'" . G   B 1 4  ? 1.748   7.652   17.542  1.00 84.39  ? 27  G   B "O5'" 1 
ATOM   497 C "C5'" . G   B 1 4  ? 1.014   6.768   18.370  1.00 79.07  ? 27  G   B "C5'" 1 
ATOM   498 C "C4'" . G   B 1 4  ? -0.461  6.921   18.138  1.00 76.19  ? 27  G   B "C4'" 1 
ATOM   499 O "O4'" . G   B 1 4  ? -0.871  8.246   18.572  1.00 76.80  ? 27  G   B "O4'" 1 
ATOM   500 C "C3'" . G   B 1 4  ? -0.901  6.869   16.685  1.00 78.91  ? 27  G   B "C3'" 1 
ATOM   501 O "O3'" . G   B 1 4  ? -1.023  5.537   16.184  1.00 83.05  ? 27  G   B "O3'" 1 
ATOM   502 C "C2'" . G   B 1 4  ? -2.231  7.609   16.739  1.00 74.85  ? 27  G   B "C2'" 1 
ATOM   503 O "O2'" . G   B 1 4  ? -3.291  6.819   17.229  1.00 74.11  ? 27  G   B "O2'" 1 
ATOM   504 C "C1'" . G   B 1 4  ? -1.925  8.711   17.746  1.00 65.31  ? 27  G   B "C1'" 1 
ATOM   505 N N9    . G   B 1 4  ? -1.506  9.918   17.051  1.00 56.78  ? 27  G   B N9    1 
ATOM   506 C C8    . G   B 1 4  ? -0.261  10.492  17.011  1.00 61.24  ? 27  G   B C8    1 
ATOM   507 N N7    . G   B 1 4  ? -0.214  11.556  16.253  1.00 55.25  ? 27  G   B N7    1 
ATOM   508 C C5    . G   B 1 4  ? -1.510  11.689  15.774  1.00 50.67  ? 27  G   B C5    1 
ATOM   509 C C6    . G   B 1 4  ? -2.082  12.654  14.896  1.00 41.43  ? 27  G   B C6    1 
ATOM   510 O O6    . G   B 1 4  ? -1.538  13.609  14.339  1.00 46.36  ? 27  G   B O6    1 
ATOM   511 N N1    . G   B 1 4  ? -3.429  12.417  14.687  1.00 38.50  ? 27  G   B N1    1 
ATOM   512 C C2    . G   B 1 4  ? -4.142  11.383  15.237  1.00 53.82  ? 27  G   B C2    1 
ATOM   513 N N2    . G   B 1 4  ? -5.440  11.317  14.907  1.00 59.12  ? 27  G   B N2    1 
ATOM   514 N N3    . G   B 1 4  ? -3.626  10.479  16.046  1.00 51.70  ? 27  G   B N3    1 
ATOM   515 C C4    . G   B 1 4  ? -2.317  10.692  16.269  1.00 52.20  ? 27  G   B C4    1 
ATOM   516 P P     . U   B 1 5  ? -1.072  5.281   14.587  1.00 86.96  ? 28  U   B P     1 
ATOM   517 O OP1   . U   B 1 5  ? -0.370  4.006   14.303  1.00 91.18  ? 28  U   B OP1   1 
ATOM   518 O OP2   . U   B 1 5  ? -0.651  6.513   13.877  1.00 91.45  ? 28  U   B OP2   1 
ATOM   519 O "O5'" . U   B 1 5  ? -2.618  5.065   14.281  1.00 83.53  ? 28  U   B "O5'" 1 
ATOM   520 C "C5'" . U   B 1 5  ? -3.572  6.020   14.708  1.00 79.81  ? 28  U   B "C5'" 1 
ATOM   521 C "C4'" . U   B 1 5  ? -4.707  6.091   13.737  1.00 81.36  ? 28  U   B "C4'" 1 
ATOM   522 O "O4'" . U   B 1 5  ? -5.364  7.369   13.908  1.00 81.47  ? 28  U   B "O4'" 1 
ATOM   523 C "C3'" . U   B 1 5  ? -4.298  6.068   12.278  1.00 81.87  ? 28  U   B "C3'" 1 
ATOM   524 O "O3'" . U   B 1 5  ? -4.147  4.722   11.850  1.00 84.47  ? 28  U   B "O3'" 1 
ATOM   525 C "C2'" . U   B 1 5  ? -5.460  6.786   11.610  1.00 79.25  ? 28  U   B "C2'" 1 
ATOM   526 O "O2'" . U   B 1 5  ? -6.590  5.977   11.350  1.00 77.41  ? 28  U   B "O2'" 1 
ATOM   527 C "C1'" . U   B 1 5  ? -5.773  7.868   12.648  1.00 78.66  ? 28  U   B "C1'" 1 
ATOM   528 N N1    . U   B 1 5  ? -4.969  9.062   12.370  1.00 72.98  ? 28  U   B N1    1 
ATOM   529 C C2    . U   B 1 5  ? -5.560  10.085  11.657  1.00 71.22  ? 28  U   B C2    1 
ATOM   530 O O2    . U   B 1 5  ? -6.741  10.074  11.321  1.00 74.19  ? 28  U   B O2    1 
ATOM   531 N N3    . U   B 1 5  ? -4.720  11.125  11.355  1.00 58.58  ? 28  U   B N3    1 
ATOM   532 C C4    . U   B 1 5  ? -3.396  11.247  11.700  1.00 49.09  ? 28  U   B C4    1 
ATOM   533 O O4    . U   B 1 5  ? -2.769  12.240  11.337  1.00 64.18  ? 28  U   B O4    1 
ATOM   534 C C5    . U   B 1 5  ? -2.875  10.166  12.466  1.00 55.17  ? 28  U   B C5    1 
ATOM   535 C C6    . U   B 1 5  ? -3.660  9.139   12.771  1.00 60.29  ? 28  U   B C6    1 
ATOM   536 P P     . C   B 1 6  ? -3.795  4.409   10.318  1.00 88.73  ? 29  C   B P     1 
ATOM   537 O OP1   . C   B 1 6  ? -3.896  2.937   10.125  1.00 89.72  ? 29  C   B OP1   1 
ATOM   538 O OP2   . C   B 1 6  ? -2.540  5.109   9.947   1.00 88.90  ? 29  C   B OP2   1 
ATOM   539 O "O5'" . C   B 1 6  ? -4.995  5.086   9.528   1.00 77.77  ? 29  C   B "O5'" 1 
ATOM   540 C "C5'" . C   B 1 6  ? -4.845  5.424   8.174   1.00 71.42  ? 29  C   B "C5'" 1 
ATOM   541 C "C4'" . C   B 1 6  ? -5.697  6.608   7.847   1.00 70.75  ? 29  C   B "C4'" 1 
ATOM   542 O "O4'" . C   B 1 6  ? -5.520  7.628   8.851   1.00 72.51  ? 29  C   B "O4'" 1 
ATOM   543 C "C3'" . C   B 1 6  ? -5.339  7.284   6.548   1.00 71.59  ? 29  C   B "C3'" 1 
ATOM   544 O "O3'" . C   B 1 6  ? -5.911  6.602   5.462   1.00 72.81  ? 29  C   B "O3'" 1 
ATOM   545 C "C2'" . C   B 1 6  ? -5.870  8.688   6.761   1.00 68.06  ? 29  C   B "C2'" 1 
ATOM   546 O "O2'" . C   B 1 6  ? -7.267  8.770   6.598   1.00 52.35  ? 29  C   B "O2'" 1 
ATOM   547 C "C1'" . C   B 1 6  ? -5.494  8.905   8.228   1.00 69.81  ? 29  C   B "C1'" 1 
ATOM   548 N N1    . C   B 1 6  ? -4.107  9.389   8.318   1.00 64.10  ? 29  C   B N1    1 
ATOM   549 C C2    . C   B 1 6  ? -3.748  10.571  7.664   1.00 60.61  ? 29  C   B C2    1 
ATOM   550 O O2    . C   B 1 6  ? -4.615  11.211  7.054   1.00 59.54  ? 29  C   B O2    1 
ATOM   551 N N3    . C   B 1 6  ? -2.466  10.986  7.712   1.00 59.32  ? 29  C   B N3    1 
ATOM   552 C C4    . C   B 1 6  ? -1.564  10.277  8.382   1.00 55.16  ? 29  C   B C4    1 
ATOM   553 N N4    . C   B 1 6  ? -0.317  10.722  8.391   1.00 66.94  ? 29  C   B N4    1 
ATOM   554 C C5    . C   B 1 6  ? -1.903  9.081   9.072   1.00 55.31  ? 29  C   B C5    1 
ATOM   555 C C6    . C   B 1 6  ? -3.173  8.679   9.017   1.00 58.05  ? 29  C   B C6    1 
ATOM   556 P P     . A   B 1 7  ? -4.969  6.148   4.261   1.00 77.29  ? 30  A   B P     1 
ATOM   557 O OP1   . A   B 1 7  ? -5.745  5.166   3.471   1.00 88.96  ? 30  A   B OP1   1 
ATOM   558 O OP2   . A   B 1 7  ? -3.660  5.749   4.841   1.00 67.40  ? 30  A   B OP2   1 
ATOM   559 O "O5'" . A   B 1 7  ? -4.811  7.489   3.415   1.00 73.61  ? 30  A   B "O5'" 1 
ATOM   560 C "C5'" . A   B 1 7  ? -5.947  8.299   3.110   1.00 67.37  ? 30  A   B "C5'" 1 
ATOM   561 C "C4'" . A   B 1 7  ? -5.502  9.595   2.496   1.00 71.96  ? 30  A   B "C4'" 1 
ATOM   562 O "O4'" . A   B 1 7  ? -4.916  10.452  3.512   1.00 75.90  ? 30  A   B "O4'" 1 
ATOM   563 C "C3'" . A   B 1 7  ? -4.375  9.409   1.510   1.00 78.14  ? 30  A   B "C3'" 1 
ATOM   564 O "O3'" . A   B 1 7  ? -4.839  8.943   0.263   1.00 79.42  ? 30  A   B "O3'" 1 
ATOM   565 C "C2'" . A   B 1 7  ? -3.701  10.777  1.490   1.00 77.30  ? 30  A   B "C2'" 1 
ATOM   566 O "O2'" . A   B 1 7  ? -4.290  11.749  0.654   1.00 77.53  ? 30  A   B "O2'" 1 
ATOM   567 C "C1'" . A   B 1 7  ? -3.829  11.186  2.955   1.00 74.97  ? 30  A   B "C1'" 1 
ATOM   568 N N9    . A   B 1 7  ? -2.611  10.866  3.702   1.00 80.08  ? 30  A   B N9    1 
ATOM   569 C C8    . A   B 1 7  ? -2.404  9.895   4.656   1.00 79.94  ? 30  A   B C8    1 
ATOM   570 N N7    . A   B 1 7  ? -1.187  9.887   5.146   1.00 69.63  ? 30  A   B N7    1 
ATOM   571 C C5    . A   B 1 7  ? -0.552  10.916  4.467   1.00 73.49  ? 30  A   B C5    1 
ATOM   572 C C6    . A   B 1 7  ? 0.748   11.425  4.536   1.00 78.94  ? 30  A   B C6    1 
ATOM   573 N N6    . A   B 1 7  ? 1.686   10.939  5.349   1.00 84.73  ? 30  A   B N6    1 
ATOM   574 N N1    . A   B 1 7  ? 1.061   12.463  3.730   1.00 82.05  ? 30  A   B N1    1 
ATOM   575 C C2    . A   B 1 7  ? 0.117   12.945  2.908   1.00 78.28  ? 30  A   B C2    1 
ATOM   576 N N3    . A   B 1 7  ? -1.140  12.547  2.749   1.00 71.69  ? 30  A   B N3    1 
ATOM   577 C C4    . A   B 1 7  ? -1.414  11.522  3.570   1.00 75.23  ? 30  A   B C4    1 
ATOM   578 P P     . C   B 1 8  ? -3.877  8.016   -0.621  1.00 79.75  ? 31  C   B P     1 
ATOM   579 O OP1   . C   B 1 8  ? -4.587  7.761   -1.898  1.00 79.40  ? 31  C   B OP1   1 
ATOM   580 O OP2   . C   B 1 8  ? -3.408  6.872   0.213   1.00 66.68  ? 31  C   B OP2   1 
ATOM   581 O "O5'" . C   B 1 8  ? -2.651  8.979   -0.933  1.00 69.70  ? 31  C   B "O5'" 1 
ATOM   582 C "C5'" . C   B 1 8  ? -2.863  10.183  -1.651  1.00 72.33  ? 31  C   B "C5'" 1 
ATOM   583 C "C4'" . C   B 1 8  ? -1.548  10.852  -1.934  1.00 73.60  ? 31  C   B "C4'" 1 
ATOM   584 O "O4'" . C   B 1 8  ? -1.023  11.442  -0.718  1.00 75.00  ? 31  C   B "O4'" 1 
ATOM   585 C "C3'" . C   B 1 8  ? -0.457  9.903   -2.390  1.00 70.67  ? 31  C   B "C3'" 1 
ATOM   586 O "O3'" . C   B 1 8  ? -0.583  9.650   -3.775  1.00 66.85  ? 31  C   B "O3'" 1 
ATOM   587 C "C2'" . C   B 1 8  ? 0.809   10.668  -2.026  1.00 69.17  ? 31  C   B "C2'" 1 
ATOM   588 O "O2'" . C   B 1 8  ? 1.161   11.650  -2.981  1.00 63.92  ? 31  C   B "O2'" 1 
ATOM   589 C "C1'" . C   B 1 8  ? 0.389   11.322  -0.707  1.00 66.59  ? 31  C   B "C1'" 1 
ATOM   590 N N1    . C   B 1 8  ? 0.750   10.502  0.447   1.00 62.33  ? 31  C   B N1    1 
ATOM   591 C C2    . C   B 1 8  ? 1.959   10.743  1.083   1.00 59.38  ? 31  C   B C2    1 
ATOM   592 O O2    . C   B 1 8  ? 2.683   11.651  0.657   1.00 50.36  ? 31  C   B O2    1 
ATOM   593 N N3    . C   B 1 8  ? 2.309   9.991   2.144   1.00 61.34  ? 31  C   B N3    1 
ATOM   594 C C4    . C   B 1 8  ? 1.492   9.027   2.575   1.00 68.42  ? 31  C   B C4    1 
ATOM   595 N N4    . C   B 1 8  ? 1.878   8.307   3.635   1.00 77.31  ? 31  C   B N4    1 
ATOM   596 C C5    . C   B 1 8  ? 0.245   8.760   1.943   1.00 60.05  ? 31  C   B C5    1 
ATOM   597 C C6    . C   B 1 8  ? -0.084  9.516   0.892   1.00 63.12  ? 31  C   B C6    1 
ATOM   598 P P     . A   B 1 9  ? -0.044  8.275   -4.380  1.00 70.61  ? 32  A   B P     1 
ATOM   599 O OP1   . A   B 1 9  ? -0.414  8.300   -5.820  1.00 66.36  ? 32  A   B OP1   1 
ATOM   600 O OP2   . A   B 1 9  ? -0.500  7.151   -3.522  1.00 64.77  ? 32  A   B OP2   1 
ATOM   601 O "O5'" . A   B 1 9  ? 1.533   8.447   -4.280  1.00 66.20  ? 32  A   B "O5'" 1 
ATOM   602 C "C5'" . A   B 1 9  ? 2.158   9.522   -4.967  1.00 67.16  ? 32  A   B "C5'" 1 
ATOM   603 C "C4'" . A   B 1 9  ? 3.643   9.506   -4.737  1.00 67.13  ? 32  A   B "C4'" 1 
ATOM   604 O "O4'" . A   B 1 9  ? 3.948   10.011  -3.411  1.00 69.63  ? 32  A   B "O4'" 1 
ATOM   605 C "C3'" . A   B 1 9  ? 4.301   8.146   -4.789  1.00 66.09  ? 32  A   B "C3'" 1 
ATOM   606 O "O3'" . A   B 1 9  ? 4.581   7.759   -6.123  1.00 70.63  ? 32  A   B "O3'" 1 
ATOM   607 C "C2'" . A   B 1 9  ? 5.564   8.387   -3.981  1.00 60.35  ? 32  A   B "C2'" 1 
ATOM   608 O "O2'" . A   B 1 9  ? 6.510   9.083   -4.774  1.00 43.63  ? 32  A   B "O2'" 1 
ATOM   609 C "C1'" . A   B 1 9  ? 5.036   9.291   -2.864  1.00 53.47  ? 32  A   B "C1'" 1 
ATOM   610 N N9    . A   B 1 9  ? 4.514   8.558   -1.713  1.00 46.09  ? 32  A   B N9    1 
ATOM   611 C C8    . A   B 1 9  ? 3.196   8.305   -1.451  1.00 51.68  ? 32  A   B C8    1 
ATOM   612 N N7    . A   B 1 9  ? 2.991   7.656   -0.333  1.00 54.41  ? 32  A   B N7    1 
ATOM   613 C C5    . A   B 1 9  ? 4.262   7.459   0.174   1.00 48.12  ? 32  A   B C5    1 
ATOM   614 C C6    . A   B 1 9  ? 4.725   6.828   1.345   1.00 52.09  ? 32  A   B C6    1 
ATOM   615 N N6    . A   B 1 9  ? 3.925   6.258   2.256   1.00 44.90  ? 32  A   B N6    1 
ATOM   616 N N1    . A   B 1 9  ? 6.058   6.799   1.551   1.00 49.33  ? 32  A   B N1    1 
ATOM   617 C C2    . A   B 1 9  ? 6.861   7.371   0.639   1.00 50.63  ? 32  A   B C2    1 
ATOM   618 N N3    . A   B 1 9  ? 6.545   7.995   -0.495  1.00 49.87  ? 32  A   B N3    1 
ATOM   619 C C4    . A   B 1 9  ? 5.214   8.005   -0.671  1.00 47.95  ? 32  A   B C4    1 
ATOM   620 P P     . C   B 1 10 ? 4.676   6.206   -6.483  1.00 68.87  ? 33  C   B P     1 
ATOM   621 O OP1   . C   B 1 10 ? 4.831   6.107   -7.958  1.00 72.25  ? 33  C   B OP1   1 
ATOM   622 O OP2   . C   B 1 10 ? 3.540   5.520   -5.814  1.00 70.86  ? 33  C   B OP2   1 
ATOM   623 O "O5'" . C   B 1 10 ? 6.047   5.772   -5.805  1.00 64.35  ? 33  C   B "O5'" 1 
ATOM   624 C "C5'" . C   B 1 10 ? 7.252   6.443   -6.154  1.00 64.60  ? 33  C   B "C5'" 1 
ATOM   625 C "C4'" . C   B 1 10 ? 8.394   5.976   -5.284  1.00 64.88  ? 33  C   B "C4'" 1 
ATOM   626 O "O4'" . C   B 1 10 ? 8.258   6.510   -3.941  1.00 69.95  ? 33  C   B "O4'" 1 
ATOM   627 C "C3'" . C   B 1 10 ? 8.481   4.482   -5.080  1.00 65.49  ? 33  C   B "C3'" 1 
ATOM   628 O "O3'" . C   B 1 10 ? 9.129   3.865   -6.170  1.00 66.06  ? 33  C   B "O3'" 1 
ATOM   629 C "C2'" . C   B 1 10 ? 9.271   4.378   -3.783  1.00 63.10  ? 33  C   B "C2'" 1 
ATOM   630 O "O2'" . C   B 1 10 ? 10.651  4.601   -3.964  1.00 64.87  ? 33  C   B "O2'" 1 
ATOM   631 C "C1'" . C   B 1 10 ? 8.696   5.549   -2.995  1.00 63.65  ? 33  C   B "C1'" 1 
ATOM   632 N N1    . C   B 1 10 ? 7.533   5.127   -2.210  1.00 59.17  ? 33  C   B N1    1 
ATOM   633 C C2    . C   B 1 10 ? 7.738   4.622   -0.926  1.00 62.17  ? 33  C   B C2    1 
ATOM   634 O O2    . C   B 1 10 ? 8.908   4.553   -0.486  1.00 60.56  ? 33  C   B O2    1 
ATOM   635 N N3    . C   B 1 10 ? 6.663   4.223   -0.199  1.00 56.00  ? 33  C   B N3    1 
ATOM   636 C C4    . C   B 1 10 ? 5.432   4.322   -0.716  1.00 56.50  ? 33  C   B C4    1 
ATOM   637 N N4    . C   B 1 10 ? 4.399   3.930   0.030   1.00 53.52  ? 33  C   B N4    1 
ATOM   638 C C5    . C   B 1 10 ? 5.205   4.833   -2.021  1.00 61.44  ? 33  C   B C5    1 
ATOM   639 C C6    . C   B 1 10 ? 6.272   5.221   -2.726  1.00 56.86  ? 33  C   B C6    1 
ATOM   640 P P     . C   B 1 11 ? 8.914   2.309   -6.414  1.00 65.16  ? 34  C   B P     1 
ATOM   641 O OP1   . C   B 1 11 ? 9.672   1.953   -7.636  1.00 68.68  ? 34  C   B OP1   1 
ATOM   642 O OP2   . C   B 1 11 ? 7.459   2.011   -6.333  1.00 58.20  ? 34  C   B OP2   1 
ATOM   643 O "O5'" . C   B 1 11 ? 9.632   1.664   -5.156  1.00 61.21  ? 34  C   B "O5'" 1 
ATOM   644 C "C5'" . C   B 1 11 ? 10.995  1.952   -4.872  1.00 56.26  ? 34  C   B "C5'" 1 
ATOM   645 C "C4'" . C   B 1 11 ? 11.429  1.165   -3.669  1.00 51.48  ? 34  C   B "C4'" 1 
ATOM   646 O "O4'" . C   B 1 11 ? 10.851  1.735   -2.462  1.00 54.40  ? 34  C   B "O4'" 1 
ATOM   647 C "C3'" . C   B 1 11 ? 10.891  -0.243  -3.685  1.00 47.19  ? 34  C   B "C3'" 1 
ATOM   648 O "O3'" . C   B 1 11 ? 11.704  -1.069  -4.488  1.00 53.46  ? 34  C   B "O3'" 1 
ATOM   649 C "C2'" . C   B 1 11 ? 10.920  -0.620  -2.213  1.00 46.47  ? 34  C   B "C2'" 1 
ATOM   650 O "O2'" . C   B 1 11 ? 12.208  -0.970  -1.788  1.00 42.30  ? 34  C   B "O2'" 1 
ATOM   651 C "C1'" . C   B 1 11 ? 10.515  0.695   -1.555  1.00 45.49  ? 34  C   B "C1'" 1 
ATOM   652 N N1    . C   B 1 11 ? 9.066   0.740   -1.305  1.00 39.64  ? 34  C   B N1    1 
ATOM   653 C C2    . C   B 1 11 ? 8.589   0.219   -0.114  1.00 35.28  ? 34  C   B C2    1 
ATOM   654 O O2    . C   B 1 11 ? 9.396   -0.264  0.679   1.00 46.17  ? 34  C   B O2    1 
ATOM   655 N N3    . C   B 1 11 ? 7.267   0.253   0.147   1.00 27.68  ? 34  C   B N3    1 
ATOM   656 C C4    . C   B 1 11 ? 6.430   0.778   -0.741  1.00 33.73  ? 34  C   B C4    1 
ATOM   657 N N4    . C   B 1 11 ? 5.141   0.787   -0.442  1.00 40.79  ? 34  C   B N4    1 
ATOM   658 C C5    . C   B 1 11 ? 6.886   1.317   -1.975  1.00 34.93  ? 34  C   B C5    1 
ATOM   659 C C6    . C   B 1 11 ? 8.202   1.277   -2.216  1.00 38.89  ? 34  C   B C6    1 
ATOM   660 P P     . G   B 1 12 ? 11.194  -2.537  -4.875  1.00 49.32  ? 35  G   B P     1 
ATOM   661 O OP1   . G   B 1 12 ? 12.411  -3.343  -5.181  1.00 56.00  ? 35  G   B OP1   1 
ATOM   662 O OP2   . G   B 1 12 ? 10.095  -2.429  -5.868  1.00 44.58  ? 35  G   B OP2   1 
ATOM   663 O "O5'" . G   B 1 12 ? 10.555  -3.077  -3.531  1.00 46.12  ? 35  G   B "O5'" 1 
ATOM   664 C "C5'" . G   B 1 12 ? 9.856   -4.299  -3.494  1.00 42.51  ? 35  G   B "C5'" 1 
ATOM   665 C "C4'" . G   B 1 12 ? 9.901   -4.842  -2.097  1.00 49.66  ? 35  G   B "C4'" 1 
ATOM   666 O "O4'" . G   B 1 12 ? 9.790   -3.744  -1.155  1.00 43.65  ? 35  G   B "O4'" 1 
ATOM   667 C "C3'" . G   B 1 12 ? 8.822   -5.830  -1.710  1.00 49.96  ? 35  G   B "C3'" 1 
ATOM   668 O "O3'" . G   B 1 12 ? 9.172   -7.132  -2.155  1.00 49.63  ? 35  G   B "O3'" 1 
ATOM   669 C "C2'" . G   B 1 12 ? 8.796   -5.658  -0.195  1.00 48.66  ? 35  G   B "C2'" 1 
ATOM   670 O "O2'" . G   B 1 12 ? 9.888   -6.281  0.442   1.00 43.56  ? 35  G   B "O2'" 1 
ATOM   671 C "C1'" . G   B 1 12 ? 8.969   -4.139  -0.072  1.00 46.04  ? 35  G   B "C1'" 1 
ATOM   672 N N9    . G   B 1 12 ? 7.684   -3.478  -0.270  1.00 32.87  ? 35  G   B N9    1 
ATOM   673 C C8    . G   B 1 12 ? 7.308   -2.741  -1.367  1.00 27.77  ? 35  G   B C8    1 
ATOM   674 N N7    . G   B 1 12 ? 6.062   -2.363  -1.329  1.00 32.41  ? 35  G   B N7    1 
ATOM   675 C C5    . G   B 1 12 ? 5.596   -2.861  -0.124  1.00 21.28  ? 35  G   B C5    1 
ATOM   676 C C6    . G   B 1 12 ? 4.314   -2.791  0.449   1.00 25.73  ? 35  G   B C6    1 
ATOM   677 O O6    . G   B 1 12 ? 3.306   -2.266  -0.012  1.00 46.19  ? 35  G   B O6    1 
ATOM   678 N N1    . G   B 1 12 ? 4.264   -3.427  1.686   1.00 17.11  ? 35  G   B N1    1 
ATOM   679 C C2    . G   B 1 12 ? 5.325   -4.048  2.291   1.00 12.34  ? 35  G   B C2    1 
ATOM   680 N N2    . G   B 1 12 ? 5.086   -4.585  3.482   1.00 19.72  ? 35  G   B N2    1 
ATOM   681 N N3    . G   B 1 12 ? 6.539   -4.129  1.757   1.00 20.64  ? 35  G   B N3    1 
ATOM   682 C C4    . G   B 1 12 ? 6.598   -3.522  0.555   1.00 18.69  ? 35  G   B C4    1 
ATOM   683 P P     . G   B 1 13 ? 8.056   -8.080  -2.817  1.00 56.76  ? 36  G   B P     1 
ATOM   684 O OP1   . G   B 1 13 ? 8.833   -9.253  -3.262  1.00 49.21  ? 36  G   B OP1   1 
ATOM   685 O OP2   . G   B 1 13 ? 7.228   -7.327  -3.803  1.00 55.15  ? 36  G   B OP2   1 
ATOM   686 O "O5'" . G   B 1 13 ? 7.148   -8.519  -1.577  1.00 49.43  ? 36  G   B "O5'" 1 
ATOM   687 C "C5'" . G   B 1 13 ? 7.762   -9.141  -0.452  1.00 44.84  ? 36  G   B "C5'" 1 
ATOM   688 C "C4'" . G   B 1 13 ? 6.865   -9.110  0.767   1.00 35.61  ? 36  G   B "C4'" 1 
ATOM   689 O "O4'" . G   B 1 13 ? 6.641   -7.744  1.209   1.00 29.13  ? 36  G   B "O4'" 1 
ATOM   690 C "C3'" . G   B 1 13 ? 5.482   -9.712  0.617   1.00 30.71  ? 36  G   B "C3'" 1 
ATOM   691 O "O3'" . G   B 1 13 ? 5.584   -11.110 0.827   1.00 39.26  ? 36  G   B "O3'" 1 
ATOM   692 C "C2'" . G   B 1 13 ? 4.724   -9.030  1.754   1.00 32.08  ? 36  G   B "C2'" 1 
ATOM   693 O "O2'" . G   B 1 13 ? 4.982   -9.592  3.020   1.00 38.14  ? 36  G   B "O2'" 1 
ATOM   694 C "C1'" . G   B 1 13 ? 5.326   -7.627  1.724   1.00 30.22  ? 36  G   B "C1'" 1 
ATOM   695 N N9    . G   B 1 13 ? 4.557   -6.787  0.821   1.00 26.13  ? 36  G   B N9    1 
ATOM   696 C C8    . G   B 1 13 ? 4.984   -6.213  -0.346  1.00 14.76  ? 36  G   B C8    1 
ATOM   697 N N7    . G   B 1 13 ? 4.042   -5.562  -0.960  1.00 30.74  ? 36  G   B N7    1 
ATOM   698 C C5    . G   B 1 13 ? 2.932   -5.712  -0.141  1.00 23.13  ? 36  G   B C5    1 
ATOM   699 C C6    . G   B 1 13 ? 1.594   -5.227  -0.293  1.00 24.15  ? 36  G   B C6    1 
ATOM   700 O O6    . G   B 1 13 ? 1.129   -4.524  -1.200  1.00 26.01  ? 36  G   B O6    1 
ATOM   701 N N1    . G   B 1 13 ? 0.779   -5.632  0.762   1.00 6.35   ? 36  G   B N1    1 
ATOM   702 C C2    . G   B 1 13 ? 1.207   -6.370  1.834   1.00 13.75  ? 36  G   B C2    1 
ATOM   703 N N2    . G   B 1 13 ? 0.292   -6.645  2.755   1.00 24.69  ? 36  G   B N2    1 
ATOM   704 N N3    . G   B 1 13 ? 2.455   -6.808  1.993   1.00 13.19  ? 36  G   B N3    1 
ATOM   705 C C4    . G   B 1 13 ? 3.247   -6.451  0.969   1.00 13.56  ? 36  G   B C4    1 
ATOM   706 P P     . U   B 1 14 ? 4.617   -12.129 0.049   1.00 41.90  ? 37  U   B P     1 
ATOM   707 O OP1   . U   B 1 14 ? 5.254   -13.444 0.271   1.00 51.52  ? 37  U   B OP1   1 
ATOM   708 O OP2   . U   B 1 14 ? 4.337   -11.669 -1.342  1.00 44.69  ? 37  U   B OP2   1 
ATOM   709 O "O5'" . U   B 1 14 ? 3.267   -12.116 0.886   1.00 37.51  ? 37  U   B "O5'" 1 
ATOM   710 C "C5'" . U   B 1 14 ? 3.300   -12.279 2.292   1.00 35.00  ? 37  U   B "C5'" 1 
ATOM   711 C "C4'" . U   B 1 14 ? 1.974   -11.893 2.902   1.00 36.44  ? 37  U   B "C4'" 1 
ATOM   712 O "O4'" . U   B 1 14 ? 1.759   -10.459 2.750   1.00 37.99  ? 37  U   B "O4'" 1 
ATOM   713 C "C3'" . U   B 1 14 ? 0.762   -12.477 2.213   1.00 37.65  ? 37  U   B "C3'" 1 
ATOM   714 O "O3'" . U   B 1 14 ? 0.471   -13.799 2.571   1.00 41.02  ? 37  U   B "O3'" 1 
ATOM   715 C "C2'" . U   B 1 14 ? -0.340  -11.539 2.642   1.00 37.41  ? 37  U   B "C2'" 1 
ATOM   716 O "O2'" . U   B 1 14 ? -0.645  -11.808 3.990   1.00 19.71  ? 37  U   B "O2'" 1 
ATOM   717 C "C1'" . U   B 1 14 ? 0.374   -10.198 2.554   1.00 33.79  ? 37  U   B "C1'" 1 
ATOM   718 N N1    . U   B 1 14 ? 0.183   -9.509  1.263   1.00 23.49  ? 37  U   B N1    1 
ATOM   719 C C2    . U   B 1 14 ? -1.079  -9.024  0.979   1.00 11.55  ? 37  U   B C2    1 
ATOM   720 O O2    . U   B 1 14 ? -2.047  -9.225  1.702   1.00 20.45  ? 37  U   B O2    1 
ATOM   721 N N3    . U   B 1 14 ? -1.173  -8.300  -0.186  1.00 16.95  ? 37  U   B N3    1 
ATOM   722 C C4    . U   B 1 14 ? -0.165  -8.027  -1.081  1.00 39.17  ? 37  U   B C4    1 
ATOM   723 O O4    . U   B 1 14 ? -0.404  -7.336  -2.078  1.00 55.52  ? 37  U   B O4    1 
ATOM   724 C C5    . U   B 1 14 ? 1.102   -8.603  -0.741  1.00 33.13  ? 37  U   B C5    1 
ATOM   725 C C6    . U   B 1 14 ? 1.227   -9.314  0.385   1.00 29.84  ? 37  U   B C6    1 
ATOM   726 P P     . G   B 1 15 ? -0.201  -14.751 1.470   1.00 43.26  ? 38  G   B P     1 
ATOM   727 O OP1   . G   B 1 15 ? -0.111  -16.120 2.059   1.00 40.65  ? 38  G   B OP1   1 
ATOM   728 O OP2   . G   B 1 15 ? 0.448   -14.443 0.169   1.00 19.46  ? 38  G   B OP2   1 
ATOM   729 O "O5'" . G   B 1 15 ? -1.713  -14.261 1.384   1.00 17.03  ? 38  G   B "O5'" 1 
ATOM   730 C "C5'" . G   B 1 15 ? -2.501  -14.196 2.552   1.00 16.39  ? 38  G   B "C5'" 1 
ATOM   731 C "C4'" . G   B 1 15 ? -3.871  -13.678 2.229   1.00 34.05  ? 38  G   B "C4'" 1 
ATOM   732 O "O4'" . G   B 1 15 ? -3.846  -12.252 1.941   1.00 45.19  ? 38  G   B "O4'" 1 
ATOM   733 C "C3'" . G   B 1 15 ? -4.458  -14.291 0.987   1.00 38.37  ? 38  G   B "C3'" 1 
ATOM   734 O "O3'" . G   B 1 15 ? -4.975  -15.544 1.366   1.00 49.66  ? 38  G   B "O3'" 1 
ATOM   735 C "C2'" . G   B 1 15 ? -5.510  -13.258 0.590   1.00 27.67  ? 38  G   B "C2'" 1 
ATOM   736 O "O2'" . G   B 1 15 ? -6.649  -13.326 1.423   1.00 31.66  ? 38  G   B "O2'" 1 
ATOM   737 C "C1'" . G   B 1 15 ? -4.797  -11.956 0.934   1.00 15.57  ? 38  G   B "C1'" 1 
ATOM   738 N N9    . G   B 1 15 ? -4.084  -11.326 -0.162  1.00 11.09  ? 38  G   B N9    1 
ATOM   739 C C8    . G   B 1 15 ? -2.786  -11.538 -0.524  1.00 23.71  ? 38  G   B C8    1 
ATOM   740 N N7    . G   B 1 15 ? -2.398  -10.775 -1.508  1.00 29.13  ? 38  G   B N7    1 
ATOM   741 C C5    . G   B 1 15 ? -3.518  -10.028 -1.820  1.00 13.33  ? 38  G   B C5    1 
ATOM   742 C C6    . G   B 1 15 ? -3.708  -9.048  -2.818  1.00 23.95  ? 38  G   B C6    1 
ATOM   743 O O6    . G   B 1 15 ? -2.885  -8.625  -3.646  1.00 29.38  ? 38  G   B O6    1 
ATOM   744 N N1    . G   B 1 15 ? -5.007  -8.553  -2.802  1.00 16.28  ? 38  G   B N1    1 
ATOM   745 C C2    . G   B 1 15 ? -5.992  -8.959  -1.927  1.00 31.44  ? 38  G   B C2    1 
ATOM   746 N N2    . G   B 1 15 ? -7.180  -8.377  -2.051  1.00 40.79  ? 38  G   B N2    1 
ATOM   747 N N3    . G   B 1 15 ? -5.822  -9.873  -0.993  1.00 23.96  ? 38  G   B N3    1 
ATOM   748 C C4    . G   B 1 15 ? -4.570  -10.364 -1.002  1.00 22.02  ? 38  G   B C4    1 
ATOM   749 P P     . A   B 1 16 ? -5.072  -16.724 0.288   1.00 48.29  ? 39  A   B P     1 
ATOM   750 O OP1   . A   B 1 16 ? -4.462  -17.934 0.895   1.00 58.16  ? 39  A   B OP1   1 
ATOM   751 O OP2   . A   B 1 16 ? -4.558  -16.212 -1.008  1.00 40.14  ? 39  A   B OP2   1 
ATOM   752 O "O5'" . A   B 1 16 ? -6.637  -16.976 0.161   1.00 43.60  ? 39  A   B "O5'" 1 
ATOM   753 C "C5'" . A   B 1 16 ? -7.366  -16.478 -0.948  1.00 35.53  ? 39  A   B "C5'" 1 
ATOM   754 C "C4'" . A   B 1 16 ? -8.235  -17.569 -1.516  1.00 32.55  ? 39  A   B "C4'" 1 
ATOM   755 O "O4'" . A   B 1 16 ? -9.178  -18.011 -0.509  1.00 30.55  ? 39  A   B "O4'" 1 
ATOM   756 C "C3'" . A   B 1 16 ? -9.102  -17.160 -2.688  1.00 29.25  ? 39  A   B "C3'" 1 
ATOM   757 O "O3'" . A   B 1 16 ? -8.333  -17.251 -3.879  1.00 32.78  ? 39  A   B "O3'" 1 
ATOM   758 C "C2'" . A   B 1 16 ? -10.214 -18.206 -2.644  1.00 42.31  ? 39  A   B "C2'" 1 
ATOM   759 O "O2'" . A   B 1 16 ? -9.843  -19.429 -3.251  1.00 40.25  ? 39  A   B "O2'" 1 
ATOM   760 C "C1'" . A   B 1 16 ? -10.378 -18.423 -1.136  1.00 34.43  ? 39  A   B "C1'" 1 
ATOM   761 N N9    . A   B 1 16 ? -11.483 -17.682 -0.530  1.00 37.13  ? 39  A   B N9    1 
ATOM   762 C C8    . A   B 1 16 ? -11.458 -16.413 -0.012  1.00 38.98  ? 39  A   B C8    1 
ATOM   763 N N7    . A   B 1 16 ? -12.605 -16.027 0.492   1.00 46.43  ? 39  A   B N7    1 
ATOM   764 C C5    . A   B 1 16 ? -13.442 -17.113 0.287   1.00 29.41  ? 39  A   B C5    1 
ATOM   765 C C6    . A   B 1 16 ? -14.794 -17.339 0.599   1.00 38.58  ? 39  A   B C6    1 
ATOM   766 N N6    . A   B 1 16 ? -15.572 -16.445 1.213   1.00 47.99  ? 39  A   B N6    1 
ATOM   767 N N1    . A   B 1 16 ? -15.328 -18.530 0.254   1.00 33.26  ? 39  A   B N1    1 
ATOM   768 C C2    . A   B 1 16 ? -14.548 -19.426 -0.359  1.00 35.39  ? 39  A   B C2    1 
ATOM   769 N N3    . A   B 1 16 ? -13.265 -19.333 -0.702  1.00 38.21  ? 39  A   B N3    1 
ATOM   770 C C4    . A   B 1 16 ? -12.766 -18.138 -0.348  1.00 32.80  ? 39  A   B C4    1 
ATOM   771 P P     . A   B 1 17 ? -8.142  -15.955 -4.806  1.00 47.24  ? 40  A   B P     1 
ATOM   772 O OP1   . A   B 1 17 ? -6.720  -15.896 -5.231  1.00 30.86  ? 40  A   B OP1   1 
ATOM   773 O OP2   . A   B 1 17 ? -8.748  -14.796 -4.102  1.00 46.39  ? 40  A   B OP2   1 
ATOM   774 O "O5'" . A   B 1 17 ? -9.031  -16.280 -6.084  1.00 37.65  ? 40  A   B "O5'" 1 
ATOM   775 C "C5'" . A   B 1 17 ? -9.056  -17.591 -6.643  1.00 35.09  ? 40  A   B "C5'" 1 
ATOM   776 C "C4'" . A   B 1 17 ? -10.465 -17.947 -7.035  1.00 28.35  ? 40  A   B "C4'" 1 
ATOM   777 O "O4'" . A   B 1 17 ? -11.262 -18.115 -5.839  1.00 31.75  ? 40  A   B "O4'" 1 
ATOM   778 C "C3'" . A   B 1 17 ? -11.170 -16.864 -7.834  1.00 27.77  ? 40  A   B "C3'" 1 
ATOM   779 O "O3'" . A   B 1 17 ? -10.898 -17.051 -9.223  1.00 37.24  ? 40  A   B "O3'" 1 
ATOM   780 C "C2'" . A   B 1 17 ? -12.643 -17.099 -7.502  1.00 31.78  ? 40  A   B "C2'" 1 
ATOM   781 O "O2'" . A   B 1 17 ? -13.264 -18.053 -8.338  1.00 53.62  ? 40  A   B "O2'" 1 
ATOM   782 C "C1'" . A   B 1 17 ? -12.571 -17.639 -6.069  1.00 34.11  ? 40  A   B "C1'" 1 
ATOM   783 N N9    . A   B 1 17 ? -12.896 -16.673 -5.022  1.00 37.89  ? 40  A   B N9    1 
ATOM   784 C C8    . A   B 1 17 ? -12.282 -15.478 -4.733  1.00 29.30  ? 40  A   B C8    1 
ATOM   785 N N7    . A   B 1 17 ? -12.819 -14.839 -3.721  1.00 32.25  ? 40  A   B N7    1 
ATOM   786 C C5    . A   B 1 17 ? -13.856 -15.670 -3.316  1.00 30.48  ? 40  A   B C5    1 
ATOM   787 C C6    . A   B 1 17 ? -14.810 -15.562 -2.289  1.00 28.95  ? 40  A   B C6    1 
ATOM   788 N N6    . A   B 1 17 ? -14.881 -14.531 -1.446  1.00 48.18  ? 40  A   B N6    1 
ATOM   789 N N1    . A   B 1 17 ? -15.703 -16.567 -2.155  1.00 36.50  ? 40  A   B N1    1 
ATOM   790 C C2    . A   B 1 17 ? -15.632 -17.603 -2.999  1.00 27.97  ? 40  A   B C2    1 
ATOM   791 N N3    . A   B 1 17 ? -14.785 -17.817 -4.000  1.00 24.53  ? 40  A   B N3    1 
ATOM   792 C C4    . A   B 1 17 ? -13.913 -16.801 -4.107  1.00 30.68  ? 40  A   B C4    1 
ATOM   793 P P     . G   B 1 18 ? -9.796  -16.136 -9.961  1.00 55.90  ? 41  G   B P     1 
ATOM   794 O OP1   . G   B 1 18 ? -9.756  -16.560 -11.382 1.00 56.24  ? 41  G   B OP1   1 
ATOM   795 O OP2   . G   B 1 18 ? -8.544  -16.143 -9.167  1.00 53.45  ? 41  G   B OP2   1 
ATOM   796 O "O5'" . G   B 1 18 ? -10.416 -14.671 -9.903  1.00 53.45  ? 41  G   B "O5'" 1 
ATOM   797 C "C5'" . G   B 1 18 ? -11.759 -14.430 -10.314 1.00 54.65  ? 41  G   B "C5'" 1 
ATOM   798 C "C4'" . G   B 1 18 ? -11.866 -13.068 -10.946 1.00 53.65  ? 41  G   B "C4'" 1 
ATOM   799 O "O4'" . G   B 1 18 ? -11.453 -12.073 -9.970  1.00 58.97  ? 41  G   B "O4'" 1 
ATOM   800 C "C3'" . G   B 1 18 ? -10.948 -12.842 -12.137 1.00 54.61  ? 41  G   B "C3'" 1 
ATOM   801 O "O3'" . G   B 1 18 ? -11.562 -13.271 -13.347 1.00 49.62  ? 41  G   B "O3'" 1 
ATOM   802 C "C2'" . G   B 1 18 ? -10.758 -11.334 -12.102 1.00 58.80  ? 41  G   B "C2'" 1 
ATOM   803 O "O2'" . G   B 1 18 ? -11.878 -10.645 -12.622 1.00 56.86  ? 41  G   B "O2'" 1 
ATOM   804 C "C1'" . G   B 1 18 ? -10.643 -11.093 -10.598 1.00 58.49  ? 41  G   B "C1'" 1 
ATOM   805 N N9    . G   B 1 18 ? -9.280  -11.279 -10.115 1.00 48.31  ? 41  G   B N9    1 
ATOM   806 C C8    . G   B 1 18 ? -8.842  -12.242 -9.240  1.00 48.66  ? 41  G   B C8    1 
ATOM   807 N N7    . G   B 1 18 ? -7.560  -12.184 -9.014  1.00 43.85  ? 41  G   B N7    1 
ATOM   808 C C5    . G   B 1 18 ? -7.122  -11.115 -9.782  1.00 31.67  ? 41  G   B C5    1 
ATOM   809 C C6    . G   B 1 18 ? -5.823  -10.579 -9.947  1.00 37.49  ? 41  G   B C6    1 
ATOM   810 O O6    . G   B 1 18 ? -4.764  -10.953 -9.431  1.00 39.51  ? 41  G   B O6    1 
ATOM   811 N N1    . G   B 1 18 ? -5.825  -9.492  -10.815 1.00 31.27  ? 41  G   B N1    1 
ATOM   812 C C2    . G   B 1 18 ? -6.935  -8.987  -11.445 1.00 35.80  ? 41  G   B C2    1 
ATOM   813 N N2    . G   B 1 18 ? -6.731  -7.930  -12.246 1.00 34.11  ? 41  G   B N2    1 
ATOM   814 N N3    . G   B 1 18 ? -8.156  -9.483  -11.302 1.00 29.93  ? 41  G   B N3    1 
ATOM   815 C C4    . G   B 1 18 ? -8.174  -10.539 -10.462 1.00 36.37  ? 41  G   B C4    1 
ATOM   816 P P     . U   B 1 19 ? -10.648 -13.616 -14.623 1.00 49.44  ? 42  U   B P     1 
ATOM   817 O OP1   . U   B 1 19 ? -11.559 -13.843 -15.775 1.00 52.40  ? 42  U   B OP1   1 
ATOM   818 O OP2   . U   B 1 19 ? -9.673  -14.669 -14.241 1.00 53.04  ? 42  U   B OP2   1 
ATOM   819 O "O5'" . U   B 1 19 ? -9.846  -12.268 -14.889 1.00 45.37  ? 42  U   B "O5'" 1 
ATOM   820 C "C5'" . U   B 1 19 ? -10.526 -11.085 -15.288 1.00 40.63  ? 42  U   B "C5'" 1 
ATOM   821 C "C4'" . U   B 1 19 ? -9.536  -10.059 -15.775 1.00 39.84  ? 42  U   B "C4'" 1 
ATOM   822 O "O4'" . U   B 1 19 ? -8.684  -9.647  -14.676 1.00 43.60  ? 42  U   B "O4'" 1 
ATOM   823 C "C3'" . U   B 1 19 ? -8.561  -10.568 -16.820 1.00 39.98  ? 42  U   B "C3'" 1 
ATOM   824 O "O3'" . U   B 1 19 ? -9.150  -10.537 -18.113 1.00 48.79  ? 42  U   B "O3'" 1 
ATOM   825 C "C2'" . U   B 1 19 ? -7.397  -9.597  -16.673 1.00 40.22  ? 42  U   B "C2'" 1 
ATOM   826 O "O2'" . U   B 1 19 ? -7.609  -8.360  -17.324 1.00 45.44  ? 42  U   B "O2'" 1 
ATOM   827 C "C1'" . U   B 1 19 ? -7.377  -9.380  -15.159 1.00 44.12  ? 42  U   B "C1'" 1 
ATOM   828 N N1    . U   B 1 19 ? -6.434  -10.260 -14.456 1.00 33.96  ? 42  U   B N1    1 
ATOM   829 C C2    . U   B 1 19 ? -5.098  -9.911  -14.472 1.00 41.58  ? 42  U   B C2    1 
ATOM   830 O O2    . U   B 1 19 ? -4.682  -8.922  -15.050 1.00 36.15  ? 42  U   B O2    1 
ATOM   831 N N3    . U   B 1 19 ? -4.268  -10.763 -13.789 1.00 43.80  ? 42  U   B N3    1 
ATOM   832 C C4    . U   B 1 19 ? -4.629  -11.906 -13.109 1.00 39.86  ? 42  U   B C4    1 
ATOM   833 O O4    . U   B 1 19 ? -3.763  -12.568 -12.539 1.00 45.89  ? 42  U   B O4    1 
ATOM   834 C C5    . U   B 1 19 ? -6.027  -12.205 -13.141 1.00 27.08  ? 42  U   B C5    1 
ATOM   835 C C6    . U   B 1 19 ? -6.861  -11.392 -13.798 1.00 30.83  ? 42  U   B C6    1 
ATOM   836 P P     . C   B 1 20 ? -8.566  -11.480 -19.273 1.00 51.67  ? 43  C   B P     1 
ATOM   837 O OP1   . C   B 1 20 ? -9.501  -11.395 -20.424 1.00 49.87  ? 43  C   B OP1   1 
ATOM   838 O OP2   . C   B 1 20 ? -8.241  -12.807 -18.691 1.00 51.19  ? 43  C   B OP2   1 
ATOM   839 O "O5'" . C   B 1 20 ? -7.210  -10.755 -19.677 1.00 31.70  ? 43  C   B "O5'" 1 
ATOM   840 C "C5'" . C   B 1 20 ? -7.224  -9.414  -20.149 1.00 42.41  ? 43  C   B "C5'" 1 
ATOM   841 C "C4'" . C   B 1 20 ? -5.815  -8.906  -20.297 1.00 55.53  ? 43  C   B "C4'" 1 
ATOM   842 O "O4'" . C   B 1 20 ? -5.225  -8.690  -18.988 1.00 58.36  ? 43  C   B "O4'" 1 
ATOM   843 C "C3'" . C   B 1 20 ? -4.872  -9.880  -20.974 1.00 61.09  ? 43  C   B "C3'" 1 
ATOM   844 O "O3'" . C   B 1 20 ? -4.988  -9.815  -22.385 1.00 72.54  ? 43  C   B "O3'" 1 
ATOM   845 C "C2'" . C   B 1 20 ? -3.516  -9.416  -20.460 1.00 58.98  ? 43  C   B "C2'" 1 
ATOM   846 O "O2'" . C   B 1 20 ? -3.031  -8.268  -21.125 1.00 56.78  ? 43  C   B "O2'" 1 
ATOM   847 C "C1'" . C   B 1 20 ? -3.861  -9.081  -19.008 1.00 49.52  ? 43  C   B "C1'" 1 
ATOM   848 N N1    . C   B 1 20 ? -3.718  -10.249 -18.131 1.00 52.21  ? 43  C   B N1    1 
ATOM   849 C C2    . C   B 1 20 ? -2.480  -10.498 -17.541 1.00 41.09  ? 43  C   B C2    1 
ATOM   850 O O2    . C   B 1 20 ? -1.543  -9.721  -17.770 1.00 51.49  ? 43  C   B O2    1 
ATOM   851 N N3    . C   B 1 20 ? -2.338  -11.576 -16.736 1.00 30.42  ? 43  C   B N3    1 
ATOM   852 C C4    . C   B 1 20 ? -3.377  -12.386 -16.516 1.00 36.18  ? 43  C   B C4    1 
ATOM   853 N N4    . C   B 1 20 ? -3.192  -13.438 -15.715 1.00 42.74  ? 43  C   B N4    1 
ATOM   854 C C5    . C   B 1 20 ? -4.650  -12.153 -17.106 1.00 40.62  ? 43  C   B C5    1 
ATOM   855 C C6    . C   B 1 20 ? -4.775  -11.084 -17.898 1.00 49.53  ? 43  C   B C6    1 
ATOM   856 P P     . G   B 1 21 ? -4.310  -10.957 -23.279 1.00 72.37  ? 44  G   B P     1 
ATOM   857 O OP1   . G   B 1 21 ? -4.871  -10.818 -24.645 1.00 75.64  ? 44  G   B OP1   1 
ATOM   858 O OP2   . G   B 1 21 ? -4.461  -12.250 -22.555 1.00 65.42  ? 44  G   B OP2   1 
ATOM   859 O "O5'" . G   B 1 21 ? -2.783  -10.516 -23.301 1.00 64.61  ? 44  G   B "O5'" 1 
ATOM   860 C "C5'" . G   B 1 21 ? -1.777  -11.456 -23.591 1.00 71.11  ? 44  G   B "C5'" 1 
ATOM   861 C "C4'" . G   B 1 21 ? -0.468  -11.013 -23.014 1.00 70.56  ? 44  G   B "C4'" 1 
ATOM   862 O "O4'" . G   B 1 21 ? -0.646  -10.605 -21.641 1.00 74.75  ? 44  G   B "O4'" 1 
ATOM   863 C "C3'" . G   B 1 21 ? 0.591   -12.084 -22.960 1.00 76.04  ? 44  G   B "C3'" 1 
ATOM   864 O "O3'" . G   B 1 21 ? 1.196   -12.226 -24.218 1.00 83.17  ? 44  G   B "O3'" 1 
ATOM   865 C "C2'" . G   B 1 21 ? 1.494   -11.576 -21.855 1.00 75.44  ? 44  G   B "C2'" 1 
ATOM   866 O "O2'" . G   B 1 21 ? 2.304   -10.510 -22.297 1.00 71.92  ? 44  G   B "O2'" 1 
ATOM   867 C "C1'" . G   B 1 21 ? 0.447   -11.069 -20.867 1.00 71.64  ? 44  G   B "C1'" 1 
ATOM   868 N N9    . G   B 1 21 ? -0.070  -12.197 -20.103 1.00 63.47  ? 44  G   B N9    1 
ATOM   869 C C8    . G   B 1 21 ? -1.393  -12.519 -19.930 1.00 60.46  ? 44  G   B C8    1 
ATOM   870 N N7    . G   B 1 21 ? -1.570  -13.604 -19.233 1.00 54.63  ? 44  G   B N7    1 
ATOM   871 C C5    . G   B 1 21 ? -0.288  -14.019 -18.923 1.00 46.62  ? 44  G   B C5    1 
ATOM   872 C C6    . G   B 1 21 ? 0.139   -15.130 -18.197 1.00 44.95  ? 44  G   B C6    1 
ATOM   873 O O6    . G   B 1 21 ? -0.552  -16.000 -17.670 1.00 57.36  ? 44  G   B O6    1 
ATOM   874 N N1    . G   B 1 21 ? 1.521   -15.190 -18.111 1.00 42.75  ? 44  G   B N1    1 
ATOM   875 C C2    . G   B 1 21 ? 2.383   -14.286 -18.672 1.00 54.75  ? 44  G   B C2    1 
ATOM   876 N N2    . G   B 1 21 ? 3.686   -14.523 -18.488 1.00 64.51  ? 44  G   B N2    1 
ATOM   877 N N3    . G   B 1 21 ? 1.992   -13.230 -19.364 1.00 48.32  ? 44  G   B N3    1 
ATOM   878 C C4    . G   B 1 21 ? 0.650   -13.161 -19.448 1.00 50.98  ? 44  G   B C4    1 
ATOM   879 P P     . C   B 1 22 ? 0.921   -13.561 -25.059 1.00 84.82  ? 45  C   B P     1 
ATOM   880 O OP1   . C   B 1 22 ? 1.154   -13.191 -26.480 1.00 83.95  ? 45  C   B OP1   1 
ATOM   881 O OP2   . C   B 1 22 ? -0.398  -14.136 -24.648 1.00 74.91  ? 45  C   B OP2   1 
ATOM   882 O "O5'" . C   B 1 22 ? 2.076   -14.537 -24.556 1.00 83.58  ? 45  C   B "O5'" 1 
ATOM   883 C "C5'" . C   B 1 22 ? 3.421   -14.081 -24.492 1.00 79.10  ? 45  C   B "C5'" 1 
ATOM   884 C "C4'" . C   B 1 22 ? 4.200   -14.855 -23.459 1.00 75.09  ? 45  C   B "C4'" 1 
ATOM   885 O "O4'" . C   B 1 22 ? 3.554   -14.694 -22.165 1.00 74.69  ? 45  C   B "O4'" 1 
ATOM   886 C "C3'" . C   B 1 22 ? 4.221   -16.363 -23.659 1.00 73.57  ? 45  C   B "C3'" 1 
ATOM   887 O "O3'" . C   B 1 22 ? 5.070   -16.858 -24.696 1.00 77.10  ? 45  C   B "O3'" 1 
ATOM   888 C "C2'" . C   B 1 22 ? 4.519   -16.875 -22.255 1.00 71.19  ? 45  C   B "C2'" 1 
ATOM   889 O "O2'" . C   B 1 22 ? 5.893   -16.818 -21.901 1.00 58.35  ? 45  C   B "O2'" 1 
ATOM   890 C "C1'" . C   B 1 22 ? 3.715   -15.886 -21.410 1.00 66.69  ? 45  C   B "C1'" 1 
ATOM   891 N N1    . C   B 1 22 ? 2.398   -16.414 -21.012 1.00 53.07  ? 45  C   B N1    1 
ATOM   892 C C2    . C   B 1 22 ? 2.391   -17.426 -20.069 1.00 46.33  ? 45  C   B C2    1 
ATOM   893 O O2    . C   B 1 22 ? 3.485   -17.803 -19.628 1.00 50.53  ? 45  C   B O2    1 
ATOM   894 N N3    . C   B 1 22 ? 1.213   -17.965 -19.661 1.00 34.93  ? 45  C   B N3    1 
ATOM   895 C C4    . C   B 1 22 ? 0.064   -17.507 -20.172 1.00 40.34  ? 45  C   B C4    1 
ATOM   896 N N4    . C   B 1 22 ? -1.086  -18.060 -19.740 1.00 23.21  ? 45  C   B N4    1 
ATOM   897 C C5    . C   B 1 22 ? 0.040   -16.457 -21.149 1.00 33.90  ? 45  C   B C5    1 
ATOM   898 C C6    . C   B 1 22 ? 1.222   -15.946 -21.539 1.00 40.21  ? 45  C   B C6    1 
HETATM 899 C C11   . LLL C 2 .  ? 4.493   12.453  6.073   1.00 58.64  ? 50  LLL A C11   1 
HETATM 900 O O11   . LLL C 2 .  ? 4.602   13.433  7.138   1.00 64.27  ? 50  LLL A O11   1 
HETATM 901 C C21   . LLL C 2 .  ? 5.824   11.710  5.915   1.00 55.13  ? 50  LLL A C21   1 
HETATM 902 N N21   . LLL C 2 .  ? 6.171   11.124  7.172   1.00 46.19  ? 50  LLL A N21   1 
HETATM 903 C C31   . LLL C 2 .  ? 6.937   12.685  5.399   1.00 49.73  ? 50  LLL A C31   1 
HETATM 904 C C41   . LLL C 2 .  ? 6.482   13.248  4.016   1.00 63.62  ? 50  LLL A C41   1 
HETATM 905 C C51   . LLL C 2 .  ? 5.085   13.989  4.204   1.00 61.98  ? 50  LLL A C51   1 
HETATM 906 O O51   . LLL C 2 .  ? 4.076   13.122  4.810   1.00 57.03  ? 50  LLL A O51   1 
HETATM 907 C C61   . LLL C 2 .  ? 4.535   14.600  2.937   1.00 63.14  ? 50  LLL A C61   1 
HETATM 908 N N61   . LLL C 2 .  ? 3.204   14.132  2.651   1.00 62.57  ? 50  LLL A N61   1 
HETATM 909 C C12   . LLL C 2 .  ? 2.157   14.696  10.414  1.00 67.43  ? 50  LLL A C12   1 
HETATM 910 N N12   . LLL C 2 .  ? 0.983   14.969  11.184  1.00 69.13  ? 50  LLL A N12   1 
HETATM 911 C C22   . LLL C 2 .  ? 2.128   15.542  9.100   1.00 66.50  ? 50  LLL A C22   1 
HETATM 912 C C32   . LLL C 2 .  ? 3.412   15.242  8.243   1.00 67.37  ? 50  LLL A C32   1 
HETATM 913 N N32   . LLL C 2 .  ? 3.390   16.036  7.005   1.00 75.63  ? 50  LLL A N32   1 
HETATM 914 C C42   . LLL C 2 .  ? 3.479   13.701  7.915   1.00 65.70  ? 50  LLL A C42   1 
HETATM 915 C C52   . LLL C 2 .  ? 3.504   12.875  9.259   1.00 65.53  ? 50  LLL A C52   1 
HETATM 916 O O52   . LLL C 2 .  ? 3.568   11.479  8.985   1.00 62.30  ? 50  LLL A O52   1 
HETATM 917 C C62   . LLL C 2 .  ? 2.217   13.189  10.100  1.00 69.53  ? 50  LLL A C62   1 
HETATM 918 O O62   . LLL C 2 .  ? 2.263   12.442  11.310  1.00 73.20  ? 50  LLL A O62   1 
HETATM 919 C C13   . LLL C 2 .  ? 1.081   11.840  11.918  1.00 79.11  ? 50  LLL A C13   1 
HETATM 920 C C23   . LLL C 2 .  ? 1.404   11.698  13.422  1.00 83.65  ? 50  LLL A C23   1 
HETATM 921 O O23   . LLL C 2 .  ? 1.670   12.977  13.955  1.00 76.40  ? 50  LLL A O23   1 
HETATM 922 C C33   . LLL C 2 .  ? 2.648   10.730  13.565  1.00 87.68  ? 50  LLL A C33   1 
HETATM 923 N N33   . LLL C 2 .  ? 3.060   10.574  14.999  1.00 93.47  ? 50  LLL A N33   1 
HETATM 924 C C43   . LLL C 2 .  ? 2.306   9.281   12.927  1.00 87.93  ? 50  LLL A C43   1 
HETATM 925 O O43   . LLL C 2 .  ? 1.239   8.657   13.610  1.00 88.57  ? 50  LLL A O43   1 
HETATM 926 C C53   . LLL C 2 .  ? 1.871   9.469   11.440  1.00 85.25  ? 50  LLL A C53   1 
HETATM 927 O O53   . LLL C 2 .  ? 0.786   10.500  11.333  1.00 78.74  ? 50  LLL A O53   1 
HETATM 928 C C83   . LLL C 2 .  ? 3.419   8.225   12.971  1.00 87.26  ? 50  LLL A C83   1 
HETATM 929 C C93   . LLL C 2 .  ? 3.857   11.661  15.590  1.00 95.06  ? 50  LLL A C93   1 
HETATM 930 C C11   . LLL D 2 .  ? -4.654  -12.143 -5.466  1.00 30.85  ? 51  LLL B C11   1 
HETATM 931 O O11   . LLL D 2 .  ? -4.761  -13.387 -6.189  1.00 33.31  ? 51  LLL B O11   1 
HETATM 932 C C21   . LLL D 2 .  ? -4.047  -12.459 -4.102  1.00 16.17  ? 51  LLL B C21   1 
HETATM 933 N N21   . LLL D 2 .  ? -2.771  -13.089 -4.321  1.00 23.18  ? 51  LLL B N21   1 
HETATM 934 C C31   . LLL D 2 .  ? -5.032  -13.375 -3.271  1.00 15.31  ? 51  LLL B C31   1 
HETATM 935 C C41   . LLL D 2 .  ? -6.366  -12.600 -3.075  1.00 47.38  ? 51  LLL B C41   1 
HETATM 936 C C51   . LLL D 2 .  ? -6.945  -12.241 -4.511  1.00 50.74  ? 51  LLL B C51   1 
HETATM 937 O O51   . LLL D 2 .  ? -5.987  -11.514 -5.339  1.00 41.45  ? 51  LLL B O51   1 
HETATM 938 C C61   . LLL D 2 .  ? -8.246  -11.484 -4.479  1.00 52.83  ? 51  LLL B C61   1 
HETATM 939 N N61   . LLL D 2 .  ? -8.136  -10.235 -5.189  1.00 60.33  ? 51  LLL B N61   1 
HETATM 940 C C12   . LLL D 2 .  ? -3.916  -14.939 -10.079 1.00 27.09  ? 51  LLL B C12   1 
HETATM 941 N N12   . LLL D 2 .  ? -3.812  -15.016 -11.505 1.00 31.08  ? 51  LLL B N12   1 
HETATM 942 C C22   . LLL D 2 .  ? -5.417  -14.727 -9.673  1.00 34.07  ? 51  LLL B C22   1 
HETATM 943 C C32   . LLL D 2 .  ? -5.532  -14.636 -8.104  1.00 38.42  ? 51  LLL B C32   1 
HETATM 944 N N32   . LLL D 2 .  ? -6.939  -14.436 -7.704  1.00 54.77  ? 51  LLL B N32   1 
HETATM 945 C C42   . LLL D 2 .  ? -4.636  -13.450 -7.575  1.00 33.43  ? 51  LLL B C42   1 
HETATM 946 C C52   . LLL D 2 .  ? -3.134  -13.692 -8.013  1.00 31.87  ? 51  LLL B C52   1 
HETATM 947 O O52   . LLL D 2 .  ? -2.300  -12.624 -7.552  1.00 37.51  ? 51  LLL B O52   1 
HETATM 948 C C62   . LLL D 2 .  ? -3.032  -13.778 -9.568  1.00 37.31  ? 51  LLL B C62   1 
HETATM 949 O O62   . LLL D 2 .  ? -1.684  -14.013 -9.930  1.00 40.86  ? 51  LLL B O62   1 
HETATM 950 C C13   . LLL D 2 .  ? -0.980  -13.204 -10.904 1.00 45.84  ? 51  LLL B C13   1 
HETATM 951 C C23   . LLL D 2 .  ? 0.060   -14.142 -11.555 1.00 48.95  ? 51  LLL B C23   1 
HETATM 952 O O23   . LLL D 2 .  ? -0.617  -15.212 -12.170 1.00 49.98  ? 51  LLL B O23   1 
HETATM 953 C C33   . LLL D 2 .  ? 1.041   -14.641 -10.422 1.00 51.29  ? 51  LLL B C33   1 
HETATM 954 N N33   . LLL D 2 .  ? 2.057   -15.603 -10.964 1.00 49.11  ? 51  LLL B N33   1 
HETATM 955 C C43   . LLL D 2 .  ? 1.778   -13.376 -9.735  1.00 48.12  ? 51  LLL B C43   1 
HETATM 956 O O43   . LLL D 2 .  ? 2.572   -12.666 -10.668 1.00 46.44  ? 51  LLL B O43   1 
HETATM 957 C C53   . LLL D 2 .  ? 0.696   -12.390 -9.186  1.00 45.52  ? 51  LLL B C53   1 
HETATM 958 O O53   . LLL D 2 .  ? -0.301  -12.051 -10.251 1.00 46.27  ? 51  LLL B O53   1 
HETATM 959 C C83   . LLL D 2 .  ? 2.757   -13.685 -8.604  1.00 46.84  ? 51  LLL B C83   1 
HETATM 960 C C93   . LLL D 2 .  ? 1.610   -16.986 -11.191 1.00 39.07  ? 51  LLL B C93   1 
HETATM 961 O O     . HOH E 3 .  ? -1.117  -6.341  -6.368  1.00 42.83  ? 102 HOH A O     1 
HETATM 962 O O     . HOH E 3 .  ? 1.321   1.243   3.762   1.00 27.42  ? 105 HOH A O     1 
HETATM 963 O O     . HOH E 3 .  ? 4.073   3.822   7.091   1.00 34.84  ? 106 HOH A O     1 
HETATM 964 O O     . HOH E 3 .  ? -0.332  1.426   -1.848  1.00 40.71  ? 107 HOH A O     1 
HETATM 965 O O     . HOH E 3 .  ? 0.861   0.289   0.916   1.00 33.79  ? 108 HOH A O     1 
HETATM 966 O O     . HOH F 3 .  ? 2.904   -3.890  -3.656  1.00 31.51  ? 101 HOH B O     1 
HETATM 967 O O     . HOH F 3 .  ? 2.027   -1.220  -2.357  1.00 27.15  ? 104 HOH B O     1 
HETATM 968 O O     . HOH F 3 .  ? 6.942   -6.221  4.759   1.00 55.02  ? 109 HOH B O     1 
# 
loop_
_pdbx_poly_seq_scheme.asym_id 
_pdbx_poly_seq_scheme.entity_id 
_pdbx_poly_seq_scheme.seq_id 
_pdbx_poly_seq_scheme.mon_id 
_pdbx_poly_seq_scheme.ndb_seq_num 
_pdbx_poly_seq_scheme.pdb_seq_num 
_pdbx_poly_seq_scheme.auth_seq_num 
_pdbx_poly_seq_scheme.pdb_mon_id 
_pdbx_poly_seq_scheme.auth_mon_id 
_pdbx_poly_seq_scheme.pdb_strand_id 
_pdbx_poly_seq_scheme.pdb_ins_code 
_pdbx_poly_seq_scheme.hetero 
A 1 1  C 1  1  ?  ? ? A . n 
A 1 2  G 2  2  2  G G A . n 
A 1 3  C 3  3  3  C C A . n 
A 1 4  G 4  4  4  G G A . n 
A 1 5  U 5  5  5  U U A . n 
A 1 6  C 6  6  6  C C A . n 
A 1 7  A 7  7  7  A A A . n 
A 1 8  C 8  8  8  C C A . n 
A 1 9  A 9  9  9  A A A . n 
A 1 10 C 10 10 10 C C A . n 
A 1 11 C 11 11 11 C C A . n 
A 1 12 G 12 12 12 G G A . n 
A 1 13 G 13 13 13 G G A . n 
A 1 14 U 14 14 14 U U A . n 
A 1 15 G 15 15 15 G G A . n 
A 1 16 A 16 16 16 A A A . n 
A 1 17 A 17 17 17 A A A . n 
A 1 18 G 18 18 18 G G A . n 
A 1 19 U 19 19 19 U U A . n 
A 1 20 C 20 20 20 C C A . n 
A 1 21 G 21 21 21 G G A . n 
A 1 22 C 22 22 22 C C A . n 
B 1 1  C 1  24 ?  ? ? B . n 
B 1 2  G 2  25 25 G G B . n 
B 1 3  C 3  26 26 C C B . n 
B 1 4  G 4  27 27 G G B . n 
B 1 5  U 5  28 28 U U B . n 
B 1 6  C 6  29 29 C C B . n 
B 1 7  A 7  30 30 A A B . n 
B 1 8  C 8  31 31 C C B . n 
B 1 9  A 9  32 32 A A B . n 
B 1 10 C 10 33 33 C C B . n 
B 1 11 C 11 34 34 C C B . n 
B 1 12 G 12 35 35 G G B . n 
B 1 13 G 13 36 36 G G B . n 
B 1 14 U 14 37 37 U U B . n 
B 1 15 G 15 38 38 G G B . n 
B 1 16 A 16 39 39 A A B . n 
B 1 17 A 17 40 40 A A B . n 
B 1 18 G 18 41 41 G G B . n 
B 1 19 U 19 42 42 U U B . n 
B 1 20 C 20 43 43 C C B . n 
B 1 21 G 21 44 44 G G B . n 
B 1 22 C 22 45 45 C C B . n 
# 
loop_
_pdbx_nonpoly_scheme.asym_id 
_pdbx_nonpoly_scheme.entity_id 
_pdbx_nonpoly_scheme.mon_id 
_pdbx_nonpoly_scheme.ndb_seq_num 
_pdbx_nonpoly_scheme.pdb_seq_num 
_pdbx_nonpoly_scheme.auth_seq_num 
_pdbx_nonpoly_scheme.pdb_mon_id 
_pdbx_nonpoly_scheme.auth_mon_id 
_pdbx_nonpoly_scheme.pdb_strand_id 
_pdbx_nonpoly_scheme.pdb_ins_code 
C 2 LLL 1 50  50  LLL LLL A . 
D 2 LLL 1 51  51  LLL LLL B . 
E 3 HOH 1 102 102 HOH HOH A . 
E 3 HOH 2 105 105 HOH HOH A . 
E 3 HOH 3 106 106 HOH HOH A . 
E 3 HOH 4 107 107 HOH HOH A . 
E 3 HOH 5 108 108 HOH HOH A . 
F 3 HOH 1 101 101 HOH HOH B . 
F 3 HOH 2 104 104 HOH HOH B . 
F 3 HOH 3 109 109 HOH HOH B . 
# 
_struct_site_keywords.site_id   1 
_struct_site_keywords.text      BIS-INTERCALATION 
# 
_pdbx_struct_assembly.id                   1 
_pdbx_struct_assembly.details              author_defined_assembly 
_pdbx_struct_assembly.method_details       ? 
_pdbx_struct_assembly.oligomeric_details   dimeric 
_pdbx_struct_assembly.oligomeric_count     2 
# 
_pdbx_struct_assembly_gen.assembly_id       1 
_pdbx_struct_assembly_gen.oper_expression   1 
_pdbx_struct_assembly_gen.asym_id_list      A,B,C,D,E,F 
# 
_pdbx_struct_oper_list.id                   1 
_pdbx_struct_oper_list.type                 'identity operation' 
_pdbx_struct_oper_list.name                 1_555 
_pdbx_struct_oper_list.symmetry_operation   x,y,z 
_pdbx_struct_oper_list.matrix[1][1]         1.0000000000 
_pdbx_struct_oper_list.matrix[1][2]         0.0000000000 
_pdbx_struct_oper_list.matrix[1][3]         0.0000000000 
_pdbx_struct_oper_list.vector[1]            0.0000000000 
_pdbx_struct_oper_list.matrix[2][1]         0.0000000000 
_pdbx_struct_oper_list.matrix[2][2]         1.0000000000 
_pdbx_struct_oper_list.matrix[2][3]         0.0000000000 
_pdbx_struct_oper_list.vector[2]            0.0000000000 
_pdbx_struct_oper_list.matrix[3][1]         0.0000000000 
_pdbx_struct_oper_list.matrix[3][2]         0.0000000000 
_pdbx_struct_oper_list.matrix[3][3]         1.0000000000 
_pdbx_struct_oper_list.vector[3]            0.0000000000 
# 
loop_
_pdbx_audit_revision_history.ordinal 
_pdbx_audit_revision_history.data_content_type 
_pdbx_audit_revision_history.major_revision 
_pdbx_audit_revision_history.minor_revision 
_pdbx_audit_revision_history.revision_date 
1 'Structure model' 1 0 2005-12-13 
2 'Structure model' 1 1 2008-05-01 
3 'Structure model' 1 2 2011-07-13 
4 'Structure model' 1 3 2023-08-23 
# 
_pdbx_audit_revision_details.ordinal             1 
_pdbx_audit_revision_details.revision_ordinal    1 
_pdbx_audit_revision_details.data_content_type   'Structure model' 
_pdbx_audit_revision_details.provider            repository 
_pdbx_audit_revision_details.type                'Initial release' 
_pdbx_audit_revision_details.description         ? 
_pdbx_audit_revision_details.details             ? 
# 
loop_
_pdbx_audit_revision_group.ordinal 
_pdbx_audit_revision_group.revision_ordinal 
_pdbx_audit_revision_group.data_content_type 
_pdbx_audit_revision_group.group 
1 2 'Structure model' 'Version format compliance' 
2 3 'Structure model' 'Version format compliance' 
3 4 'Structure model' 'Data collection'           
4 4 'Structure model' 'Database references'       
5 4 'Structure model' 'Derived calculations'      
6 4 'Structure model' 'Refinement description'    
7 4 'Structure model' 'Structure summary'         
# 
loop_
_pdbx_audit_revision_category.ordinal 
_pdbx_audit_revision_category.revision_ordinal 
_pdbx_audit_revision_category.data_content_type 
_pdbx_audit_revision_category.category 
1 4 'Structure model' chem_comp                     
2 4 'Structure model' chem_comp_atom                
3 4 'Structure model' chem_comp_bond                
4 4 'Structure model' database_2                    
5 4 'Structure model' entity                        
6 4 'Structure model' pdbx_entity_nonpoly           
7 4 'Structure model' pdbx_initial_refinement_model 
8 4 'Structure model' struct_site                   
# 
loop_
_pdbx_audit_revision_item.ordinal 
_pdbx_audit_revision_item.revision_ordinal 
_pdbx_audit_revision_item.data_content_type 
_pdbx_audit_revision_item.item 
1 4 'Structure model' '_chem_comp.name'                     
2 4 'Structure model' '_database_2.pdbx_DOI'                
3 4 'Structure model' '_database_2.pdbx_database_accession' 
4 4 'Structure model' '_entity.pdbx_description'            
5 4 'Structure model' '_pdbx_entity_nonpoly.name'           
6 4 'Structure model' '_struct_site.pdbx_auth_asym_id'      
7 4 'Structure model' '_struct_site.pdbx_auth_comp_id'      
8 4 'Structure model' '_struct_site.pdbx_auth_seq_id'       
# 
loop_
_software.name 
_software.classification 
_software.version 
_software.citation_id 
_software.pdbx_ordinal 
HKL-2000  'data collection' .   ? 1 
SCALEPACK 'data scaling'    .   ? 2 
AMoRE     phasing           .   ? 3 
CNS       refinement        1.1 ? 4 
HKL-2000  'data reduction'  .   ? 5 
# 
loop_
_pdbx_unobs_or_zero_occ_residues.id 
_pdbx_unobs_or_zero_occ_residues.PDB_model_num 
_pdbx_unobs_or_zero_occ_residues.polymer_flag 
_pdbx_unobs_or_zero_occ_residues.occupancy_flag 
_pdbx_unobs_or_zero_occ_residues.auth_asym_id 
_pdbx_unobs_or_zero_occ_residues.auth_comp_id 
_pdbx_unobs_or_zero_occ_residues.auth_seq_id 
_pdbx_unobs_or_zero_occ_residues.PDB_ins_code 
_pdbx_unobs_or_zero_occ_residues.label_asym_id 
_pdbx_unobs_or_zero_occ_residues.label_comp_id 
_pdbx_unobs_or_zero_occ_residues.label_seq_id 
1 1 Y 1 A C 1  ? A C 1 
2 1 Y 1 B C 24 ? B C 1 
# 
loop_
_chem_comp_atom.comp_id 
_chem_comp_atom.atom_id 
_chem_comp_atom.type_symbol 
_chem_comp_atom.pdbx_aromatic_flag 
_chem_comp_atom.pdbx_stereo_config 
_chem_comp_atom.pdbx_ordinal 
A   OP3    O N N 1   
A   P      P N N 2   
A   OP1    O N N 3   
A   OP2    O N N 4   
A   "O5'"  O N N 5   
A   "C5'"  C N N 6   
A   "C4'"  C N R 7   
A   "O4'"  O N N 8   
A   "C3'"  C N S 9   
A   "O3'"  O N N 10  
A   "C2'"  C N R 11  
A   "O2'"  O N N 12  
A   "C1'"  C N R 13  
A   N9     N Y N 14  
A   C8     C Y N 15  
A   N7     N Y N 16  
A   C5     C Y N 17  
A   C6     C Y N 18  
A   N6     N N N 19  
A   N1     N Y N 20  
A   C2     C Y N 21  
A   N3     N Y N 22  
A   C4     C Y N 23  
A   HOP3   H N N 24  
A   HOP2   H N N 25  
A   "H5'"  H N N 26  
A   "H5''" H N N 27  
A   "H4'"  H N N 28  
A   "H3'"  H N N 29  
A   "HO3'" H N N 30  
A   "H2'"  H N N 31  
A   "HO2'" H N N 32  
A   "H1'"  H N N 33  
A   H8     H N N 34  
A   H61    H N N 35  
A   H62    H N N 36  
A   H2     H N N 37  
C   OP3    O N N 38  
C   P      P N N 39  
C   OP1    O N N 40  
C   OP2    O N N 41  
C   "O5'"  O N N 42  
C   "C5'"  C N N 43  
C   "C4'"  C N R 44  
C   "O4'"  O N N 45  
C   "C3'"  C N S 46  
C   "O3'"  O N N 47  
C   "C2'"  C N R 48  
C   "O2'"  O N N 49  
C   "C1'"  C N R 50  
C   N1     N N N 51  
C   C2     C N N 52  
C   O2     O N N 53  
C   N3     N N N 54  
C   C4     C N N 55  
C   N4     N N N 56  
C   C5     C N N 57  
C   C6     C N N 58  
C   HOP3   H N N 59  
C   HOP2   H N N 60  
C   "H5'"  H N N 61  
C   "H5''" H N N 62  
C   "H4'"  H N N 63  
C   "H3'"  H N N 64  
C   "HO3'" H N N 65  
C   "H2'"  H N N 66  
C   "HO2'" H N N 67  
C   "H1'"  H N N 68  
C   H41    H N N 69  
C   H42    H N N 70  
C   H5     H N N 71  
C   H6     H N N 72  
G   OP3    O N N 73  
G   P      P N N 74  
G   OP1    O N N 75  
G   OP2    O N N 76  
G   "O5'"  O N N 77  
G   "C5'"  C N N 78  
G   "C4'"  C N R 79  
G   "O4'"  O N N 80  
G   "C3'"  C N S 81  
G   "O3'"  O N N 82  
G   "C2'"  C N R 83  
G   "O2'"  O N N 84  
G   "C1'"  C N R 85  
G   N9     N Y N 86  
G   C8     C Y N 87  
G   N7     N Y N 88  
G   C5     C Y N 89  
G   C6     C N N 90  
G   O6     O N N 91  
G   N1     N N N 92  
G   C2     C N N 93  
G   N2     N N N 94  
G   N3     N N N 95  
G   C4     C Y N 96  
G   HOP3   H N N 97  
G   HOP2   H N N 98  
G   "H5'"  H N N 99  
G   "H5''" H N N 100 
G   "H4'"  H N N 101 
G   "H3'"  H N N 102 
G   "HO3'" H N N 103 
G   "H2'"  H N N 104 
G   "HO2'" H N N 105 
G   "H1'"  H N N 106 
G   H8     H N N 107 
G   H1     H N N 108 
G   H21    H N N 109 
G   H22    H N N 110 
HOH O      O N N 111 
HOH H1     H N N 112 
HOH H2     H N N 113 
LLL C11    C N R 114 
LLL O11    O N N 115 
LLL C21    C N R 116 
LLL N21    N N N 117 
LLL C31    C N N 118 
LLL C41    C N N 119 
LLL C51    C N S 120 
LLL O51    O N N 121 
LLL C61    C N N 122 
LLL N61    N N N 123 
LLL C12    C N R 124 
LLL N12    N N N 125 
LLL C22    C N N 126 
LLL C32    C N S 127 
LLL N32    N N N 128 
LLL C42    C N R 129 
LLL C52    C N S 130 
LLL O52    O N N 131 
LLL C62    C N S 132 
LLL O62    O N N 133 
LLL C13    C N R 134 
LLL C23    C N R 135 
LLL O23    O N N 136 
LLL C33    C N R 137 
LLL N33    N N N 138 
LLL C43    C N R 139 
LLL O43    O N N 140 
LLL C53    C N N 141 
LLL O53    O N N 142 
LLL C83    C N N 143 
LLL C93    C N N 144 
LLL H11    H N N 145 
LLL H21    H N N 146 
LLL H211   H N N 147 
LLL H212   H N N 148 
LLL H311   H N N 149 
LLL H312   H N N 150 
LLL H411   H N N 151 
LLL H412   H N N 152 
LLL H51    H N N 153 
LLL H611   H N N 154 
LLL H612   H N N 155 
LLL H11A   H N N 156 
LLL H12A   H N N 157 
LLL H12    H N N 158 
LLL H121   H N N 159 
LLL H122   H N N 160 
LLL H221   H N N 161 
LLL H222   H N N 162 
LLL H32    H N N 163 
LLL H321   H N N 164 
LLL H322   H N N 165 
LLL H42    H N N 166 
LLL H52    H N N 167 
LLL H3     H N N 168 
LLL H62    H N N 169 
LLL H13    H N N 170 
LLL H23    H N N 171 
LLL H2     H N N 172 
LLL H1     H N N 173 
LLL H33    H N N 174 
LLL H43    H N N 175 
LLL H531   H N N 176 
LLL H532   H N N 177 
LLL H831   H N N 178 
LLL H832   H N N 179 
LLL H833   H N N 180 
LLL H931   H N N 181 
LLL H932   H N N 182 
LLL H933   H N N 183 
U   OP3    O N N 184 
U   P      P N N 185 
U   OP1    O N N 186 
U   OP2    O N N 187 
U   "O5'"  O N N 188 
U   "C5'"  C N N 189 
U   "C4'"  C N R 190 
U   "O4'"  O N N 191 
U   "C3'"  C N S 192 
U   "O3'"  O N N 193 
U   "C2'"  C N R 194 
U   "O2'"  O N N 195 
U   "C1'"  C N R 196 
U   N1     N N N 197 
U   C2     C N N 198 
U   O2     O N N 199 
U   N3     N N N 200 
U   C4     C N N 201 
U   O4     O N N 202 
U   C5     C N N 203 
U   C6     C N N 204 
U   HOP3   H N N 205 
U   HOP2   H N N 206 
U   "H5'"  H N N 207 
U   "H5''" H N N 208 
U   "H4'"  H N N 209 
U   "H3'"  H N N 210 
U   "HO3'" H N N 211 
U   "H2'"  H N N 212 
U   "HO2'" H N N 213 
U   "H1'"  H N N 214 
U   H3     H N N 215 
U   H5     H N N 216 
U   H6     H N N 217 
# 
loop_
_chem_comp_bond.comp_id 
_chem_comp_bond.atom_id_1 
_chem_comp_bond.atom_id_2 
_chem_comp_bond.value_order 
_chem_comp_bond.pdbx_aromatic_flag 
_chem_comp_bond.pdbx_stereo_config 
_chem_comp_bond.pdbx_ordinal 
A   OP3   P      sing N N 1   
A   OP3   HOP3   sing N N 2   
A   P     OP1    doub N N 3   
A   P     OP2    sing N N 4   
A   P     "O5'"  sing N N 5   
A   OP2   HOP2   sing N N 6   
A   "O5'" "C5'"  sing N N 7   
A   "C5'" "C4'"  sing N N 8   
A   "C5'" "H5'"  sing N N 9   
A   "C5'" "H5''" sing N N 10  
A   "C4'" "O4'"  sing N N 11  
A   "C4'" "C3'"  sing N N 12  
A   "C4'" "H4'"  sing N N 13  
A   "O4'" "C1'"  sing N N 14  
A   "C3'" "O3'"  sing N N 15  
A   "C3'" "C2'"  sing N N 16  
A   "C3'" "H3'"  sing N N 17  
A   "O3'" "HO3'" sing N N 18  
A   "C2'" "O2'"  sing N N 19  
A   "C2'" "C1'"  sing N N 20  
A   "C2'" "H2'"  sing N N 21  
A   "O2'" "HO2'" sing N N 22  
A   "C1'" N9     sing N N 23  
A   "C1'" "H1'"  sing N N 24  
A   N9    C8     sing Y N 25  
A   N9    C4     sing Y N 26  
A   C8    N7     doub Y N 27  
A   C8    H8     sing N N 28  
A   N7    C5     sing Y N 29  
A   C5    C6     sing Y N 30  
A   C5    C4     doub Y N 31  
A   C6    N6     sing N N 32  
A   C6    N1     doub Y N 33  
A   N6    H61    sing N N 34  
A   N6    H62    sing N N 35  
A   N1    C2     sing Y N 36  
A   C2    N3     doub Y N 37  
A   C2    H2     sing N N 38  
A   N3    C4     sing Y N 39  
C   OP3   P      sing N N 40  
C   OP3   HOP3   sing N N 41  
C   P     OP1    doub N N 42  
C   P     OP2    sing N N 43  
C   P     "O5'"  sing N N 44  
C   OP2   HOP2   sing N N 45  
C   "O5'" "C5'"  sing N N 46  
C   "C5'" "C4'"  sing N N 47  
C   "C5'" "H5'"  sing N N 48  
C   "C5'" "H5''" sing N N 49  
C   "C4'" "O4'"  sing N N 50  
C   "C4'" "C3'"  sing N N 51  
C   "C4'" "H4'"  sing N N 52  
C   "O4'" "C1'"  sing N N 53  
C   "C3'" "O3'"  sing N N 54  
C   "C3'" "C2'"  sing N N 55  
C   "C3'" "H3'"  sing N N 56  
C   "O3'" "HO3'" sing N N 57  
C   "C2'" "O2'"  sing N N 58  
C   "C2'" "C1'"  sing N N 59  
C   "C2'" "H2'"  sing N N 60  
C   "O2'" "HO2'" sing N N 61  
C   "C1'" N1     sing N N 62  
C   "C1'" "H1'"  sing N N 63  
C   N1    C2     sing N N 64  
C   N1    C6     sing N N 65  
C   C2    O2     doub N N 66  
C   C2    N3     sing N N 67  
C   N3    C4     doub N N 68  
C   C4    N4     sing N N 69  
C   C4    C5     sing N N 70  
C   N4    H41    sing N N 71  
C   N4    H42    sing N N 72  
C   C5    C6     doub N N 73  
C   C5    H5     sing N N 74  
C   C6    H6     sing N N 75  
G   OP3   P      sing N N 76  
G   OP3   HOP3   sing N N 77  
G   P     OP1    doub N N 78  
G   P     OP2    sing N N 79  
G   P     "O5'"  sing N N 80  
G   OP2   HOP2   sing N N 81  
G   "O5'" "C5'"  sing N N 82  
G   "C5'" "C4'"  sing N N 83  
G   "C5'" "H5'"  sing N N 84  
G   "C5'" "H5''" sing N N 85  
G   "C4'" "O4'"  sing N N 86  
G   "C4'" "C3'"  sing N N 87  
G   "C4'" "H4'"  sing N N 88  
G   "O4'" "C1'"  sing N N 89  
G   "C3'" "O3'"  sing N N 90  
G   "C3'" "C2'"  sing N N 91  
G   "C3'" "H3'"  sing N N 92  
G   "O3'" "HO3'" sing N N 93  
G   "C2'" "O2'"  sing N N 94  
G   "C2'" "C1'"  sing N N 95  
G   "C2'" "H2'"  sing N N 96  
G   "O2'" "HO2'" sing N N 97  
G   "C1'" N9     sing N N 98  
G   "C1'" "H1'"  sing N N 99  
G   N9    C8     sing Y N 100 
G   N9    C4     sing Y N 101 
G   C8    N7     doub Y N 102 
G   C8    H8     sing N N 103 
G   N7    C5     sing Y N 104 
G   C5    C6     sing N N 105 
G   C5    C4     doub Y N 106 
G   C6    O6     doub N N 107 
G   C6    N1     sing N N 108 
G   N1    C2     sing N N 109 
G   N1    H1     sing N N 110 
G   C2    N2     sing N N 111 
G   C2    N3     doub N N 112 
G   N2    H21    sing N N 113 
G   N2    H22    sing N N 114 
G   N3    C4     sing N N 115 
HOH O     H1     sing N N 116 
HOH O     H2     sing N N 117 
LLL C11   O11    sing N N 118 
LLL C11   C21    sing N N 119 
LLL C11   O51    sing N N 120 
LLL C11   H11    sing N N 121 
LLL O11   C42    sing N N 122 
LLL C21   N21    sing N N 123 
LLL C21   C31    sing N N 124 
LLL C21   H21    sing N N 125 
LLL N21   H211   sing N N 126 
LLL N21   H212   sing N N 127 
LLL C31   C41    sing N N 128 
LLL C31   H311   sing N N 129 
LLL C31   H312   sing N N 130 
LLL C41   C51    sing N N 131 
LLL C41   H411   sing N N 132 
LLL C41   H412   sing N N 133 
LLL C51   O51    sing N N 134 
LLL C51   C61    sing N N 135 
LLL C51   H51    sing N N 136 
LLL C61   N61    sing N N 137 
LLL C61   H611   sing N N 138 
LLL C61   H612   sing N N 139 
LLL N61   H11A   sing N N 140 
LLL N61   H12A   sing N N 141 
LLL C12   N12    sing N N 142 
LLL C12   C22    sing N N 143 
LLL C12   C62    sing N N 144 
LLL C12   H12    sing N N 145 
LLL N12   H121   sing N N 146 
LLL N12   H122   sing N N 147 
LLL C22   C32    sing N N 148 
LLL C22   H221   sing N N 149 
LLL C22   H222   sing N N 150 
LLL C32   N32    sing N N 151 
LLL C32   C42    sing N N 152 
LLL C32   H32    sing N N 153 
LLL N32   H321   sing N N 154 
LLL N32   H322   sing N N 155 
LLL C42   C52    sing N N 156 
LLL C42   H42    sing N N 157 
LLL C52   O52    sing N N 158 
LLL C52   C62    sing N N 159 
LLL C52   H52    sing N N 160 
LLL O52   H3     sing N N 161 
LLL C62   O62    sing N N 162 
LLL C62   H62    sing N N 163 
LLL O62   C13    sing N N 164 
LLL C13   C23    sing N N 165 
LLL C13   O53    sing N N 166 
LLL C13   H13    sing N N 167 
LLL C23   O23    sing N N 168 
LLL C23   C33    sing N N 169 
LLL C23   H23    sing N N 170 
LLL O23   H2     sing N N 171 
LLL C33   N33    sing N N 172 
LLL C33   C43    sing N N 173 
LLL C33   H1     sing N N 174 
LLL N33   C93    sing N N 175 
LLL N33   H33    sing N N 176 
LLL C43   O43    sing N N 177 
LLL C43   C53    sing N N 178 
LLL C43   C83    sing N N 179 
LLL O43   H43    sing N N 180 
LLL C53   O53    sing N N 181 
LLL C53   H531   sing N N 182 
LLL C53   H532   sing N N 183 
LLL C83   H831   sing N N 184 
LLL C83   H832   sing N N 185 
LLL C83   H833   sing N N 186 
LLL C93   H931   sing N N 187 
LLL C93   H932   sing N N 188 
LLL C93   H933   sing N N 189 
U   OP3   P      sing N N 190 
U   OP3   HOP3   sing N N 191 
U   P     OP1    doub N N 192 
U   P     OP2    sing N N 193 
U   P     "O5'"  sing N N 194 
U   OP2   HOP2   sing N N 195 
U   "O5'" "C5'"  sing N N 196 
U   "C5'" "C4'"  sing N N 197 
U   "C5'" "H5'"  sing N N 198 
U   "C5'" "H5''" sing N N 199 
U   "C4'" "O4'"  sing N N 200 
U   "C4'" "C3'"  sing N N 201 
U   "C4'" "H4'"  sing N N 202 
U   "O4'" "C1'"  sing N N 203 
U   "C3'" "O3'"  sing N N 204 
U   "C3'" "C2'"  sing N N 205 
U   "C3'" "H3'"  sing N N 206 
U   "O3'" "HO3'" sing N N 207 
U   "C2'" "O2'"  sing N N 208 
U   "C2'" "C1'"  sing N N 209 
U   "C2'" "H2'"  sing N N 210 
U   "O2'" "HO2'" sing N N 211 
U   "C1'" N1     sing N N 212 
U   "C1'" "H1'"  sing N N 213 
U   N1    C2     sing N N 214 
U   N1    C6     sing N N 215 
U   C2    O2     doub N N 216 
U   C2    N3     sing N N 217 
U   N3    C4     sing N N 218 
U   N3    H3     sing N N 219 
U   C4    O4     doub N N 220 
U   C4    C5     sing N N 221 
U   C5    C6     doub N N 222 
U   C5    H5     sing N N 223 
U   C6    H6     sing N N 224 
# 
loop_
_ndb_struct_conf_na.entry_id 
_ndb_struct_conf_na.feature 
2ET3 'double helix'         
2ET3 'a-form double helix'  
2ET3 'mismatched base pair' 
2ET3 'internal loop'        
# 
loop_
_ndb_struct_na_base_pair.model_number 
_ndb_struct_na_base_pair.i_label_asym_id 
_ndb_struct_na_base_pair.i_label_comp_id 
_ndb_struct_na_base_pair.i_label_seq_id 
_ndb_struct_na_base_pair.i_symmetry 
_ndb_struct_na_base_pair.j_label_asym_id 
_ndb_struct_na_base_pair.j_label_comp_id 
_ndb_struct_na_base_pair.j_label_seq_id 
_ndb_struct_na_base_pair.j_symmetry 
_ndb_struct_na_base_pair.shear 
_ndb_struct_na_base_pair.stretch 
_ndb_struct_na_base_pair.stagger 
_ndb_struct_na_base_pair.buckle 
_ndb_struct_na_base_pair.propeller 
_ndb_struct_na_base_pair.opening 
_ndb_struct_na_base_pair.pair_number 
_ndb_struct_na_base_pair.pair_name 
_ndb_struct_na_base_pair.i_auth_asym_id 
_ndb_struct_na_base_pair.i_auth_seq_id 
_ndb_struct_na_base_pair.i_PDB_ins_code 
_ndb_struct_na_base_pair.j_auth_asym_id 
_ndb_struct_na_base_pair.j_auth_seq_id 
_ndb_struct_na_base_pair.j_PDB_ins_code 
_ndb_struct_na_base_pair.hbond_type_28 
_ndb_struct_na_base_pair.hbond_type_12 
1 A G 2  1_555 B C 22 1_555 -0.439 -0.182 -0.024 2.713   2.162   4.807   1  A_G2:C45_B  A 2  ? B 45 ? 19 1 
1 A C 3  1_555 B G 21 1_555 0.290  -0.264 -0.221 19.612  -8.973  -4.807  2  A_C3:G44_B  A 3  ? B 44 ? 19 1 
1 A G 4  1_555 B C 20 1_555 -0.137 -0.200 -0.772 -3.233  -4.593  0.654   3  A_G4:C43_B  A 4  ? B 43 ? 19 1 
1 A U 5  1_555 B U 19 1_555 -1.845 -1.366 -0.836 6.885   -3.509  -14.995 4  A_U5:U42_B  A 5  ? B 42 ? ?  ? 
1 A C 6  1_555 B G 18 1_555 0.128  -0.118 -0.337 -1.612  6.233   -2.524  5  A_C6:G41_B  A 6  ? B 41 ? 19 1 
1 A C 8  1_555 B G 15 1_555 0.222  -0.318 -0.474 6.811   -17.407 3.999   6  A_C8:G38_B  A 8  ? B 38 ? 19 1 
1 A A 9  1_555 B U 14 1_555 0.115  -0.351 0.809  2.124   -7.619  1.883   7  A_A9:U37_B  A 9  ? B 37 ? 20 1 
1 A C 10 1_555 B G 13 1_555 0.196  -0.048 0.100  10.013  -15.002 5.441   8  A_C10:G36_B A 10 ? B 36 ? 19 1 
1 A C 11 1_555 B G 12 1_555 -0.113 -0.211 0.236  -6.374  -1.996  -2.869  9  A_C11:G35_B A 11 ? B 35 ? 19 1 
1 A G 12 1_555 B C 11 1_555 0.142  -0.212 0.184  -0.825  -5.773  -1.378  10 A_G12:C34_B A 12 ? B 34 ? 19 1 
1 A G 13 1_555 B C 10 1_555 -0.323 -0.177 -0.182 -5.394  -15.190 0.779   11 A_G13:C33_B A 13 ? B 33 ? 19 1 
1 A U 14 1_555 B A 9  1_555 0.157  -0.142 0.186  0.256   -10.861 6.097   12 A_U14:A32_B A 14 ? B 32 ? 20 1 
1 A G 15 1_555 B C 8  1_555 -0.284 -0.178 -0.857 -15.047 -14.662 4.672   13 A_G15:C31_B A 15 ? B 31 ? 19 1 
1 A G 18 1_555 B C 6  1_555 0.021  -0.100 0.167  -3.161  -5.223  -3.051  14 A_G18:C29_B A 18 ? B 29 ? 19 1 
1 A U 19 1_555 B U 5  1_555 1.838  -1.763 -0.915 -0.607  -1.745  -15.653 15 A_U19:U28_B A 19 ? B 28 ? ?  ? 
1 A C 20 1_555 B G 4  1_555 0.279  -0.216 0.373  -5.057  3.488   -0.433  16 A_C20:G27_B A 20 ? B 27 ? 19 1 
1 A G 21 1_555 B C 3  1_555 -0.208 -0.078 -0.079 -10.473 -8.110  3.407   17 A_G21:C26_B A 21 ? B 26 ? 19 1 
1 A C 22 1_555 B G 2  1_555 0.196  -0.084 -0.237 9.232   -5.596  0.111   18 A_C22:G25_B A 22 ? B 25 ? 19 1 
# 
loop_
_ndb_struct_na_base_pair_step.model_number 
_ndb_struct_na_base_pair_step.i_label_asym_id_1 
_ndb_struct_na_base_pair_step.i_label_comp_id_1 
_ndb_struct_na_base_pair_step.i_label_seq_id_1 
_ndb_struct_na_base_pair_step.i_symmetry_1 
_ndb_struct_na_base_pair_step.j_label_asym_id_1 
_ndb_struct_na_base_pair_step.j_label_comp_id_1 
_ndb_struct_na_base_pair_step.j_label_seq_id_1 
_ndb_struct_na_base_pair_step.j_symmetry_1 
_ndb_struct_na_base_pair_step.i_label_asym_id_2 
_ndb_struct_na_base_pair_step.i_label_comp_id_2 
_ndb_struct_na_base_pair_step.i_label_seq_id_2 
_ndb_struct_na_base_pair_step.i_symmetry_2 
_ndb_struct_na_base_pair_step.j_label_asym_id_2 
_ndb_struct_na_base_pair_step.j_label_comp_id_2 
_ndb_struct_na_base_pair_step.j_label_seq_id_2 
_ndb_struct_na_base_pair_step.j_symmetry_2 
_ndb_struct_na_base_pair_step.shift 
_ndb_struct_na_base_pair_step.slide 
_ndb_struct_na_base_pair_step.rise 
_ndb_struct_na_base_pair_step.tilt 
_ndb_struct_na_base_pair_step.roll 
_ndb_struct_na_base_pair_step.twist 
_ndb_struct_na_base_pair_step.x_displacement 
_ndb_struct_na_base_pair_step.y_displacement 
_ndb_struct_na_base_pair_step.helical_rise 
_ndb_struct_na_base_pair_step.inclination 
_ndb_struct_na_base_pair_step.tip 
_ndb_struct_na_base_pair_step.helical_twist 
_ndb_struct_na_base_pair_step.step_number 
_ndb_struct_na_base_pair_step.step_name 
_ndb_struct_na_base_pair_step.i_auth_asym_id_1 
_ndb_struct_na_base_pair_step.i_auth_seq_id_1 
_ndb_struct_na_base_pair_step.i_PDB_ins_code_1 
_ndb_struct_na_base_pair_step.j_auth_asym_id_1 
_ndb_struct_na_base_pair_step.j_auth_seq_id_1 
_ndb_struct_na_base_pair_step.j_PDB_ins_code_1 
_ndb_struct_na_base_pair_step.i_auth_asym_id_2 
_ndb_struct_na_base_pair_step.i_auth_seq_id_2 
_ndb_struct_na_base_pair_step.i_PDB_ins_code_2 
_ndb_struct_na_base_pair_step.j_auth_asym_id_2 
_ndb_struct_na_base_pair_step.j_auth_seq_id_2 
_ndb_struct_na_base_pair_step.j_PDB_ins_code_2 
1 A G 2  1_555 B C 22 1_555 A C 3  1_555 B G 21 1_555 -0.989 -2.086 2.789 -1.080 -1.423 35.208 -3.261 1.494  2.897 -2.350 1.784   
35.252 1  AA_G2C3:G44C45_BB   A 2  ? B 45 ? A 3  ? B 44 ? 
1 A C 3  1_555 B G 21 1_555 A G 4  1_555 B C 20 1_555 -0.104 -1.764 3.774 1.990  12.444 28.601 -5.757 0.590  2.771 23.785 -3.803  
31.201 2  AA_C3G4:C43G44_BB   A 3  ? B 44 ? A 4  ? B 43 ? 
1 A G 4  1_555 B C 20 1_555 A U 5  1_555 B U 19 1_555 -0.827 -1.605 2.918 -2.149 0.950  27.871 -3.521 1.256  2.917 1.967  4.453   
27.968 3  AA_G4U5:U42C43_BB   A 4  ? B 43 ? A 5  ? B 42 ? 
1 A U 5  1_555 B U 19 1_555 A C 6  1_555 B G 18 1_555 1.215  -2.361 3.697 -4.512 -0.566 37.978 -3.526 -2.487 3.568 -0.866 6.903   
38.239 4  AA_U5C6:G41U42_BB   A 5  ? B 42 ? A 6  ? B 41 ? 
1 A C 6  1_555 B G 18 1_555 A C 8  1_555 B G 15 1_555 1.111  -3.092 6.377 -8.551 14.927 77.828 -3.172 -1.300 5.681 11.748 6.730   
79.411 5  AA_C6C8:G38G41_BB   A 6  ? B 41 ? A 8  ? B 38 ? 
1 A C 8  1_555 B G 15 1_555 A A 9  1_555 B U 14 1_555 0.061  -1.546 3.125 -8.705 11.714 35.884 -3.613 -1.042 2.443 18.117 13.464  
38.647 6  AA_C8A9:U37G38_BB   A 8  ? B 38 ? A 9  ? B 37 ? 
1 A A 9  1_555 B U 14 1_555 A C 10 1_555 B G 13 1_555 0.790  -2.201 2.925 7.425  -1.526 28.725 -3.994 -0.070 3.137 -3.010 -14.647 
29.688 7  AA_A9C10:G36U37_BB  A 9  ? B 37 ? A 10 ? B 36 ? 
1 A C 10 1_555 B G 13 1_555 A C 11 1_555 B G 12 1_555 -0.766 -2.343 3.319 -4.057 8.949  30.336 -5.788 0.708  2.617 16.564 7.510   
31.852 8  AA_C10C11:G35G36_BB A 10 ? B 36 ? A 11 ? B 35 ? 
1 A C 11 1_555 B G 12 1_555 A G 12 1_555 B C 11 1_555 -0.544 -2.077 2.874 -1.148 5.348  28.602 -5.098 0.875  2.472 10.702 2.297   
29.109 9  AA_C11G12:C34G35_BB A 11 ? B 35 ? A 12 ? B 34 ? 
1 A G 12 1_555 B C 11 1_555 A G 13 1_555 B C 10 1_555 0.086  -1.601 3.223 1.178  6.152  29.318 -4.285 0.062  2.837 11.984 -2.294  
29.965 10 AA_G12G13:C33C34_BB A 12 ? B 34 ? A 13 ? B 33 ? 
1 A G 13 1_555 B C 10 1_555 A U 14 1_555 B A 9  1_555 0.529  -1.228 3.066 -1.026 2.186  33.711 -2.439 -1.063 2.966 3.764  1.766   
33.794 11 AA_G13U14:A32C33_BB A 13 ? B 33 ? A 14 ? B 32 ? 
1 A U 14 1_555 B A 9  1_555 A G 15 1_555 B C 8  1_555 -0.079 -1.272 3.365 7.236  20.263 34.009 -4.019 0.888  2.235 31.089 -11.102 
40.073 12 AA_U14G15:C31A32_BB A 14 ? B 32 ? A 15 ? B 31 ? 
1 A G 15 1_555 B C 8  1_555 A G 18 1_555 B C 6  1_555 -1.343 -3.771 6.159 2.742  16.204 80.235 -3.620 1.152  5.413 12.455 -2.107  
81.621 13 AA_G15G18:C29C31_BB A 15 ? B 31 ? A 18 ? B 29 ? 
1 A G 18 1_555 B C 6  1_555 A U 19 1_555 B U 5  1_555 -1.700 -2.319 3.324 6.838  -2.298 33.904 -3.545 3.896  3.079 -3.886 -11.564 
34.641 14 AA_G18U19:U28C29_BB A 18 ? B 29 ? A 19 ? B 28 ? 
1 A U 19 1_555 B U 5  1_555 A C 20 1_555 B G 4  1_555 1.049  -2.129 3.449 -8.133 7.200  29.867 -5.137 -3.324 2.515 13.424 15.162  
31.738 15 AA_U19C20:G27U28_BB A 19 ? B 28 ? A 20 ? B 27 ? 
1 A C 20 1_555 B G 4  1_555 A G 21 1_555 B C 3  1_555 0.384  -2.045 3.027 6.206  9.362  26.332 -5.918 0.401  2.217 19.462 -12.903 
28.589 16 AA_C20G21:C26G27_BB A 20 ? B 27 ? A 21 ? B 26 ? 
1 A G 21 1_555 B C 3  1_555 A C 22 1_555 B G 2  1_555 -0.111 -1.838 2.838 2.129  -0.159 33.761 -3.136 0.489  2.834 -0.273 -3.661  
33.826 17 AA_G21C22:G25C26_BB A 21 ? B 26 ? A 22 ? B 25 ? 
# 
loop_
_pdbx_entity_nonpoly.entity_id 
_pdbx_entity_nonpoly.name 
_pdbx_entity_nonpoly.comp_id 
2 
;(2R,3R,4R,5R)-2-((1S,2S,3R,4S,6R)-4,6-DIAMINO-3-((2R,3R,6S)-3-AMINO-6-(AMINOMETHYL)-TETRAHYDRO-2H-PYRAN-2-YLOXY)-2-HYDR OXYCYCLOHEXYLOXY)-5-METHYL-4-(METHYLAMINO)-TETRAHYDRO-2H-PYRAN-3,5-DIOL
;
LLL 
3 water HOH 
# 
_pdbx_initial_refinement_model.id               1 
_pdbx_initial_refinement_model.entity_id_list   ? 
_pdbx_initial_refinement_model.type             'experimental model' 
_pdbx_initial_refinement_model.source_name      PDB 
_pdbx_initial_refinement_model.accession_code   1J7T 
_pdbx_initial_refinement_model.details          'PDB Entry: 1J7T' 
# 
